data_4YX5
# 
_entry.id   4YX5 
# 
_audit_conform.dict_name       mmcif_pdbx.dic 
_audit_conform.dict_version    5.387 
_audit_conform.dict_location   http://mmcif.pdb.org/dictionaries/ascii/mmcif_pdbx.dic 
# 
loop_
_database_2.database_id 
_database_2.database_code 
_database_2.pdbx_database_accession 
_database_2.pdbx_DOI 
PDB   4YX5         pdb_00004yx5 10.2210/pdb4yx5/pdb 
WWPDB D_1000208234 ?            ?                   
# 
loop_
_pdbx_audit_revision_history.ordinal 
_pdbx_audit_revision_history.data_content_type 
_pdbx_audit_revision_history.major_revision 
_pdbx_audit_revision_history.minor_revision 
_pdbx_audit_revision_history.revision_date 
1 'Structure model' 1 0 2015-06-03 
2 'Structure model' 1 1 2017-11-22 
3 'Structure model' 1 2 2024-02-28 
# 
_pdbx_audit_revision_details.ordinal             1 
_pdbx_audit_revision_details.revision_ordinal    1 
_pdbx_audit_revision_details.data_content_type   'Structure model' 
_pdbx_audit_revision_details.provider            repository 
_pdbx_audit_revision_details.type                'Initial release' 
_pdbx_audit_revision_details.description         ? 
_pdbx_audit_revision_details.details             ? 
# 
loop_
_pdbx_audit_revision_group.ordinal 
_pdbx_audit_revision_group.revision_ordinal 
_pdbx_audit_revision_group.data_content_type 
_pdbx_audit_revision_group.group 
1 2 'Structure model' 'Derived calculations'   
2 2 'Structure model' 'Refinement description' 
3 2 'Structure model' 'Source and taxonomy'    
4 3 'Structure model' 'Data collection'        
5 3 'Structure model' 'Database references'    
# 
loop_
_pdbx_audit_revision_category.ordinal 
_pdbx_audit_revision_category.revision_ordinal 
_pdbx_audit_revision_category.data_content_type 
_pdbx_audit_revision_category.category 
1 2 'Structure model' entity_src_gen        
2 2 'Structure model' pdbx_struct_oper_list 
3 2 'Structure model' software              
4 3 'Structure model' chem_comp_atom        
5 3 'Structure model' chem_comp_bond        
6 3 'Structure model' database_2            
# 
loop_
_pdbx_audit_revision_item.ordinal 
_pdbx_audit_revision_item.revision_ordinal 
_pdbx_audit_revision_item.data_content_type 
_pdbx_audit_revision_item.item 
1 2 'Structure model' '_entity_src_gen.pdbx_alt_source_flag'      
2 2 'Structure model' '_pdbx_struct_oper_list.symmetry_operation' 
3 3 'Structure model' '_database_2.pdbx_DOI'                      
4 3 'Structure model' '_database_2.pdbx_database_accession'       
# 
_pdbx_database_status.status_code                     REL 
_pdbx_database_status.status_code_sf                  REL 
_pdbx_database_status.status_code_mr                  ? 
_pdbx_database_status.entry_id                        4YX5 
_pdbx_database_status.recvd_initial_deposition_date   2015-03-22 
_pdbx_database_status.SG_entry                        N 
_pdbx_database_status.deposit_site                    RCSB 
_pdbx_database_status.process_site                    RCSB 
_pdbx_database_status.status_code_cs                  ? 
_pdbx_database_status.methods_development_category    ? 
_pdbx_database_status.pdb_format_compatible           Y 
_pdbx_database_status.status_code_nmr_data            ? 
# 
loop_
_audit_author.name 
_audit_author.pdbx_ordinal 
'Notti, R.Q.'    1 
'Stebbins, C.E.' 2 
# 
_citation.abstract                  ? 
_citation.abstract_id_CAS           ? 
_citation.book_id_ISBN              ? 
_citation.book_publisher            ? 
_citation.book_publisher_city       ? 
_citation.book_title                ? 
_citation.coordinate_linkage        ? 
_citation.country                   UK 
_citation.database_id_Medline       ? 
_citation.details                   ? 
_citation.id                        primary 
_citation.journal_abbrev            'Nat Commun' 
_citation.journal_id_ASTM           ? 
_citation.journal_id_CSD            ? 
_citation.journal_id_ISSN           2041-1723 
_citation.journal_full              ? 
_citation.journal_issue             ? 
_citation.journal_volume            6 
_citation.language                  ? 
_citation.page_first                7125 
_citation.page_last                 7125 
_citation.title                     'A common assembly module in injectisome and flagellar type III secretion sorting platforms.' 
_citation.year                      2015 
_citation.database_id_CSD           ? 
_citation.pdbx_database_id_DOI      10.1038/ncomms8125 
_citation.pdbx_database_id_PubMed   25994170 
_citation.unpublished_flag          ? 
# 
loop_
_citation_author.citation_id 
_citation_author.name 
_citation_author.ordinal 
_citation_author.identifier_ORCID 
primary 'Notti, R.Q.'      1 ? 
primary 'Bhattacharya, S.' 2 ? 
primary 'Lilic, M.'        3 ? 
primary 'Stebbins, C.E.'   4 ? 
# 
loop_
_entity.id 
_entity.type 
_entity.src_method 
_entity.pdbx_description 
_entity.formula_weight 
_entity.pdbx_number_of_molecules 
_entity.pdbx_ec 
_entity.pdbx_mutation 
_entity.pdbx_fragment 
_entity.details 
1 polymer     man 'Surface presentation of antigens protein SpaO' 8246.572 1 ? ? 'UNP Residues 145-213' ? 
2 polymer     man 'Surface presentation of antigens protein SpaO' 7710.809 1 ? ? 'UNP Residues 232-297' ? 
3 non-polymer syn 'CHLORIDE ION'                                  35.453   1 ? ? ?                      ? 
# 
loop_
_entity_poly.entity_id 
_entity_poly.type 
_entity_poly.nstd_linkage 
_entity_poly.nstd_monomer 
_entity_poly.pdbx_seq_one_letter_code 
_entity_poly.pdbx_seq_one_letter_code_can 
_entity_poly.pdbx_strand_id 
_entity_poly.pdbx_target_identifier 
1 'polypeptide(L)' no no GPVDPKMLRWPLRFVIGSSDTQRSLLGRIGIGDVLLIRTSRAEVYCYAKKLGHFNRVEGGIIVETLDIQHIEE 
GPVDPKMLRWPLRFVIGSSDTQRSLLGRIGIGDVLLIRTSRAEVYCYAKKLGHFNRVEGGIIVETLDIQHIEE A ? 
2 'polypeptide(L)' no no GPVDVKLEFVLYRKNVTLAELEAMGQQQLLSLPTNAELNVEIMANGVLLGNGELVQMNDTLGVEIHEWLS    
GPVDVKLEFVLYRKNVTLAELEAMGQQQLLSLPTNAELNVEIMANGVLLGNGELVQMNDTLGVEIHEWLS    B ? 
# 
_pdbx_entity_nonpoly.entity_id   3 
_pdbx_entity_nonpoly.name        'CHLORIDE ION' 
_pdbx_entity_nonpoly.comp_id     CL 
# 
loop_
_entity_poly_seq.entity_id 
_entity_poly_seq.num 
_entity_poly_seq.mon_id 
_entity_poly_seq.hetero 
1 1  GLY n 
1 2  PRO n 
1 3  VAL n 
1 4  ASP n 
1 5  PRO n 
1 6  LYS n 
1 7  MET n 
1 8  LEU n 
1 9  ARG n 
1 10 TRP n 
1 11 PRO n 
1 12 LEU n 
1 13 ARG n 
1 14 PHE n 
1 15 VAL n 
1 16 ILE n 
1 17 GLY n 
1 18 SER n 
1 19 SER n 
1 20 ASP n 
1 21 THR n 
1 22 GLN n 
1 23 ARG n 
1 24 SER n 
1 25 LEU n 
1 26 LEU n 
1 27 GLY n 
1 28 ARG n 
1 29 ILE n 
1 30 GLY n 
1 31 ILE n 
1 32 GLY n 
1 33 ASP n 
1 34 VAL n 
1 35 LEU n 
1 36 LEU n 
1 37 ILE n 
1 38 ARG n 
1 39 THR n 
1 40 SER n 
1 41 ARG n 
1 42 ALA n 
1 43 GLU n 
1 44 VAL n 
1 45 TYR n 
1 46 CYS n 
1 47 TYR n 
1 48 ALA n 
1 49 LYS n 
1 50 LYS n 
1 51 LEU n 
1 52 GLY n 
1 53 HIS n 
1 54 PHE n 
1 55 ASN n 
1 56 ARG n 
1 57 VAL n 
1 58 GLU n 
1 59 GLY n 
1 60 GLY n 
1 61 ILE n 
1 62 ILE n 
1 63 VAL n 
1 64 GLU n 
1 65 THR n 
1 66 LEU n 
1 67 ASP n 
1 68 ILE n 
1 69 GLN n 
1 70 HIS n 
1 71 ILE n 
1 72 GLU n 
1 73 GLU n 
2 1  GLY n 
2 2  PRO n 
2 3  VAL n 
2 4  ASP n 
2 5  VAL n 
2 6  LYS n 
2 7  LEU n 
2 8  GLU n 
2 9  PHE n 
2 10 VAL n 
2 11 LEU n 
2 12 TYR n 
2 13 ARG n 
2 14 LYS n 
2 15 ASN n 
2 16 VAL n 
2 17 THR n 
2 18 LEU n 
2 19 ALA n 
2 20 GLU n 
2 21 LEU n 
2 22 GLU n 
2 23 ALA n 
2 24 MET n 
2 25 GLY n 
2 26 GLN n 
2 27 GLN n 
2 28 GLN n 
2 29 LEU n 
2 30 LEU n 
2 31 SER n 
2 32 LEU n 
2 33 PRO n 
2 34 THR n 
2 35 ASN n 
2 36 ALA n 
2 37 GLU n 
2 38 LEU n 
2 39 ASN n 
2 40 VAL n 
2 41 GLU n 
2 42 ILE n 
2 43 MET n 
2 44 ALA n 
2 45 ASN n 
2 46 GLY n 
2 47 VAL n 
2 48 LEU n 
2 49 LEU n 
2 50 GLY n 
2 51 ASN n 
2 52 GLY n 
2 53 GLU n 
2 54 LEU n 
2 55 VAL n 
2 56 GLN n 
2 57 MET n 
2 58 ASN n 
2 59 ASP n 
2 60 THR n 
2 61 LEU n 
2 62 GLY n 
2 63 VAL n 
2 64 GLU n 
2 65 ILE n 
2 66 HIS n 
2 67 GLU n 
2 68 TRP n 
2 69 LEU n 
2 70 SER n 
# 
loop_
_entity_src_gen.entity_id 
_entity_src_gen.pdbx_src_id 
_entity_src_gen.pdbx_alt_source_flag 
_entity_src_gen.pdbx_seq_type 
_entity_src_gen.pdbx_beg_seq_num 
_entity_src_gen.pdbx_end_seq_num 
_entity_src_gen.gene_src_common_name 
_entity_src_gen.gene_src_genus 
_entity_src_gen.pdbx_gene_src_gene 
_entity_src_gen.gene_src_species 
_entity_src_gen.gene_src_strain 
_entity_src_gen.gene_src_tissue 
_entity_src_gen.gene_src_tissue_fraction 
_entity_src_gen.gene_src_details 
_entity_src_gen.pdbx_gene_src_fragment 
_entity_src_gen.pdbx_gene_src_scientific_name 
_entity_src_gen.pdbx_gene_src_ncbi_taxonomy_id 
_entity_src_gen.pdbx_gene_src_variant 
_entity_src_gen.pdbx_gene_src_cell_line 
_entity_src_gen.pdbx_gene_src_atcc 
_entity_src_gen.pdbx_gene_src_organ 
_entity_src_gen.pdbx_gene_src_organelle 
_entity_src_gen.pdbx_gene_src_cell 
_entity_src_gen.pdbx_gene_src_cellular_location 
_entity_src_gen.host_org_common_name 
_entity_src_gen.pdbx_host_org_scientific_name 
_entity_src_gen.pdbx_host_org_ncbi_taxonomy_id 
_entity_src_gen.host_org_genus 
_entity_src_gen.pdbx_host_org_gene 
_entity_src_gen.pdbx_host_org_organ 
_entity_src_gen.host_org_species 
_entity_src_gen.pdbx_host_org_tissue 
_entity_src_gen.pdbx_host_org_tissue_fraction 
_entity_src_gen.pdbx_host_org_strain 
_entity_src_gen.pdbx_host_org_variant 
_entity_src_gen.pdbx_host_org_cell_line 
_entity_src_gen.pdbx_host_org_atcc 
_entity_src_gen.pdbx_host_org_culture_collection 
_entity_src_gen.pdbx_host_org_cell 
_entity_src_gen.pdbx_host_org_organelle 
_entity_src_gen.pdbx_host_org_cellular_location 
_entity_src_gen.pdbx_host_org_vector_type 
_entity_src_gen.pdbx_host_org_vector 
_entity_src_gen.host_org_details 
_entity_src_gen.expression_system_id 
_entity_src_gen.plasmid_name 
_entity_src_gen.plasmid_details 
_entity_src_gen.pdbx_description 
1 1 sample 'Biological sequence' 1 73 ? ? 'spaO, STM2891' ? 'LT2 / SGSC1412 / ATCC 700720' ? ? ? ? 
'Salmonella typhimurium (strain LT2 / SGSC1412 / ATCC 700720)' 99287 ? ? ? ? ? ? ? ? 'Escherichia coli' 562 ? ? ? ? ? ? ? ? ? ? ? 
? ? ? ? ? ? ? ? ? ? 
2 1 sample 'Biological sequence' 1 70 ? ? 'spaO, STM2891' ? 'LT2 / SGSC1412 / ATCC 700720' ? ? ? ? 'Salmonella typhimurium' 99287 
? ? ? ? ? ? ? ? 'Escherichia coli' 562 ? ? ? ? ? ? ? ? ? ? ? ? ? ? ? ? ? ? ? ? ? 
# 
loop_
_chem_comp.id 
_chem_comp.type 
_chem_comp.mon_nstd_flag 
_chem_comp.name 
_chem_comp.pdbx_synonyms 
_chem_comp.formula 
_chem_comp.formula_weight 
ALA 'L-peptide linking' y ALANINE         ? 'C3 H7 N O2'     89.093  
ARG 'L-peptide linking' y ARGININE        ? 'C6 H15 N4 O2 1' 175.209 
ASN 'L-peptide linking' y ASPARAGINE      ? 'C4 H8 N2 O3'    132.118 
ASP 'L-peptide linking' y 'ASPARTIC ACID' ? 'C4 H7 N O4'     133.103 
CL  non-polymer         . 'CHLORIDE ION'  ? 'Cl -1'          35.453  
CYS 'L-peptide linking' y CYSTEINE        ? 'C3 H7 N O2 S'   121.158 
GLN 'L-peptide linking' y GLUTAMINE       ? 'C5 H10 N2 O3'   146.144 
GLU 'L-peptide linking' y 'GLUTAMIC ACID' ? 'C5 H9 N O4'     147.129 
GLY 'peptide linking'   y GLYCINE         ? 'C2 H5 N O2'     75.067  
HIS 'L-peptide linking' y HISTIDINE       ? 'C6 H10 N3 O2 1' 156.162 
ILE 'L-peptide linking' y ISOLEUCINE      ? 'C6 H13 N O2'    131.173 
LEU 'L-peptide linking' y LEUCINE         ? 'C6 H13 N O2'    131.173 
LYS 'L-peptide linking' y LYSINE          ? 'C6 H15 N2 O2 1' 147.195 
MET 'L-peptide linking' y METHIONINE      ? 'C5 H11 N O2 S'  149.211 
PHE 'L-peptide linking' y PHENYLALANINE   ? 'C9 H11 N O2'    165.189 
PRO 'L-peptide linking' y PROLINE         ? 'C5 H9 N O2'     115.130 
SER 'L-peptide linking' y SERINE          ? 'C3 H7 N O3'     105.093 
THR 'L-peptide linking' y THREONINE       ? 'C4 H9 N O3'     119.119 
TRP 'L-peptide linking' y TRYPTOPHAN      ? 'C11 H12 N2 O2'  204.225 
TYR 'L-peptide linking' y TYROSINE        ? 'C9 H11 N O3'    181.189 
VAL 'L-peptide linking' y VALINE          ? 'C5 H11 N O2'    117.146 
# 
loop_
_pdbx_poly_seq_scheme.asym_id 
_pdbx_poly_seq_scheme.entity_id 
_pdbx_poly_seq_scheme.seq_id 
_pdbx_poly_seq_scheme.mon_id 
_pdbx_poly_seq_scheme.ndb_seq_num 
_pdbx_poly_seq_scheme.pdb_seq_num 
_pdbx_poly_seq_scheme.auth_seq_num 
_pdbx_poly_seq_scheme.pdb_mon_id 
_pdbx_poly_seq_scheme.auth_mon_id 
_pdbx_poly_seq_scheme.pdb_strand_id 
_pdbx_poly_seq_scheme.pdb_ins_code 
_pdbx_poly_seq_scheme.hetero 
A 1 1  GLY 1  1  ?  ?   ?   A . n 
A 1 2  PRO 2  2  ?  ?   ?   A . n 
A 1 3  VAL 3  3  ?  ?   ?   A . n 
A 1 4  ASP 4  4  ?  ?   ?   A . n 
A 1 5  PRO 5  5  5  PRO PRO A . n 
A 1 6  LYS 6  6  6  LYS LYS A . n 
A 1 7  MET 7  7  7  MET MET A . n 
A 1 8  LEU 8  8  8  LEU LEU A . n 
A 1 9  ARG 9  9  9  ARG ARG A . n 
A 1 10 TRP 10 10 10 TRP TRP A . n 
A 1 11 PRO 11 11 11 PRO PRO A . n 
A 1 12 LEU 12 12 12 LEU LEU A . n 
A 1 13 ARG 13 13 13 ARG ARG A . n 
A 1 14 PHE 14 14 14 PHE PHE A . n 
A 1 15 VAL 15 15 15 VAL VAL A . n 
A 1 16 ILE 16 16 16 ILE ILE A . n 
A 1 17 GLY 17 17 17 GLY GLY A . n 
A 1 18 SER 18 18 18 SER SER A . n 
A 1 19 SER 19 19 19 SER SER A . n 
A 1 20 ASP 20 20 20 ASP ASP A . n 
A 1 21 THR 21 21 21 THR THR A . n 
A 1 22 GLN 22 22 22 GLN GLN A . n 
A 1 23 ARG 23 23 23 ARG ARG A . n 
A 1 24 SER 24 24 24 SER SER A . n 
A 1 25 LEU 25 25 25 LEU LEU A . n 
A 1 26 LEU 26 26 26 LEU LEU A . n 
A 1 27 GLY 27 27 27 GLY GLY A . n 
A 1 28 ARG 28 28 28 ARG ARG A . n 
A 1 29 ILE 29 29 29 ILE ILE A . n 
A 1 30 GLY 30 30 30 GLY GLY A . n 
A 1 31 ILE 31 31 31 ILE ILE A . n 
A 1 32 GLY 32 32 32 GLY GLY A . n 
A 1 33 ASP 33 33 33 ASP ASP A . n 
A 1 34 VAL 34 34 34 VAL VAL A . n 
A 1 35 LEU 35 35 35 LEU LEU A . n 
A 1 36 LEU 36 36 36 LEU LEU A . n 
A 1 37 ILE 37 37 37 ILE ILE A . n 
A 1 38 ARG 38 38 38 ARG ARG A . n 
A 1 39 THR 39 39 39 THR THR A . n 
A 1 40 SER 40 40 40 SER SER A . n 
A 1 41 ARG 41 41 41 ARG ARG A . n 
A 1 42 ALA 42 42 42 ALA ALA A . n 
A 1 43 GLU 43 43 43 GLU GLU A . n 
A 1 44 VAL 44 44 44 VAL VAL A . n 
A 1 45 TYR 45 45 45 TYR TYR A . n 
A 1 46 CYS 46 46 46 CYS CYS A . n 
A 1 47 TYR 47 47 47 TYR TYR A . n 
A 1 48 ALA 48 48 48 ALA ALA A . n 
A 1 49 LYS 49 49 49 LYS LYS A . n 
A 1 50 LYS 50 50 50 LYS LYS A . n 
A 1 51 LEU 51 51 51 LEU LEU A . n 
A 1 52 GLY 52 52 52 GLY GLY A . n 
A 1 53 HIS 53 53 53 HIS HIS A . n 
A 1 54 PHE 54 54 54 PHE PHE A . n 
A 1 55 ASN 55 55 55 ASN ASN A . n 
A 1 56 ARG 56 56 56 ARG ARG A . n 
A 1 57 VAL 57 57 57 VAL VAL A . n 
A 1 58 GLU 58 58 58 GLU GLU A . n 
A 1 59 GLY 59 59 59 GLY GLY A . n 
A 1 60 GLY 60 60 60 GLY GLY A . n 
A 1 61 ILE 61 61 61 ILE ILE A . n 
A 1 62 ILE 62 62 62 ILE ILE A . n 
A 1 63 VAL 63 63 63 VAL VAL A . n 
A 1 64 GLU 64 64 64 GLU GLU A . n 
A 1 65 THR 65 65 65 THR THR A . n 
A 1 66 LEU 66 66 66 LEU LEU A . n 
A 1 67 ASP 67 67 67 ASP ASP A . n 
A 1 68 ILE 68 68 68 ILE ILE A . n 
A 1 69 GLN 69 69 69 GLN GLN A . n 
A 1 70 HIS 70 70 ?  ?   ?   A . n 
A 1 71 ILE 71 71 ?  ?   ?   A . n 
A 1 72 GLU 72 72 ?  ?   ?   A . n 
A 1 73 GLU 73 73 ?  ?   ?   A . n 
B 2 1  GLY 1  1  ?  ?   ?   B . n 
B 2 2  PRO 2  2  2  PRO PRO B . n 
B 2 3  VAL 3  3  3  VAL VAL B . n 
B 2 4  ASP 4  4  4  ASP ASP B . n 
B 2 5  VAL 5  5  5  VAL VAL B . n 
B 2 6  LYS 6  6  6  LYS LYS B . n 
B 2 7  LEU 7  7  7  LEU LEU B . n 
B 2 8  GLU 8  8  8  GLU GLU B . n 
B 2 9  PHE 9  9  9  PHE PHE B . n 
B 2 10 VAL 10 10 10 VAL VAL B . n 
B 2 11 LEU 11 11 11 LEU LEU B . n 
B 2 12 TYR 12 12 12 TYR TYR B . n 
B 2 13 ARG 13 13 13 ARG ARG B . n 
B 2 14 LYS 14 14 14 LYS LYS B . n 
B 2 15 ASN 15 15 15 ASN ASN B . n 
B 2 16 VAL 16 16 16 VAL VAL B . n 
B 2 17 THR 17 17 17 THR THR B . n 
B 2 18 LEU 18 18 18 LEU LEU B . n 
B 2 19 ALA 19 19 19 ALA ALA B . n 
B 2 20 GLU 20 20 20 GLU GLU B . n 
B 2 21 LEU 21 21 21 LEU LEU B . n 
B 2 22 GLU 22 22 22 GLU GLU B . n 
B 2 23 ALA 23 23 23 ALA ALA B . n 
B 2 24 MET 24 24 24 MET MET B . n 
B 2 25 GLY 25 25 25 GLY GLY B . n 
B 2 26 GLN 26 26 26 GLN GLN B . n 
B 2 27 GLN 27 27 27 GLN GLN B . n 
B 2 28 GLN 28 28 28 GLN GLN B . n 
B 2 29 LEU 29 29 29 LEU LEU B . n 
B 2 30 LEU 30 30 30 LEU LEU B . n 
B 2 31 SER 31 31 31 SER SER B . n 
B 2 32 LEU 32 32 32 LEU LEU B . n 
B 2 33 PRO 33 33 33 PRO PRO B . n 
B 2 34 THR 34 34 34 THR THR B . n 
B 2 35 ASN 35 35 35 ASN ASN B . n 
B 2 36 ALA 36 36 36 ALA ALA B . n 
B 2 37 GLU 37 37 37 GLU GLU B . n 
B 2 38 LEU 38 38 38 LEU LEU B . n 
B 2 39 ASN 39 39 39 ASN ASN B . n 
B 2 40 VAL 40 40 40 VAL VAL B . n 
B 2 41 GLU 41 41 41 GLU GLU B . n 
B 2 42 ILE 42 42 42 ILE ILE B . n 
B 2 43 MET 43 43 43 MET MET B . n 
B 2 44 ALA 44 44 44 ALA ALA B . n 
B 2 45 ASN 45 45 45 ASN ASN B . n 
B 2 46 GLY 46 46 46 GLY GLY B . n 
B 2 47 VAL 47 47 47 VAL VAL B . n 
B 2 48 LEU 48 48 48 LEU LEU B . n 
B 2 49 LEU 49 49 49 LEU LEU B . n 
B 2 50 GLY 50 50 50 GLY GLY B . n 
B 2 51 ASN 51 51 51 ASN ASN B . n 
B 2 52 GLY 52 52 52 GLY GLY B . n 
B 2 53 GLU 53 53 53 GLU GLU B . n 
B 2 54 LEU 54 54 54 LEU LEU B . n 
B 2 55 VAL 55 55 55 VAL VAL B . n 
B 2 56 GLN 56 56 56 GLN GLN B . n 
B 2 57 MET 57 57 57 MET MET B . n 
B 2 58 ASN 58 58 58 ASN ASN B . n 
B 2 59 ASP 59 59 59 ASP ASP B . n 
B 2 60 THR 60 60 60 THR THR B . n 
B 2 61 LEU 61 61 61 LEU LEU B . n 
B 2 62 GLY 62 62 62 GLY GLY B . n 
B 2 63 VAL 63 63 63 VAL VAL B . n 
B 2 64 GLU 64 64 64 GLU GLU B . n 
B 2 65 ILE 65 65 65 ILE ILE B . n 
B 2 66 HIS 66 66 66 HIS HIS B . n 
B 2 67 GLU 67 67 67 GLU GLU B . n 
B 2 68 TRP 68 68 68 TRP TRP B . n 
B 2 69 LEU 69 69 69 LEU LEU B . n 
B 2 70 SER 70 70 ?  ?   ?   B . n 
# 
_pdbx_nonpoly_scheme.asym_id         C 
_pdbx_nonpoly_scheme.entity_id       3 
_pdbx_nonpoly_scheme.mon_id          CL 
_pdbx_nonpoly_scheme.ndb_seq_num     1 
_pdbx_nonpoly_scheme.pdb_seq_num     101 
_pdbx_nonpoly_scheme.auth_seq_num    1 
_pdbx_nonpoly_scheme.pdb_mon_id      CL 
_pdbx_nonpoly_scheme.auth_mon_id     CL 
_pdbx_nonpoly_scheme.pdb_strand_id   A 
_pdbx_nonpoly_scheme.pdb_ins_code    . 
# 
loop_
_pdbx_unobs_or_zero_occ_atoms.id 
_pdbx_unobs_or_zero_occ_atoms.PDB_model_num 
_pdbx_unobs_or_zero_occ_atoms.polymer_flag 
_pdbx_unobs_or_zero_occ_atoms.occupancy_flag 
_pdbx_unobs_or_zero_occ_atoms.auth_asym_id 
_pdbx_unobs_or_zero_occ_atoms.auth_comp_id 
_pdbx_unobs_or_zero_occ_atoms.auth_seq_id 
_pdbx_unobs_or_zero_occ_atoms.PDB_ins_code 
_pdbx_unobs_or_zero_occ_atoms.auth_atom_id 
_pdbx_unobs_or_zero_occ_atoms.label_alt_id 
_pdbx_unobs_or_zero_occ_atoms.label_asym_id 
_pdbx_unobs_or_zero_occ_atoms.label_comp_id 
_pdbx_unobs_or_zero_occ_atoms.label_seq_id 
_pdbx_unobs_or_zero_occ_atoms.label_atom_id 
1  1 Y 1 A LYS 6  ? CG  ? A LYS 6  CG  
2  1 Y 1 A LYS 6  ? CD  ? A LYS 6  CD  
3  1 Y 1 A LYS 6  ? CE  ? A LYS 6  CE  
4  1 Y 1 A LYS 6  ? NZ  ? A LYS 6  NZ  
5  1 Y 1 A ASP 20 ? CG  ? A ASP 20 CG  
6  1 Y 1 A ASP 20 ? OD1 ? A ASP 20 OD1 
7  1 Y 1 A ASP 20 ? OD2 ? A ASP 20 OD2 
8  1 Y 1 A THR 21 ? OG1 ? A THR 21 OG1 
9  1 Y 1 A THR 21 ? CG2 ? A THR 21 CG2 
10 1 Y 1 A ARG 23 ? CG  ? A ARG 23 CG  
11 1 Y 1 A ARG 23 ? CD  ? A ARG 23 CD  
12 1 Y 1 A ARG 23 ? NE  ? A ARG 23 NE  
13 1 Y 1 A ARG 23 ? CZ  ? A ARG 23 CZ  
14 1 Y 1 A ARG 23 ? NH1 ? A ARG 23 NH1 
15 1 Y 1 A ARG 23 ? NH2 ? A ARG 23 NH2 
16 1 Y 1 A LYS 49 ? CG  ? A LYS 49 CG  
17 1 Y 1 A LYS 49 ? CD  ? A LYS 49 CD  
18 1 Y 1 A LYS 49 ? CE  ? A LYS 49 CE  
19 1 Y 1 A LYS 49 ? NZ  ? A LYS 49 NZ  
20 1 Y 1 A THR 65 ? OG1 ? A THR 65 OG1 
21 1 Y 1 A THR 65 ? CG2 ? A THR 65 CG2 
22 1 Y 1 A LEU 66 ? CG  ? A LEU 66 CG  
23 1 Y 1 A LEU 66 ? CD1 ? A LEU 66 CD1 
24 1 Y 1 A LEU 66 ? CD2 ? A LEU 66 CD2 
25 1 Y 1 B PRO 2  ? CG  ? B PRO 2  CG  
26 1 Y 1 B PRO 2  ? CD  ? B PRO 2  CD  
27 1 Y 1 B LYS 6  ? CG  ? B LYS 6  CG  
28 1 Y 1 B LYS 6  ? CD  ? B LYS 6  CD  
29 1 Y 1 B LYS 6  ? CE  ? B LYS 6  CE  
30 1 Y 1 B LYS 6  ? NZ  ? B LYS 6  NZ  
31 1 Y 1 B GLU 22 ? CG  ? B GLU 22 CG  
32 1 Y 1 B GLU 22 ? CD  ? B GLU 22 CD  
33 1 Y 1 B GLU 22 ? OE1 ? B GLU 22 OE1 
34 1 Y 1 B GLU 22 ? OE2 ? B GLU 22 OE2 
35 1 Y 1 B GLN 27 ? CG  ? B GLN 27 CG  
36 1 Y 1 B GLN 27 ? CD  ? B GLN 27 CD  
37 1 Y 1 B GLN 27 ? OE1 ? B GLN 27 OE1 
38 1 Y 1 B GLN 27 ? NE2 ? B GLN 27 NE2 
39 1 Y 1 B THR 34 ? OG1 ? B THR 34 OG1 
40 1 Y 1 B THR 34 ? CG2 ? B THR 34 CG2 
41 1 Y 1 B ASN 35 ? CG  ? B ASN 35 CG  
42 1 Y 1 B ASN 35 ? OD1 ? B ASN 35 OD1 
43 1 Y 1 B ASN 35 ? ND2 ? B ASN 35 ND2 
44 1 Y 1 B ASN 39 ? CG  ? B ASN 39 CG  
45 1 Y 1 B ASN 39 ? OD1 ? B ASN 39 OD1 
46 1 Y 1 B ASN 39 ? ND2 ? B ASN 39 ND2 
47 1 Y 1 B LEU 69 ? CG  ? B LEU 69 CG  
48 1 Y 1 B LEU 69 ? CD1 ? B LEU 69 CD1 
49 1 Y 1 B LEU 69 ? CD2 ? B LEU 69 CD2 
# 
loop_
_software.citation_id 
_software.classification 
_software.compiler_name 
_software.compiler_version 
_software.contact_author 
_software.contact_author_email 
_software.date 
_software.description 
_software.dependencies 
_software.hardware 
_software.language 
_software.location 
_software.mods 
_software.name 
_software.os 
_software.os_version 
_software.type 
_software.version 
_software.pdbx_ordinal 
? refinement        ? ? ? ? ? ? ? ? ? ? ? PHENIX      ? ? ? .     1 
? 'data scaling'    ? ? ? ? ? ? ? ? ? ? ? Aimless     ? ? ? 0.2.7 2 
? 'data extraction' ? ? ? ? ? ? ? ? ? ? ? PDB_EXTRACT ? ? ? 3.15  3 
? phasing           ? ? ? ? ? ? ? ? ? ? ? PHENIX      ? ? ? .     4 
# 
_cell.angle_alpha                  90.000 
_cell.angle_alpha_esd              ? 
_cell.angle_beta                   90.000 
_cell.angle_beta_esd               ? 
_cell.angle_gamma                  90.000 
_cell.angle_gamma_esd              ? 
_cell.entry_id                     4YX5 
_cell.details                      ? 
_cell.formula_units_Z              ? 
_cell.length_a                     65.760 
_cell.length_a_esd                 ? 
_cell.length_b                     65.760 
_cell.length_b_esd                 ? 
_cell.length_c                     95.650 
_cell.length_c_esd                 ? 
_cell.volume                       ? 
_cell.volume_esd                   ? 
_cell.Z_PDB                        8 
_cell.reciprocal_angle_alpha       ? 
_cell.reciprocal_angle_beta        ? 
_cell.reciprocal_angle_gamma       ? 
_cell.reciprocal_angle_alpha_esd   ? 
_cell.reciprocal_angle_beta_esd    ? 
_cell.reciprocal_angle_gamma_esd   ? 
_cell.reciprocal_length_a          ? 
_cell.reciprocal_length_b          ? 
_cell.reciprocal_length_c          ? 
_cell.reciprocal_length_a_esd      ? 
_cell.reciprocal_length_b_esd      ? 
_cell.reciprocal_length_c_esd      ? 
_cell.pdbx_unique_axis             ? 
# 
_symmetry.entry_id                         4YX5 
_symmetry.cell_setting                     ? 
_symmetry.Int_Tables_number                92 
_symmetry.space_group_name_Hall            ? 
_symmetry.space_group_name_H-M             'P 41 21 2' 
_symmetry.pdbx_full_space_group_name_H-M   ? 
# 
_exptl.absorpt_coefficient_mu     ? 
_exptl.absorpt_correction_T_max   ? 
_exptl.absorpt_correction_T_min   ? 
_exptl.absorpt_correction_type    ? 
_exptl.absorpt_process_details    ? 
_exptl.entry_id                   4YX5 
_exptl.crystals_number            1 
_exptl.details                    ? 
_exptl.method                     'X-RAY DIFFRACTION' 
_exptl.method_details             ? 
# 
_exptl_crystal.colour                      ? 
_exptl_crystal.density_diffrn              ? 
_exptl_crystal.density_Matthews            3.44 
_exptl_crystal.density_method              ? 
_exptl_crystal.density_percent_sol         64.26 
_exptl_crystal.description                 ? 
_exptl_crystal.F_000                       ? 
_exptl_crystal.id                          1 
_exptl_crystal.preparation                 ? 
_exptl_crystal.size_max                    ? 
_exptl_crystal.size_mid                    ? 
_exptl_crystal.size_min                    ? 
_exptl_crystal.size_rad                    ? 
_exptl_crystal.colour_lustre               ? 
_exptl_crystal.colour_modifier             ? 
_exptl_crystal.colour_primary              ? 
_exptl_crystal.density_meas                ? 
_exptl_crystal.density_meas_esd            ? 
_exptl_crystal.density_meas_gt             ? 
_exptl_crystal.density_meas_lt             ? 
_exptl_crystal.density_meas_temp           ? 
_exptl_crystal.density_meas_temp_esd       ? 
_exptl_crystal.density_meas_temp_gt        ? 
_exptl_crystal.density_meas_temp_lt        ? 
_exptl_crystal.pdbx_crystal_image_url      ? 
_exptl_crystal.pdbx_crystal_image_format   ? 
_exptl_crystal.pdbx_mosaicity              ? 
_exptl_crystal.pdbx_mosaicity_esd          ? 
# 
_exptl_crystal_grow.apparatus       ? 
_exptl_crystal_grow.atmosphere      ? 
_exptl_crystal_grow.crystal_id      1 
_exptl_crystal_grow.details         ? 
_exptl_crystal_grow.method          'VAPOR DIFFUSION, HANGING DROP' 
_exptl_crystal_grow.method_ref      ? 
_exptl_crystal_grow.pH              ? 
_exptl_crystal_grow.pressure        ? 
_exptl_crystal_grow.pressure_esd    ? 
_exptl_crystal_grow.seeding         ? 
_exptl_crystal_grow.seeding_ref     ? 
_exptl_crystal_grow.temp            277 
_exptl_crystal_grow.temp_details    ? 
_exptl_crystal_grow.temp_esd        ? 
_exptl_crystal_grow.time            ? 
_exptl_crystal_grow.pdbx_details    
;SpaO(145-213) + SpaO (232-297) was concentrated to 12mg/mL and crystallized with 25% PEG400, 10% isopropanol, 100mM sodium citrate pH=5.6 at 277K. Microseeding was employed to enhance crystal uniformity and diffraction.  Briefly, crystals to be seeded were harvested in precipitant solution and vortexed in a microfuge tube with a small stir bar for ~60 seconds.  The slurry of microseeds was serially dilluted (5-10-fold steps) in precipitant solution and 5 selected microseed-precipitant mixtures were mixed with fresh protein as in a normal hanging drop experiment. Crystals were cryoprotected in mother liquor with the PEG400 concentration raised to 37.5%.
;
_exptl_crystal_grow.pdbx_pH_range   ? 
# 
_diffrn.ambient_environment    ? 
_diffrn.ambient_temp           100 
_diffrn.ambient_temp_details   ? 
_diffrn.ambient_temp_esd       ? 
_diffrn.crystal_id             1 
_diffrn.crystal_support        ? 
_diffrn.crystal_treatment      ? 
_diffrn.details                ? 
_diffrn.id                     1 
_diffrn.ambient_pressure       ? 
_diffrn.ambient_pressure_esd   ? 
_diffrn.ambient_pressure_gt    ? 
_diffrn.ambient_pressure_lt    ? 
_diffrn.ambient_temp_gt        ? 
_diffrn.ambient_temp_lt        ? 
# 
_diffrn_detector.details                      ? 
_diffrn_detector.detector                     CCD 
_diffrn_detector.diffrn_id                    1 
_diffrn_detector.type                         'ADSC QUANTUM 315r' 
_diffrn_detector.area_resol_mean              ? 
_diffrn_detector.dtime                        ? 
_diffrn_detector.pdbx_frames_total            ? 
_diffrn_detector.pdbx_collection_time_total   ? 
_diffrn_detector.pdbx_collection_date         2013-11-22 
# 
_diffrn_radiation.collimation                      ? 
_diffrn_radiation.diffrn_id                        1 
_diffrn_radiation.filter_edge                      ? 
_diffrn_radiation.inhomogeneity                    ? 
_diffrn_radiation.monochromator                    ? 
_diffrn_radiation.polarisn_norm                    ? 
_diffrn_radiation.polarisn_ratio                   ? 
_diffrn_radiation.probe                            ? 
_diffrn_radiation.type                             ? 
_diffrn_radiation.xray_symbol                      ? 
_diffrn_radiation.wavelength_id                    1 
_diffrn_radiation.pdbx_monochromatic_or_laue_m_l   M 
_diffrn_radiation.pdbx_wavelength_list             ? 
_diffrn_radiation.pdbx_wavelength                  ? 
_diffrn_radiation.pdbx_diffrn_protocol             'SINGLE WAVELENGTH' 
_diffrn_radiation.pdbx_analyzer                    ? 
_diffrn_radiation.pdbx_scattering_type             x-ray 
# 
loop_
_diffrn_radiation_wavelength.id 
_diffrn_radiation_wavelength.wavelength 
_diffrn_radiation_wavelength.wt 
1 1.075 1.0 
2 0.979 1.0 
# 
_diffrn_source.current                     ? 
_diffrn_source.details                     ? 
_diffrn_source.diffrn_id                   1 
_diffrn_source.power                       ? 
_diffrn_source.size                        ? 
_diffrn_source.source                      SYNCHROTRON 
_diffrn_source.target                      ? 
_diffrn_source.type                        'NSLS BEAMLINE X29A' 
_diffrn_source.voltage                     ? 
_diffrn_source.take-off_angle              ? 
_diffrn_source.pdbx_wavelength_list        '1.075, 0.979' 
_diffrn_source.pdbx_wavelength             ? 
_diffrn_source.pdbx_synchrotron_beamline   X29A 
_diffrn_source.pdbx_synchrotron_site       NSLS 
# 
_reflns.B_iso_Wilson_estimate            ? 
_reflns.entry_id                         4YX5 
_reflns.data_reduction_details           ? 
_reflns.data_reduction_method            ? 
_reflns.d_resolution_high                2.900 
_reflns.d_resolution_low                 54.190 
_reflns.details                          ? 
_reflns.limit_h_max                      ? 
_reflns.limit_h_min                      ? 
_reflns.limit_k_max                      ? 
_reflns.limit_k_min                      ? 
_reflns.limit_l_max                      ? 
_reflns.limit_l_min                      ? 
_reflns.number_all                       ? 
_reflns.number_obs                       4975 
_reflns.observed_criterion               ? 
_reflns.observed_criterion_F_max         ? 
_reflns.observed_criterion_F_min         ? 
_reflns.observed_criterion_I_max         ? 
_reflns.observed_criterion_I_min         ? 
_reflns.observed_criterion_sigma_F       ? 
_reflns.observed_criterion_sigma_I       ? 
_reflns.percent_possible_obs             99.300 
_reflns.R_free_details                   ? 
_reflns.Rmerge_F_all                     ? 
_reflns.Rmerge_F_obs                     ? 
_reflns.Friedel_coverage                 ? 
_reflns.number_gt                        ? 
_reflns.threshold_expression             ? 
_reflns.pdbx_redundancy                  24.600 
_reflns.pdbx_Rmerge_I_obs                0.166 
_reflns.pdbx_Rmerge_I_all                ? 
_reflns.pdbx_Rsym_value                  ? 
_reflns.pdbx_netI_over_av_sigmaI         ? 
_reflns.pdbx_netI_over_sigmaI            14.400 
_reflns.pdbx_res_netI_over_av_sigmaI_2   ? 
_reflns.pdbx_res_netI_over_sigmaI_2      ? 
_reflns.pdbx_chi_squared                 ? 
_reflns.pdbx_scaling_rejects             9 
_reflns.pdbx_d_res_high_opt              ? 
_reflns.pdbx_d_res_low_opt               ? 
_reflns.pdbx_d_res_opt_method            ? 
_reflns.phase_calculation_details        ? 
_reflns.pdbx_Rrim_I_all                  ? 
_reflns.pdbx_Rpim_I_all                  0.034 
_reflns.pdbx_d_opt                       ? 
_reflns.pdbx_number_measured_all         122494 
_reflns.pdbx_diffrn_id                   1 
_reflns.pdbx_ordinal                     1 
_reflns.pdbx_CC_half                     0.996 
_reflns.pdbx_R_split                     ? 
# 
loop_
_reflns_shell.d_res_high 
_reflns_shell.d_res_low 
_reflns_shell.meanI_over_sigI_all 
_reflns_shell.meanI_over_sigI_obs 
_reflns_shell.number_measured_all 
_reflns_shell.number_measured_obs 
_reflns_shell.number_possible 
_reflns_shell.number_unique_all 
_reflns_shell.number_unique_obs 
_reflns_shell.percent_possible_all 
_reflns_shell.percent_possible_obs 
_reflns_shell.Rmerge_F_all 
_reflns_shell.Rmerge_F_obs 
_reflns_shell.Rmerge_I_all 
_reflns_shell.Rmerge_I_obs 
_reflns_shell.meanI_over_sigI_gt 
_reflns_shell.meanI_over_uI_all 
_reflns_shell.meanI_over_uI_gt 
_reflns_shell.number_measured_gt 
_reflns_shell.number_unique_gt 
_reflns_shell.percent_possible_gt 
_reflns_shell.Rmerge_F_gt 
_reflns_shell.Rmerge_I_gt 
_reflns_shell.pdbx_redundancy 
_reflns_shell.pdbx_Rsym_value 
_reflns_shell.pdbx_chi_squared 
_reflns_shell.pdbx_netI_over_sigmaI_all 
_reflns_shell.pdbx_netI_over_sigmaI_obs 
_reflns_shell.pdbx_Rrim_I_all 
_reflns_shell.pdbx_Rpim_I_all 
_reflns_shell.pdbx_rejects 
_reflns_shell.pdbx_ordinal 
_reflns_shell.pdbx_diffrn_id 
_reflns_shell.pdbx_CC_half 
_reflns_shell.pdbx_R_split 
2.900 3.080  ? 2.700  20277 ? ? 775 ? 99.300 ? ? ? ? 1.447 ? ? ? ? ? ? ? ? 26.200 ? ? ? ? ? 0.283 0 1 1 0.856 ? 
8.700 54.190 ? 26.900 4571  ? ? 216 ? 95.200 ? ? ? ? 0.109 ? ? ? ? ? ? ? ? 21.200 ? ? ? ? ? 0.024 0 2 1 0.995 ? 
# 
_refine.aniso_B[1][1]                            ? 
_refine.aniso_B[1][2]                            ? 
_refine.aniso_B[1][3]                            ? 
_refine.aniso_B[2][2]                            ? 
_refine.aniso_B[2][3]                            ? 
_refine.aniso_B[3][3]                            ? 
_refine.B_iso_max                                154.080 
_refine.B_iso_mean                               74.2199 
_refine.B_iso_min                                37.220 
_refine.correlation_coeff_Fo_to_Fc               ? 
_refine.correlation_coeff_Fo_to_Fc_free          ? 
_refine.details                                  ? 
_refine.diff_density_max                         ? 
_refine.diff_density_max_esd                     ? 
_refine.diff_density_min                         ? 
_refine.diff_density_min_esd                     ? 
_refine.diff_density_rms                         ? 
_refine.diff_density_rms_esd                     ? 
_refine.entry_id                                 4YX5 
_refine.pdbx_refine_id                           'X-RAY DIFFRACTION' 
_refine.ls_abs_structure_details                 ? 
_refine.ls_abs_structure_Flack                   ? 
_refine.ls_abs_structure_Flack_esd               ? 
_refine.ls_abs_structure_Rogers                  ? 
_refine.ls_abs_structure_Rogers_esd              ? 
_refine.ls_d_res_high                            2.9001 
_refine.ls_d_res_low                             38.6780 
_refine.ls_extinction_coef                       ? 
_refine.ls_extinction_coef_esd                   ? 
_refine.ls_extinction_expression                 ? 
_refine.ls_extinction_method                     ? 
_refine.ls_goodness_of_fit_all                   ? 
_refine.ls_goodness_of_fit_all_esd               ? 
_refine.ls_goodness_of_fit_obs                   ? 
_refine.ls_goodness_of_fit_obs_esd               ? 
_refine.ls_hydrogen_treatment                    ? 
_refine.ls_matrix_type                           ? 
_refine.ls_number_constraints                    ? 
_refine.ls_number_parameters                     ? 
_refine.ls_number_reflns_all                     ? 
_refine.ls_number_reflns_obs                     4964 
_refine.ls_number_reflns_R_free                  497 
_refine.ls_number_reflns_R_work                  4467 
_refine.ls_number_restraints                     ? 
_refine.ls_percent_reflns_obs                    98.9000 
_refine.ls_percent_reflns_R_free                 10.0100 
_refine.ls_R_factor_all                          ? 
_refine.ls_R_factor_obs                          0.2187 
_refine.ls_R_factor_R_free                       0.2791 
_refine.ls_R_factor_R_free_error                 ? 
_refine.ls_R_factor_R_free_error_details         ? 
_refine.ls_R_factor_R_work                       0.2118 
_refine.ls_R_Fsqd_factor_obs                     ? 
_refine.ls_R_I_factor_obs                        ? 
_refine.ls_redundancy_reflns_all                 ? 
_refine.ls_redundancy_reflns_obs                 ? 
_refine.ls_restrained_S_all                      ? 
_refine.ls_restrained_S_obs                      ? 
_refine.ls_shift_over_esd_max                    ? 
_refine.ls_shift_over_esd_mean                   ? 
_refine.ls_structure_factor_coef                 ? 
_refine.ls_weighting_details                     ? 
_refine.ls_weighting_scheme                      ? 
_refine.ls_wR_factor_all                         ? 
_refine.ls_wR_factor_obs                         ? 
_refine.ls_wR_factor_R_free                      ? 
_refine.ls_wR_factor_R_work                      ? 
_refine.occupancy_max                            ? 
_refine.occupancy_min                            ? 
_refine.solvent_model_details                    'FLAT BULK SOLVENT MODEL' 
_refine.solvent_model_param_bsol                 ? 
_refine.solvent_model_param_ksol                 ? 
_refine.ls_R_factor_gt                           ? 
_refine.ls_goodness_of_fit_gt                    ? 
_refine.ls_goodness_of_fit_ref                   ? 
_refine.ls_shift_over_su_max                     ? 
_refine.ls_shift_over_su_max_lt                  ? 
_refine.ls_shift_over_su_mean                    ? 
_refine.ls_shift_over_su_mean_lt                 ? 
_refine.pdbx_ls_sigma_I                          ? 
_refine.pdbx_ls_sigma_F                          1.390 
_refine.pdbx_ls_sigma_Fsqd                       ? 
_refine.pdbx_data_cutoff_high_absF               ? 
_refine.pdbx_data_cutoff_high_rms_absF           ? 
_refine.pdbx_data_cutoff_low_absF                ? 
_refine.pdbx_isotropic_thermal_model             ? 
_refine.pdbx_ls_cross_valid_method               'FREE R-VALUE' 
_refine.pdbx_method_to_determine_struct          SAD 
_refine.pdbx_starting_model                      ? 
_refine.pdbx_stereochemistry_target_values       ML 
_refine.pdbx_R_Free_selection_details            ? 
_refine.pdbx_stereochem_target_val_spec_case     ? 
_refine.pdbx_overall_ESU_R                       ? 
_refine.pdbx_overall_ESU_R_Free                  ? 
_refine.pdbx_solvent_vdw_probe_radii             1.1100 
_refine.pdbx_solvent_ion_probe_radii             ? 
_refine.pdbx_solvent_shrinkage_radii             0.9000 
_refine.pdbx_real_space_R                        ? 
_refine.pdbx_density_correlation                 ? 
_refine.pdbx_pd_number_of_powder_patterns        ? 
_refine.pdbx_pd_number_of_points                 ? 
_refine.pdbx_pd_meas_number_of_points            ? 
_refine.pdbx_pd_proc_ls_prof_R_factor            ? 
_refine.pdbx_pd_proc_ls_prof_wR_factor           ? 
_refine.pdbx_pd_Marquardt_correlation_coeff      ? 
_refine.pdbx_pd_Fsqrd_R_factor                   ? 
_refine.pdbx_pd_ls_matrix_band_width             ? 
_refine.pdbx_overall_phase_error                 28.3000 
_refine.pdbx_overall_SU_R_free_Cruickshank_DPI   ? 
_refine.pdbx_overall_SU_R_free_Blow_DPI          ? 
_refine.pdbx_overall_SU_R_Blow_DPI               ? 
_refine.pdbx_TLS_residual_ADP_flag               ? 
_refine.pdbx_diffrn_id                           1 
_refine.overall_SU_B                             ? 
_refine.overall_SU_ML                            0.4600 
_refine.overall_SU_R_Cruickshank_DPI             ? 
_refine.overall_SU_R_free                        ? 
_refine.overall_FOM_free_R_set                   ? 
_refine.overall_FOM_work_R_set                   ? 
_refine.pdbx_average_fsc_overall                 ? 
_refine.pdbx_average_fsc_work                    ? 
_refine.pdbx_average_fsc_free                    ? 
# 
_refine_hist.cycle_id                         final 
_refine_hist.pdbx_refine_id                   'X-RAY DIFFRACTION' 
_refine_hist.d_res_high                       2.9001 
_refine_hist.d_res_low                        38.6780 
_refine_hist.pdbx_number_atoms_ligand         1 
_refine_hist.number_atoms_solvent             0 
_refine_hist.number_atoms_total               998 
_refine_hist.pdbx_number_residues_total       133 
_refine_hist.pdbx_B_iso_mean_ligand           105.02 
_refine_hist.pdbx_number_atoms_protein        997 
_refine_hist.pdbx_number_atoms_nucleic_acid   0 
# 
loop_
_refine_ls_restr.pdbx_refine_id 
_refine_ls_restr.criterion 
_refine_ls_restr.dev_ideal 
_refine_ls_restr.dev_ideal_target 
_refine_ls_restr.number 
_refine_ls_restr.rejects 
_refine_ls_restr.type 
_refine_ls_restr.weight 
_refine_ls_restr.pdbx_restraint_function 
'X-RAY DIFFRACTION' ? 0.010  ? 1040 ? f_bond_d           ? ? 
'X-RAY DIFFRACTION' ? 1.324  ? 1413 ? f_angle_d          ? ? 
'X-RAY DIFFRACTION' ? 0.050  ? 168  ? f_chiral_restr     ? ? 
'X-RAY DIFFRACTION' ? 0.005  ? 181  ? f_plane_restr      ? ? 
'X-RAY DIFFRACTION' ? 17.895 ? 377  ? f_dihedral_angle_d ? ? 
# 
loop_
_refine_ls_shell.pdbx_refine_id 
_refine_ls_shell.d_res_high 
_refine_ls_shell.d_res_low 
_refine_ls_shell.number_reflns_all 
_refine_ls_shell.number_reflns_obs 
_refine_ls_shell.number_reflns_R_free 
_refine_ls_shell.number_reflns_R_work 
_refine_ls_shell.percent_reflns_obs 
_refine_ls_shell.percent_reflns_R_free 
_refine_ls_shell.R_factor_all 
_refine_ls_shell.R_factor_obs 
_refine_ls_shell.R_factor_R_free 
_refine_ls_shell.R_factor_R_free_error 
_refine_ls_shell.R_factor_R_work 
_refine_ls_shell.redundancy_reflns_all 
_refine_ls_shell.redundancy_reflns_obs 
_refine_ls_shell.wR_factor_all 
_refine_ls_shell.wR_factor_obs 
_refine_ls_shell.wR_factor_R_free 
_refine_ls_shell.wR_factor_R_work 
_refine_ls_shell.pdbx_total_number_of_bins_used 
_refine_ls_shell.pdbx_phase_error 
_refine_ls_shell.pdbx_fsc_work 
_refine_ls_shell.pdbx_fsc_free 
'X-RAY DIFFRACTION' 2.9001 3.1919  1197 . 119 1078 99.0000 . . . 0.3623 . 0.2549 . . . . . . 4 . . . 
'X-RAY DIFFRACTION' 3.1919 3.6534  1220 . 123 1097 99.0000 . . . 0.3826 . 0.2460 . . . . . . 4 . . . 
'X-RAY DIFFRACTION' 3.6534 4.6018  1229 . 122 1107 99.0000 . . . 0.2424 . 0.1898 . . . . . . 4 . . . 
'X-RAY DIFFRACTION' 4.6018 38.6814 1318 . 133 1185 99.0000 . . . 0.2587 . 0.2069 . . . . . . 4 . . . 
# 
_struct.entry_id                     4YX5 
_struct.title                        'SpaO(SPOA1,2)' 
_struct.pdbx_model_details           ? 
_struct.pdbx_formula_weight          ? 
_struct.pdbx_formula_weight_method   ? 
_struct.pdbx_model_type_details      ? 
_struct.pdbx_CASP_flag               ? 
# 
_struct_keywords.entry_id        4YX5 
_struct_keywords.text            'Type III Secretion System, PROTEIN TRANSPORT' 
_struct_keywords.pdbx_keywords   'PROTEIN TRANSPORT' 
# 
loop_
_struct_asym.id 
_struct_asym.pdbx_blank_PDB_chainid_flag 
_struct_asym.pdbx_modified 
_struct_asym.entity_id 
_struct_asym.details 
A N N 1 ? 
B N N 2 ? 
C N N 3 ? 
# 
loop_
_struct_ref.db_code 
_struct_ref.db_name 
_struct_ref.details 
_struct_ref.entity_id 
_struct_ref.id 
_struct_ref.seq_align 
_struct_ref.seq_dif 
_struct_ref.pdbx_db_accession 
_struct_ref.pdbx_db_isoform 
_struct_ref.pdbx_seq_one_letter_code 
_struct_ref.pdbx_align_begin 
_struct_ref.pdbx_align_end 
SPAO_SALTY UNP ? 1 1 ? ? P40699 ? PKMLRWPLRFVIGSSDTQRSLLGRIGIGDVLLIRTSRAEVYCYAKKLGHFNRVEGGIIVETLDIQHIEE 145 ? 
SPAO_SALTY UNP ? 2 2 ? ? P40699 ? VKLEFVLYRKNVTLAELEAMGQQQLLSLPTNAELNVEIMANGVLLGNGELVQMNDTLGVEIHEWLS    232 ? 
# 
loop_
_struct_ref_seq.align_id 
_struct_ref_seq.ref_id 
_struct_ref_seq.pdbx_PDB_id_code 
_struct_ref_seq.pdbx_strand_id 
_struct_ref_seq.seq_align_beg 
_struct_ref_seq.pdbx_seq_align_beg_ins_code 
_struct_ref_seq.seq_align_end 
_struct_ref_seq.pdbx_seq_align_end_ins_code 
_struct_ref_seq.pdbx_db_accession 
_struct_ref_seq.db_align_beg 
_struct_ref_seq.pdbx_db_align_beg_ins_code 
_struct_ref_seq.db_align_end 
_struct_ref_seq.pdbx_db_align_end_ins_code 
_struct_ref_seq.pdbx_auth_seq_align_beg 
_struct_ref_seq.pdbx_auth_seq_align_end 
1 1 4YX5 A 5 ? 73 ? P40699 145 ? 213 ? 5 73 
2 2 4YX5 B 5 ? 70 ? P40699 232 ? 297 ? 5 70 
# 
loop_
_struct_ref_seq_dif.align_id 
_struct_ref_seq_dif.pdbx_pdb_id_code 
_struct_ref_seq_dif.mon_id 
_struct_ref_seq_dif.pdbx_pdb_strand_id 
_struct_ref_seq_dif.seq_num 
_struct_ref_seq_dif.pdbx_pdb_ins_code 
_struct_ref_seq_dif.pdbx_seq_db_name 
_struct_ref_seq_dif.pdbx_seq_db_accession_code 
_struct_ref_seq_dif.db_mon_id 
_struct_ref_seq_dif.pdbx_seq_db_seq_num 
_struct_ref_seq_dif.details 
_struct_ref_seq_dif.pdbx_auth_seq_num 
_struct_ref_seq_dif.pdbx_ordinal 
1 4YX5 GLY A 1 ? UNP P40699 ? ? 'expression tag' 1 1 
1 4YX5 PRO A 2 ? UNP P40699 ? ? 'expression tag' 2 2 
1 4YX5 VAL A 3 ? UNP P40699 ? ? 'expression tag' 3 3 
1 4YX5 ASP A 4 ? UNP P40699 ? ? 'expression tag' 4 4 
2 4YX5 GLY B 1 ? UNP P40699 ? ? 'expression tag' 1 5 
2 4YX5 PRO B 2 ? UNP P40699 ? ? 'expression tag' 2 6 
2 4YX5 VAL B 3 ? UNP P40699 ? ? 'expression tag' 3 7 
2 4YX5 ASP B 4 ? UNP P40699 ? ? 'expression tag' 4 8 
# 
_pdbx_struct_assembly.id                   1 
_pdbx_struct_assembly.details              author_and_software_defined_assembly 
_pdbx_struct_assembly.method_details       PISA 
_pdbx_struct_assembly.oligomeric_details   dimeric 
_pdbx_struct_assembly.oligomeric_count     2 
# 
loop_
_pdbx_struct_assembly_prop.biol_id 
_pdbx_struct_assembly_prop.type 
_pdbx_struct_assembly_prop.value 
_pdbx_struct_assembly_prop.details 
1 'ABSA (A^2)' 3540 ? 
1 MORE         -28  ? 
1 'SSA (A^2)'  7950 ? 
# 
_pdbx_struct_assembly_gen.assembly_id       1 
_pdbx_struct_assembly_gen.oper_expression   1 
_pdbx_struct_assembly_gen.asym_id_list      A,B,C 
# 
_pdbx_struct_oper_list.id                   1 
_pdbx_struct_oper_list.type                 'identity operation' 
_pdbx_struct_oper_list.name                 1_555 
_pdbx_struct_oper_list.symmetry_operation   x,y,z 
_pdbx_struct_oper_list.matrix[1][1]         1.0000000000 
_pdbx_struct_oper_list.matrix[1][2]         0.0000000000 
_pdbx_struct_oper_list.matrix[1][3]         0.0000000000 
_pdbx_struct_oper_list.vector[1]            0.0000000000 
_pdbx_struct_oper_list.matrix[2][1]         0.0000000000 
_pdbx_struct_oper_list.matrix[2][2]         1.0000000000 
_pdbx_struct_oper_list.matrix[2][3]         0.0000000000 
_pdbx_struct_oper_list.vector[2]            0.0000000000 
_pdbx_struct_oper_list.matrix[3][1]         0.0000000000 
_pdbx_struct_oper_list.matrix[3][2]         0.0000000000 
_pdbx_struct_oper_list.matrix[3][3]         1.0000000000 
_pdbx_struct_oper_list.vector[3]            0.0000000000 
# 
loop_
_struct_conf.conf_type_id 
_struct_conf.id 
_struct_conf.pdbx_PDB_helix_id 
_struct_conf.beg_label_comp_id 
_struct_conf.beg_label_asym_id 
_struct_conf.beg_label_seq_id 
_struct_conf.pdbx_beg_PDB_ins_code 
_struct_conf.end_label_comp_id 
_struct_conf.end_label_asym_id 
_struct_conf.end_label_seq_id 
_struct_conf.pdbx_end_PDB_ins_code 
_struct_conf.beg_auth_comp_id 
_struct_conf.beg_auth_asym_id 
_struct_conf.beg_auth_seq_id 
_struct_conf.end_auth_comp_id 
_struct_conf.end_auth_asym_id 
_struct_conf.end_auth_seq_id 
_struct_conf.pdbx_PDB_helix_class 
_struct_conf.details 
_struct_conf.pdbx_PDB_helix_length 
HELX_P HELX_P1 AA1 LEU B 18 ? GLN B 27 ? LEU B 18 GLN B 27 1 ? 10 
HELX_P HELX_P2 AA2 ASN B 35 ? ASN B 39 ? ASN B 35 ASN B 39 5 ? 5  
# 
_struct_conf_type.id          HELX_P 
_struct_conf_type.criteria    ? 
_struct_conf_type.reference   ? 
# 
_struct_mon_prot_cis.pdbx_id                1 
_struct_mon_prot_cis.label_comp_id          LEU 
_struct_mon_prot_cis.label_seq_id           26 
_struct_mon_prot_cis.label_asym_id          A 
_struct_mon_prot_cis.label_alt_id           . 
_struct_mon_prot_cis.pdbx_PDB_ins_code      ? 
_struct_mon_prot_cis.auth_comp_id           LEU 
_struct_mon_prot_cis.auth_seq_id            26 
_struct_mon_prot_cis.auth_asym_id           A 
_struct_mon_prot_cis.pdbx_label_comp_id_2   GLY 
_struct_mon_prot_cis.pdbx_label_seq_id_2    27 
_struct_mon_prot_cis.pdbx_label_asym_id_2   A 
_struct_mon_prot_cis.pdbx_PDB_ins_code_2    ? 
_struct_mon_prot_cis.pdbx_auth_comp_id_2    GLY 
_struct_mon_prot_cis.pdbx_auth_seq_id_2     27 
_struct_mon_prot_cis.pdbx_auth_asym_id_2    A 
_struct_mon_prot_cis.pdbx_PDB_model_num     1 
_struct_mon_prot_cis.pdbx_omega_angle       1.99 
# 
_struct_sheet.id               AA1 
_struct_sheet.type             ? 
_struct_sheet.number_strands   10 
_struct_sheet.details          ? 
# 
loop_
_struct_sheet_order.sheet_id 
_struct_sheet_order.range_id_1 
_struct_sheet_order.range_id_2 
_struct_sheet_order.offset 
_struct_sheet_order.sense 
AA1 1 2  ? anti-parallel 
AA1 2 3  ? anti-parallel 
AA1 3 4  ? anti-parallel 
AA1 4 5  ? anti-parallel 
AA1 5 6  ? anti-parallel 
AA1 6 7  ? anti-parallel 
AA1 7 8  ? anti-parallel 
AA1 8 9  ? anti-parallel 
AA1 9 10 ? anti-parallel 
# 
loop_
_struct_sheet_range.sheet_id 
_struct_sheet_range.id 
_struct_sheet_range.beg_label_comp_id 
_struct_sheet_range.beg_label_asym_id 
_struct_sheet_range.beg_label_seq_id 
_struct_sheet_range.pdbx_beg_PDB_ins_code 
_struct_sheet_range.end_label_comp_id 
_struct_sheet_range.end_label_asym_id 
_struct_sheet_range.end_label_seq_id 
_struct_sheet_range.pdbx_end_PDB_ins_code 
_struct_sheet_range.beg_auth_comp_id 
_struct_sheet_range.beg_auth_asym_id 
_struct_sheet_range.beg_auth_seq_id 
_struct_sheet_range.end_auth_comp_id 
_struct_sheet_range.end_auth_asym_id 
_struct_sheet_range.end_auth_seq_id 
AA1 1  VAL A 34 ? ILE A 37 ? VAL A 34 ILE A 37 
AA1 2  THR B 60 ? TRP B 68 ? THR B 60 TRP B 68 
AA1 3  LEU B 48 ? MET B 57 ? LEU B 48 MET B 57 
AA1 4  VAL B 40 ? MET B 43 ? VAL B 40 MET B 43 
AA1 5  VAL B 5  ? THR B 17 ? VAL B 5  THR B 17 
AA1 6  ARG A 9  ? THR A 21 ? ARG A 9  THR A 21 
AA1 7  THR A 39 ? CYS A 46 ? THR A 39 CYS A 46 
AA1 8  LYS A 49 ? ARG A 56 ? LYS A 49 ARG A 56 
AA1 9  GLY A 60 ? VAL A 63 ? GLY A 60 VAL A 63 
AA1 10 LEU B 30 ? SER B 31 ? LEU B 30 SER B 31 
# 
loop_
_pdbx_struct_sheet_hbond.sheet_id 
_pdbx_struct_sheet_hbond.range_id_1 
_pdbx_struct_sheet_hbond.range_id_2 
_pdbx_struct_sheet_hbond.range_1_label_atom_id 
_pdbx_struct_sheet_hbond.range_1_label_comp_id 
_pdbx_struct_sheet_hbond.range_1_label_asym_id 
_pdbx_struct_sheet_hbond.range_1_label_seq_id 
_pdbx_struct_sheet_hbond.range_1_PDB_ins_code 
_pdbx_struct_sheet_hbond.range_1_auth_atom_id 
_pdbx_struct_sheet_hbond.range_1_auth_comp_id 
_pdbx_struct_sheet_hbond.range_1_auth_asym_id 
_pdbx_struct_sheet_hbond.range_1_auth_seq_id 
_pdbx_struct_sheet_hbond.range_2_label_atom_id 
_pdbx_struct_sheet_hbond.range_2_label_comp_id 
_pdbx_struct_sheet_hbond.range_2_label_asym_id 
_pdbx_struct_sheet_hbond.range_2_label_seq_id 
_pdbx_struct_sheet_hbond.range_2_PDB_ins_code 
_pdbx_struct_sheet_hbond.range_2_auth_atom_id 
_pdbx_struct_sheet_hbond.range_2_auth_comp_id 
_pdbx_struct_sheet_hbond.range_2_auth_asym_id 
_pdbx_struct_sheet_hbond.range_2_auth_seq_id 
AA1 1 2  N ILE A 37 ? N ILE A 37 O LEU B 61 ? O LEU B 61 
AA1 2 3  O GLY B 62 ? O GLY B 62 N VAL B 55 ? N VAL B 55 
AA1 3 4  O GLY B 52 ? O GLY B 52 N VAL B 40 ? N VAL B 40 
AA1 4 5  O MET B 43 ? O MET B 43 N GLU B 8  ? N GLU B 8  
AA1 5 6  O LEU B 7  ? O LEU B 7  N SER A 19 ? N SER A 19 
AA1 6 7  N SER A 18 ? N SER A 18 O THR A 39 ? O THR A 39 
AA1 7 8  N VAL A 44 ? N VAL A 44 O LEU A 51 ? O LEU A 51 
AA1 8 9  N ASN A 55 ? N ASN A 55 O ILE A 62 ? O ILE A 62 
AA1 9 10 N ILE A 61 ? N ILE A 61 O LEU B 30 ? O LEU B 30 
# 
_struct_site.id                   AC1 
_struct_site.pdbx_evidence_code   Software 
_struct_site.pdbx_auth_asym_id    A 
_struct_site.pdbx_auth_comp_id    CL 
_struct_site.pdbx_auth_seq_id     101 
_struct_site.pdbx_auth_ins_code   ? 
_struct_site.pdbx_num_residues    2 
_struct_site.details              'binding site for residue CL A 101' 
# 
loop_
_struct_site_gen.id 
_struct_site_gen.site_id 
_struct_site_gen.pdbx_num_res 
_struct_site_gen.label_comp_id 
_struct_site_gen.label_asym_id 
_struct_site_gen.label_seq_id 
_struct_site_gen.pdbx_auth_ins_code 
_struct_site_gen.auth_comp_id 
_struct_site_gen.auth_asym_id 
_struct_site_gen.auth_seq_id 
_struct_site_gen.label_atom_id 
_struct_site_gen.label_alt_id 
_struct_site_gen.symmetry 
_struct_site_gen.details 
1 AC1 2 ARG A 41 ? ARG A 41 . ? 7_555 ? 
2 AC1 2 ARG A 41 ? ARG A 41 . ? 1_555 ? 
# 
loop_
_pdbx_validate_close_contact.id 
_pdbx_validate_close_contact.PDB_model_num 
_pdbx_validate_close_contact.auth_atom_id_1 
_pdbx_validate_close_contact.auth_asym_id_1 
_pdbx_validate_close_contact.auth_comp_id_1 
_pdbx_validate_close_contact.auth_seq_id_1 
_pdbx_validate_close_contact.PDB_ins_code_1 
_pdbx_validate_close_contact.label_alt_id_1 
_pdbx_validate_close_contact.auth_atom_id_2 
_pdbx_validate_close_contact.auth_asym_id_2 
_pdbx_validate_close_contact.auth_comp_id_2 
_pdbx_validate_close_contact.auth_seq_id_2 
_pdbx_validate_close_contact.PDB_ins_code_2 
_pdbx_validate_close_contact.label_alt_id_2 
_pdbx_validate_close_contact.dist 
1 1 O   B ALA 44 ? ? N   B GLY 46 ? ? 2.14 
2 1 NH2 A ARG 13 ? ? O   A TYR 47 ? ? 2.18 
3 1 NH1 A ARG 13 ? ? OE1 B GLU 8  ? ? 2.19 
# 
loop_
_pdbx_validate_torsion.id 
_pdbx_validate_torsion.PDB_model_num 
_pdbx_validate_torsion.auth_comp_id 
_pdbx_validate_torsion.auth_asym_id 
_pdbx_validate_torsion.auth_seq_id 
_pdbx_validate_torsion.PDB_ins_code 
_pdbx_validate_torsion.label_alt_id 
_pdbx_validate_torsion.phi 
_pdbx_validate_torsion.psi 
1 1 ARG A 23 ? ? -45.45  -12.12  
2 1 TYR A 47 ? ? 58.74   -130.44 
3 1 THR A 65 ? ? -27.34  112.83  
4 1 GLN B 26 ? ? -71.07  -98.11  
5 1 GLN B 27 ? ? -177.80 35.58   
6 1 ASN B 45 ? ? -50.89  56.95   
7 1 ASN B 58 ? ? 58.81   -111.06 
# 
_pdbx_struct_special_symmetry.id              1 
_pdbx_struct_special_symmetry.PDB_model_num   1 
_pdbx_struct_special_symmetry.auth_asym_id    A 
_pdbx_struct_special_symmetry.auth_comp_id    CL 
_pdbx_struct_special_symmetry.auth_seq_id     101 
_pdbx_struct_special_symmetry.PDB_ins_code    ? 
_pdbx_struct_special_symmetry.label_asym_id   C 
_pdbx_struct_special_symmetry.label_comp_id   CL 
_pdbx_struct_special_symmetry.label_seq_id    . 
# 
loop_
_pdbx_unobs_or_zero_occ_residues.id 
_pdbx_unobs_or_zero_occ_residues.PDB_model_num 
_pdbx_unobs_or_zero_occ_residues.polymer_flag 
_pdbx_unobs_or_zero_occ_residues.occupancy_flag 
_pdbx_unobs_or_zero_occ_residues.auth_asym_id 
_pdbx_unobs_or_zero_occ_residues.auth_comp_id 
_pdbx_unobs_or_zero_occ_residues.auth_seq_id 
_pdbx_unobs_or_zero_occ_residues.PDB_ins_code 
_pdbx_unobs_or_zero_occ_residues.label_asym_id 
_pdbx_unobs_or_zero_occ_residues.label_comp_id 
_pdbx_unobs_or_zero_occ_residues.label_seq_id 
1  1 Y 1 A GLY 1  ? A GLY 1  
2  1 Y 1 A PRO 2  ? A PRO 2  
3  1 Y 1 A VAL 3  ? A VAL 3  
4  1 Y 1 A ASP 4  ? A ASP 4  
5  1 Y 1 A HIS 70 ? A HIS 70 
6  1 Y 1 A ILE 71 ? A ILE 71 
7  1 Y 1 A GLU 72 ? A GLU 72 
8  1 Y 1 A GLU 73 ? A GLU 73 
9  1 Y 1 B GLY 1  ? B GLY 1  
10 1 Y 1 B SER 70 ? B SER 70 
# 
loop_
_chem_comp_atom.comp_id 
_chem_comp_atom.atom_id 
_chem_comp_atom.type_symbol 
_chem_comp_atom.pdbx_aromatic_flag 
_chem_comp_atom.pdbx_stereo_config 
_chem_comp_atom.pdbx_ordinal 
ALA N    N  N N 1   
ALA CA   C  N S 2   
ALA C    C  N N 3   
ALA O    O  N N 4   
ALA CB   C  N N 5   
ALA OXT  O  N N 6   
ALA H    H  N N 7   
ALA H2   H  N N 8   
ALA HA   H  N N 9   
ALA HB1  H  N N 10  
ALA HB2  H  N N 11  
ALA HB3  H  N N 12  
ALA HXT  H  N N 13  
ARG N    N  N N 14  
ARG CA   C  N S 15  
ARG C    C  N N 16  
ARG O    O  N N 17  
ARG CB   C  N N 18  
ARG CG   C  N N 19  
ARG CD   C  N N 20  
ARG NE   N  N N 21  
ARG CZ   C  N N 22  
ARG NH1  N  N N 23  
ARG NH2  N  N N 24  
ARG OXT  O  N N 25  
ARG H    H  N N 26  
ARG H2   H  N N 27  
ARG HA   H  N N 28  
ARG HB2  H  N N 29  
ARG HB3  H  N N 30  
ARG HG2  H  N N 31  
ARG HG3  H  N N 32  
ARG HD2  H  N N 33  
ARG HD3  H  N N 34  
ARG HE   H  N N 35  
ARG HH11 H  N N 36  
ARG HH12 H  N N 37  
ARG HH21 H  N N 38  
ARG HH22 H  N N 39  
ARG HXT  H  N N 40  
ASN N    N  N N 41  
ASN CA   C  N S 42  
ASN C    C  N N 43  
ASN O    O  N N 44  
ASN CB   C  N N 45  
ASN CG   C  N N 46  
ASN OD1  O  N N 47  
ASN ND2  N  N N 48  
ASN OXT  O  N N 49  
ASN H    H  N N 50  
ASN H2   H  N N 51  
ASN HA   H  N N 52  
ASN HB2  H  N N 53  
ASN HB3  H  N N 54  
ASN HD21 H  N N 55  
ASN HD22 H  N N 56  
ASN HXT  H  N N 57  
ASP N    N  N N 58  
ASP CA   C  N S 59  
ASP C    C  N N 60  
ASP O    O  N N 61  
ASP CB   C  N N 62  
ASP CG   C  N N 63  
ASP OD1  O  N N 64  
ASP OD2  O  N N 65  
ASP OXT  O  N N 66  
ASP H    H  N N 67  
ASP H2   H  N N 68  
ASP HA   H  N N 69  
ASP HB2  H  N N 70  
ASP HB3  H  N N 71  
ASP HD2  H  N N 72  
ASP HXT  H  N N 73  
CL  CL   CL N N 74  
CYS N    N  N N 75  
CYS CA   C  N R 76  
CYS C    C  N N 77  
CYS O    O  N N 78  
CYS CB   C  N N 79  
CYS SG   S  N N 80  
CYS OXT  O  N N 81  
CYS H    H  N N 82  
CYS H2   H  N N 83  
CYS HA   H  N N 84  
CYS HB2  H  N N 85  
CYS HB3  H  N N 86  
CYS HG   H  N N 87  
CYS HXT  H  N N 88  
GLN N    N  N N 89  
GLN CA   C  N S 90  
GLN C    C  N N 91  
GLN O    O  N N 92  
GLN CB   C  N N 93  
GLN CG   C  N N 94  
GLN CD   C  N N 95  
GLN OE1  O  N N 96  
GLN NE2  N  N N 97  
GLN OXT  O  N N 98  
GLN H    H  N N 99  
GLN H2   H  N N 100 
GLN HA   H  N N 101 
GLN HB2  H  N N 102 
GLN HB3  H  N N 103 
GLN HG2  H  N N 104 
GLN HG3  H  N N 105 
GLN HE21 H  N N 106 
GLN HE22 H  N N 107 
GLN HXT  H  N N 108 
GLU N    N  N N 109 
GLU CA   C  N S 110 
GLU C    C  N N 111 
GLU O    O  N N 112 
GLU CB   C  N N 113 
GLU CG   C  N N 114 
GLU CD   C  N N 115 
GLU OE1  O  N N 116 
GLU OE2  O  N N 117 
GLU OXT  O  N N 118 
GLU H    H  N N 119 
GLU H2   H  N N 120 
GLU HA   H  N N 121 
GLU HB2  H  N N 122 
GLU HB3  H  N N 123 
GLU HG2  H  N N 124 
GLU HG3  H  N N 125 
GLU HE2  H  N N 126 
GLU HXT  H  N N 127 
GLY N    N  N N 128 
GLY CA   C  N N 129 
GLY C    C  N N 130 
GLY O    O  N N 131 
GLY OXT  O  N N 132 
GLY H    H  N N 133 
GLY H2   H  N N 134 
GLY HA2  H  N N 135 
GLY HA3  H  N N 136 
GLY HXT  H  N N 137 
HIS N    N  N N 138 
HIS CA   C  N S 139 
HIS C    C  N N 140 
HIS O    O  N N 141 
HIS CB   C  N N 142 
HIS CG   C  Y N 143 
HIS ND1  N  Y N 144 
HIS CD2  C  Y N 145 
HIS CE1  C  Y N 146 
HIS NE2  N  Y N 147 
HIS OXT  O  N N 148 
HIS H    H  N N 149 
HIS H2   H  N N 150 
HIS HA   H  N N 151 
HIS HB2  H  N N 152 
HIS HB3  H  N N 153 
HIS HD1  H  N N 154 
HIS HD2  H  N N 155 
HIS HE1  H  N N 156 
HIS HE2  H  N N 157 
HIS HXT  H  N N 158 
ILE N    N  N N 159 
ILE CA   C  N S 160 
ILE C    C  N N 161 
ILE O    O  N N 162 
ILE CB   C  N S 163 
ILE CG1  C  N N 164 
ILE CG2  C  N N 165 
ILE CD1  C  N N 166 
ILE OXT  O  N N 167 
ILE H    H  N N 168 
ILE H2   H  N N 169 
ILE HA   H  N N 170 
ILE HB   H  N N 171 
ILE HG12 H  N N 172 
ILE HG13 H  N N 173 
ILE HG21 H  N N 174 
ILE HG22 H  N N 175 
ILE HG23 H  N N 176 
ILE HD11 H  N N 177 
ILE HD12 H  N N 178 
ILE HD13 H  N N 179 
ILE HXT  H  N N 180 
LEU N    N  N N 181 
LEU CA   C  N S 182 
LEU C    C  N N 183 
LEU O    O  N N 184 
LEU CB   C  N N 185 
LEU CG   C  N N 186 
LEU CD1  C  N N 187 
LEU CD2  C  N N 188 
LEU OXT  O  N N 189 
LEU H    H  N N 190 
LEU H2   H  N N 191 
LEU HA   H  N N 192 
LEU HB2  H  N N 193 
LEU HB3  H  N N 194 
LEU HG   H  N N 195 
LEU HD11 H  N N 196 
LEU HD12 H  N N 197 
LEU HD13 H  N N 198 
LEU HD21 H  N N 199 
LEU HD22 H  N N 200 
LEU HD23 H  N N 201 
LEU HXT  H  N N 202 
LYS N    N  N N 203 
LYS CA   C  N S 204 
LYS C    C  N N 205 
LYS O    O  N N 206 
LYS CB   C  N N 207 
LYS CG   C  N N 208 
LYS CD   C  N N 209 
LYS CE   C  N N 210 
LYS NZ   N  N N 211 
LYS OXT  O  N N 212 
LYS H    H  N N 213 
LYS H2   H  N N 214 
LYS HA   H  N N 215 
LYS HB2  H  N N 216 
LYS HB3  H  N N 217 
LYS HG2  H  N N 218 
LYS HG3  H  N N 219 
LYS HD2  H  N N 220 
LYS HD3  H  N N 221 
LYS HE2  H  N N 222 
LYS HE3  H  N N 223 
LYS HZ1  H  N N 224 
LYS HZ2  H  N N 225 
LYS HZ3  H  N N 226 
LYS HXT  H  N N 227 
MET N    N  N N 228 
MET CA   C  N S 229 
MET C    C  N N 230 
MET O    O  N N 231 
MET CB   C  N N 232 
MET CG   C  N N 233 
MET SD   S  N N 234 
MET CE   C  N N 235 
MET OXT  O  N N 236 
MET H    H  N N 237 
MET H2   H  N N 238 
MET HA   H  N N 239 
MET HB2  H  N N 240 
MET HB3  H  N N 241 
MET HG2  H  N N 242 
MET HG3  H  N N 243 
MET HE1  H  N N 244 
MET HE2  H  N N 245 
MET HE3  H  N N 246 
MET HXT  H  N N 247 
PHE N    N  N N 248 
PHE CA   C  N S 249 
PHE C    C  N N 250 
PHE O    O  N N 251 
PHE CB   C  N N 252 
PHE CG   C  Y N 253 
PHE CD1  C  Y N 254 
PHE CD2  C  Y N 255 
PHE CE1  C  Y N 256 
PHE CE2  C  Y N 257 
PHE CZ   C  Y N 258 
PHE OXT  O  N N 259 
PHE H    H  N N 260 
PHE H2   H  N N 261 
PHE HA   H  N N 262 
PHE HB2  H  N N 263 
PHE HB3  H  N N 264 
PHE HD1  H  N N 265 
PHE HD2  H  N N 266 
PHE HE1  H  N N 267 
PHE HE2  H  N N 268 
PHE HZ   H  N N 269 
PHE HXT  H  N N 270 
PRO N    N  N N 271 
PRO CA   C  N S 272 
PRO C    C  N N 273 
PRO O    O  N N 274 
PRO CB   C  N N 275 
PRO CG   C  N N 276 
PRO CD   C  N N 277 
PRO OXT  O  N N 278 
PRO H    H  N N 279 
PRO HA   H  N N 280 
PRO HB2  H  N N 281 
PRO HB3  H  N N 282 
PRO HG2  H  N N 283 
PRO HG3  H  N N 284 
PRO HD2  H  N N 285 
PRO HD3  H  N N 286 
PRO HXT  H  N N 287 
SER N    N  N N 288 
SER CA   C  N S 289 
SER C    C  N N 290 
SER O    O  N N 291 
SER CB   C  N N 292 
SER OG   O  N N 293 
SER OXT  O  N N 294 
SER H    H  N N 295 
SER H2   H  N N 296 
SER HA   H  N N 297 
SER HB2  H  N N 298 
SER HB3  H  N N 299 
SER HG   H  N N 300 
SER HXT  H  N N 301 
THR N    N  N N 302 
THR CA   C  N S 303 
THR C    C  N N 304 
THR O    O  N N 305 
THR CB   C  N R 306 
THR OG1  O  N N 307 
THR CG2  C  N N 308 
THR OXT  O  N N 309 
THR H    H  N N 310 
THR H2   H  N N 311 
THR HA   H  N N 312 
THR HB   H  N N 313 
THR HG1  H  N N 314 
THR HG21 H  N N 315 
THR HG22 H  N N 316 
THR HG23 H  N N 317 
THR HXT  H  N N 318 
TRP N    N  N N 319 
TRP CA   C  N S 320 
TRP C    C  N N 321 
TRP O    O  N N 322 
TRP CB   C  N N 323 
TRP CG   C  Y N 324 
TRP CD1  C  Y N 325 
TRP CD2  C  Y N 326 
TRP NE1  N  Y N 327 
TRP CE2  C  Y N 328 
TRP CE3  C  Y N 329 
TRP CZ2  C  Y N 330 
TRP CZ3  C  Y N 331 
TRP CH2  C  Y N 332 
TRP OXT  O  N N 333 
TRP H    H  N N 334 
TRP H2   H  N N 335 
TRP HA   H  N N 336 
TRP HB2  H  N N 337 
TRP HB3  H  N N 338 
TRP HD1  H  N N 339 
TRP HE1  H  N N 340 
TRP HE3  H  N N 341 
TRP HZ2  H  N N 342 
TRP HZ3  H  N N 343 
TRP HH2  H  N N 344 
TRP HXT  H  N N 345 
TYR N    N  N N 346 
TYR CA   C  N S 347 
TYR C    C  N N 348 
TYR O    O  N N 349 
TYR CB   C  N N 350 
TYR CG   C  Y N 351 
TYR CD1  C  Y N 352 
TYR CD2  C  Y N 353 
TYR CE1  C  Y N 354 
TYR CE2  C  Y N 355 
TYR CZ   C  Y N 356 
TYR OH   O  N N 357 
TYR OXT  O  N N 358 
TYR H    H  N N 359 
TYR H2   H  N N 360 
TYR HA   H  N N 361 
TYR HB2  H  N N 362 
TYR HB3  H  N N 363 
TYR HD1  H  N N 364 
TYR HD2  H  N N 365 
TYR HE1  H  N N 366 
TYR HE2  H  N N 367 
TYR HH   H  N N 368 
TYR HXT  H  N N 369 
VAL N    N  N N 370 
VAL CA   C  N S 371 
VAL C    C  N N 372 
VAL O    O  N N 373 
VAL CB   C  N N 374 
VAL CG1  C  N N 375 
VAL CG2  C  N N 376 
VAL OXT  O  N N 377 
VAL H    H  N N 378 
VAL H2   H  N N 379 
VAL HA   H  N N 380 
VAL HB   H  N N 381 
VAL HG11 H  N N 382 
VAL HG12 H  N N 383 
VAL HG13 H  N N 384 
VAL HG21 H  N N 385 
VAL HG22 H  N N 386 
VAL HG23 H  N N 387 
VAL HXT  H  N N 388 
# 
loop_
_chem_comp_bond.comp_id 
_chem_comp_bond.atom_id_1 
_chem_comp_bond.atom_id_2 
_chem_comp_bond.value_order 
_chem_comp_bond.pdbx_aromatic_flag 
_chem_comp_bond.pdbx_stereo_config 
_chem_comp_bond.pdbx_ordinal 
ALA N   CA   sing N N 1   
ALA N   H    sing N N 2   
ALA N   H2   sing N N 3   
ALA CA  C    sing N N 4   
ALA CA  CB   sing N N 5   
ALA CA  HA   sing N N 6   
ALA C   O    doub N N 7   
ALA C   OXT  sing N N 8   
ALA CB  HB1  sing N N 9   
ALA CB  HB2  sing N N 10  
ALA CB  HB3  sing N N 11  
ALA OXT HXT  sing N N 12  
ARG N   CA   sing N N 13  
ARG N   H    sing N N 14  
ARG N   H2   sing N N 15  
ARG CA  C    sing N N 16  
ARG CA  CB   sing N N 17  
ARG CA  HA   sing N N 18  
ARG C   O    doub N N 19  
ARG C   OXT  sing N N 20  
ARG CB  CG   sing N N 21  
ARG CB  HB2  sing N N 22  
ARG CB  HB3  sing N N 23  
ARG CG  CD   sing N N 24  
ARG CG  HG2  sing N N 25  
ARG CG  HG3  sing N N 26  
ARG CD  NE   sing N N 27  
ARG CD  HD2  sing N N 28  
ARG CD  HD3  sing N N 29  
ARG NE  CZ   sing N N 30  
ARG NE  HE   sing N N 31  
ARG CZ  NH1  sing N N 32  
ARG CZ  NH2  doub N N 33  
ARG NH1 HH11 sing N N 34  
ARG NH1 HH12 sing N N 35  
ARG NH2 HH21 sing N N 36  
ARG NH2 HH22 sing N N 37  
ARG OXT HXT  sing N N 38  
ASN N   CA   sing N N 39  
ASN N   H    sing N N 40  
ASN N   H2   sing N N 41  
ASN CA  C    sing N N 42  
ASN CA  CB   sing N N 43  
ASN CA  HA   sing N N 44  
ASN C   O    doub N N 45  
ASN C   OXT  sing N N 46  
ASN CB  CG   sing N N 47  
ASN CB  HB2  sing N N 48  
ASN CB  HB3  sing N N 49  
ASN CG  OD1  doub N N 50  
ASN CG  ND2  sing N N 51  
ASN ND2 HD21 sing N N 52  
ASN ND2 HD22 sing N N 53  
ASN OXT HXT  sing N N 54  
ASP N   CA   sing N N 55  
ASP N   H    sing N N 56  
ASP N   H2   sing N N 57  
ASP CA  C    sing N N 58  
ASP CA  CB   sing N N 59  
ASP CA  HA   sing N N 60  
ASP C   O    doub N N 61  
ASP C   OXT  sing N N 62  
ASP CB  CG   sing N N 63  
ASP CB  HB2  sing N N 64  
ASP CB  HB3  sing N N 65  
ASP CG  OD1  doub N N 66  
ASP CG  OD2  sing N N 67  
ASP OD2 HD2  sing N N 68  
ASP OXT HXT  sing N N 69  
CYS N   CA   sing N N 70  
CYS N   H    sing N N 71  
CYS N   H2   sing N N 72  
CYS CA  C    sing N N 73  
CYS CA  CB   sing N N 74  
CYS CA  HA   sing N N 75  
CYS C   O    doub N N 76  
CYS C   OXT  sing N N 77  
CYS CB  SG   sing N N 78  
CYS CB  HB2  sing N N 79  
CYS CB  HB3  sing N N 80  
CYS SG  HG   sing N N 81  
CYS OXT HXT  sing N N 82  
GLN N   CA   sing N N 83  
GLN N   H    sing N N 84  
GLN N   H2   sing N N 85  
GLN CA  C    sing N N 86  
GLN CA  CB   sing N N 87  
GLN CA  HA   sing N N 88  
GLN C   O    doub N N 89  
GLN C   OXT  sing N N 90  
GLN CB  CG   sing N N 91  
GLN CB  HB2  sing N N 92  
GLN CB  HB3  sing N N 93  
GLN CG  CD   sing N N 94  
GLN CG  HG2  sing N N 95  
GLN CG  HG3  sing N N 96  
GLN CD  OE1  doub N N 97  
GLN CD  NE2  sing N N 98  
GLN NE2 HE21 sing N N 99  
GLN NE2 HE22 sing N N 100 
GLN OXT HXT  sing N N 101 
GLU N   CA   sing N N 102 
GLU N   H    sing N N 103 
GLU N   H2   sing N N 104 
GLU CA  C    sing N N 105 
GLU CA  CB   sing N N 106 
GLU CA  HA   sing N N 107 
GLU C   O    doub N N 108 
GLU C   OXT  sing N N 109 
GLU CB  CG   sing N N 110 
GLU CB  HB2  sing N N 111 
GLU CB  HB3  sing N N 112 
GLU CG  CD   sing N N 113 
GLU CG  HG2  sing N N 114 
GLU CG  HG3  sing N N 115 
GLU CD  OE1  doub N N 116 
GLU CD  OE2  sing N N 117 
GLU OE2 HE2  sing N N 118 
GLU OXT HXT  sing N N 119 
GLY N   CA   sing N N 120 
GLY N   H    sing N N 121 
GLY N   H2   sing N N 122 
GLY CA  C    sing N N 123 
GLY CA  HA2  sing N N 124 
GLY CA  HA3  sing N N 125 
GLY C   O    doub N N 126 
GLY C   OXT  sing N N 127 
GLY OXT HXT  sing N N 128 
HIS N   CA   sing N N 129 
HIS N   H    sing N N 130 
HIS N   H2   sing N N 131 
HIS CA  C    sing N N 132 
HIS CA  CB   sing N N 133 
HIS CA  HA   sing N N 134 
HIS C   O    doub N N 135 
HIS C   OXT  sing N N 136 
HIS CB  CG   sing N N 137 
HIS CB  HB2  sing N N 138 
HIS CB  HB3  sing N N 139 
HIS CG  ND1  sing Y N 140 
HIS CG  CD2  doub Y N 141 
HIS ND1 CE1  doub Y N 142 
HIS ND1 HD1  sing N N 143 
HIS CD2 NE2  sing Y N 144 
HIS CD2 HD2  sing N N 145 
HIS CE1 NE2  sing Y N 146 
HIS CE1 HE1  sing N N 147 
HIS NE2 HE2  sing N N 148 
HIS OXT HXT  sing N N 149 
ILE N   CA   sing N N 150 
ILE N   H    sing N N 151 
ILE N   H2   sing N N 152 
ILE CA  C    sing N N 153 
ILE CA  CB   sing N N 154 
ILE CA  HA   sing N N 155 
ILE C   O    doub N N 156 
ILE C   OXT  sing N N 157 
ILE CB  CG1  sing N N 158 
ILE CB  CG2  sing N N 159 
ILE CB  HB   sing N N 160 
ILE CG1 CD1  sing N N 161 
ILE CG1 HG12 sing N N 162 
ILE CG1 HG13 sing N N 163 
ILE CG2 HG21 sing N N 164 
ILE CG2 HG22 sing N N 165 
ILE CG2 HG23 sing N N 166 
ILE CD1 HD11 sing N N 167 
ILE CD1 HD12 sing N N 168 
ILE CD1 HD13 sing N N 169 
ILE OXT HXT  sing N N 170 
LEU N   CA   sing N N 171 
LEU N   H    sing N N 172 
LEU N   H2   sing N N 173 
LEU CA  C    sing N N 174 
LEU CA  CB   sing N N 175 
LEU CA  HA   sing N N 176 
LEU C   O    doub N N 177 
LEU C   OXT  sing N N 178 
LEU CB  CG   sing N N 179 
LEU CB  HB2  sing N N 180 
LEU CB  HB3  sing N N 181 
LEU CG  CD1  sing N N 182 
LEU CG  CD2  sing N N 183 
LEU CG  HG   sing N N 184 
LEU CD1 HD11 sing N N 185 
LEU CD1 HD12 sing N N 186 
LEU CD1 HD13 sing N N 187 
LEU CD2 HD21 sing N N 188 
LEU CD2 HD22 sing N N 189 
LEU CD2 HD23 sing N N 190 
LEU OXT HXT  sing N N 191 
LYS N   CA   sing N N 192 
LYS N   H    sing N N 193 
LYS N   H2   sing N N 194 
LYS CA  C    sing N N 195 
LYS CA  CB   sing N N 196 
LYS CA  HA   sing N N 197 
LYS C   O    doub N N 198 
LYS C   OXT  sing N N 199 
LYS CB  CG   sing N N 200 
LYS CB  HB2  sing N N 201 
LYS CB  HB3  sing N N 202 
LYS CG  CD   sing N N 203 
LYS CG  HG2  sing N N 204 
LYS CG  HG3  sing N N 205 
LYS CD  CE   sing N N 206 
LYS CD  HD2  sing N N 207 
LYS CD  HD3  sing N N 208 
LYS CE  NZ   sing N N 209 
LYS CE  HE2  sing N N 210 
LYS CE  HE3  sing N N 211 
LYS NZ  HZ1  sing N N 212 
LYS NZ  HZ2  sing N N 213 
LYS NZ  HZ3  sing N N 214 
LYS OXT HXT  sing N N 215 
MET N   CA   sing N N 216 
MET N   H    sing N N 217 
MET N   H2   sing N N 218 
MET CA  C    sing N N 219 
MET CA  CB   sing N N 220 
MET CA  HA   sing N N 221 
MET C   O    doub N N 222 
MET C   OXT  sing N N 223 
MET CB  CG   sing N N 224 
MET CB  HB2  sing N N 225 
MET CB  HB3  sing N N 226 
MET CG  SD   sing N N 227 
MET CG  HG2  sing N N 228 
MET CG  HG3  sing N N 229 
MET SD  CE   sing N N 230 
MET CE  HE1  sing N N 231 
MET CE  HE2  sing N N 232 
MET CE  HE3  sing N N 233 
MET OXT HXT  sing N N 234 
PHE N   CA   sing N N 235 
PHE N   H    sing N N 236 
PHE N   H2   sing N N 237 
PHE CA  C    sing N N 238 
PHE CA  CB   sing N N 239 
PHE CA  HA   sing N N 240 
PHE C   O    doub N N 241 
PHE C   OXT  sing N N 242 
PHE CB  CG   sing N N 243 
PHE CB  HB2  sing N N 244 
PHE CB  HB3  sing N N 245 
PHE CG  CD1  doub Y N 246 
PHE CG  CD2  sing Y N 247 
PHE CD1 CE1  sing Y N 248 
PHE CD1 HD1  sing N N 249 
PHE CD2 CE2  doub Y N 250 
PHE CD2 HD2  sing N N 251 
PHE CE1 CZ   doub Y N 252 
PHE CE1 HE1  sing N N 253 
PHE CE2 CZ   sing Y N 254 
PHE CE2 HE2  sing N N 255 
PHE CZ  HZ   sing N N 256 
PHE OXT HXT  sing N N 257 
PRO N   CA   sing N N 258 
PRO N   CD   sing N N 259 
PRO N   H    sing N N 260 
PRO CA  C    sing N N 261 
PRO CA  CB   sing N N 262 
PRO CA  HA   sing N N 263 
PRO C   O    doub N N 264 
PRO C   OXT  sing N N 265 
PRO CB  CG   sing N N 266 
PRO CB  HB2  sing N N 267 
PRO CB  HB3  sing N N 268 
PRO CG  CD   sing N N 269 
PRO CG  HG2  sing N N 270 
PRO CG  HG3  sing N N 271 
PRO CD  HD2  sing N N 272 
PRO CD  HD3  sing N N 273 
PRO OXT HXT  sing N N 274 
SER N   CA   sing N N 275 
SER N   H    sing N N 276 
SER N   H2   sing N N 277 
SER CA  C    sing N N 278 
SER CA  CB   sing N N 279 
SER CA  HA   sing N N 280 
SER C   O    doub N N 281 
SER C   OXT  sing N N 282 
SER CB  OG   sing N N 283 
SER CB  HB2  sing N N 284 
SER CB  HB3  sing N N 285 
SER OG  HG   sing N N 286 
SER OXT HXT  sing N N 287 
THR N   CA   sing N N 288 
THR N   H    sing N N 289 
THR N   H2   sing N N 290 
THR CA  C    sing N N 291 
THR CA  CB   sing N N 292 
THR CA  HA   sing N N 293 
THR C   O    doub N N 294 
THR C   OXT  sing N N 295 
THR CB  OG1  sing N N 296 
THR CB  CG2  sing N N 297 
THR CB  HB   sing N N 298 
THR OG1 HG1  sing N N 299 
THR CG2 HG21 sing N N 300 
THR CG2 HG22 sing N N 301 
THR CG2 HG23 sing N N 302 
THR OXT HXT  sing N N 303 
TRP N   CA   sing N N 304 
TRP N   H    sing N N 305 
TRP N   H2   sing N N 306 
TRP CA  C    sing N N 307 
TRP CA  CB   sing N N 308 
TRP CA  HA   sing N N 309 
TRP C   O    doub N N 310 
TRP C   OXT  sing N N 311 
TRP CB  CG   sing N N 312 
TRP CB  HB2  sing N N 313 
TRP CB  HB3  sing N N 314 
TRP CG  CD1  doub Y N 315 
TRP CG  CD2  sing Y N 316 
TRP CD1 NE1  sing Y N 317 
TRP CD1 HD1  sing N N 318 
TRP CD2 CE2  doub Y N 319 
TRP CD2 CE3  sing Y N 320 
TRP NE1 CE2  sing Y N 321 
TRP NE1 HE1  sing N N 322 
TRP CE2 CZ2  sing Y N 323 
TRP CE3 CZ3  doub Y N 324 
TRP CE3 HE3  sing N N 325 
TRP CZ2 CH2  doub Y N 326 
TRP CZ2 HZ2  sing N N 327 
TRP CZ3 CH2  sing Y N 328 
TRP CZ3 HZ3  sing N N 329 
TRP CH2 HH2  sing N N 330 
TRP OXT HXT  sing N N 331 
TYR N   CA   sing N N 332 
TYR N   H    sing N N 333 
TYR N   H2   sing N N 334 
TYR CA  C    sing N N 335 
TYR CA  CB   sing N N 336 
TYR CA  HA   sing N N 337 
TYR C   O    doub N N 338 
TYR C   OXT  sing N N 339 
TYR CB  CG   sing N N 340 
TYR CB  HB2  sing N N 341 
TYR CB  HB3  sing N N 342 
TYR CG  CD1  doub Y N 343 
TYR CG  CD2  sing Y N 344 
TYR CD1 CE1  sing Y N 345 
TYR CD1 HD1  sing N N 346 
TYR CD2 CE2  doub Y N 347 
TYR CD2 HD2  sing N N 348 
TYR CE1 CZ   doub Y N 349 
TYR CE1 HE1  sing N N 350 
TYR CE2 CZ   sing Y N 351 
TYR CE2 HE2  sing N N 352 
TYR CZ  OH   sing N N 353 
TYR OH  HH   sing N N 354 
TYR OXT HXT  sing N N 355 
VAL N   CA   sing N N 356 
VAL N   H    sing N N 357 
VAL N   H2   sing N N 358 
VAL CA  C    sing N N 359 
VAL CA  CB   sing N N 360 
VAL CA  HA   sing N N 361 
VAL C   O    doub N N 362 
VAL C   OXT  sing N N 363 
VAL CB  CG1  sing N N 364 
VAL CB  CG2  sing N N 365 
VAL CB  HB   sing N N 366 
VAL CG1 HG11 sing N N 367 
VAL CG1 HG12 sing N N 368 
VAL CG1 HG13 sing N N 369 
VAL CG2 HG21 sing N N 370 
VAL CG2 HG22 sing N N 371 
VAL CG2 HG23 sing N N 372 
VAL OXT HXT  sing N N 373 
# 
_atom_sites.entry_id                    4YX5 
_atom_sites.fract_transf_matrix[1][1]   -0.00154281 
_atom_sites.fract_transf_matrix[1][2]   0.01512852 
_atom_sites.fract_transf_matrix[1][3]   -0.00002242 
_atom_sites.fract_transf_matrix[2][1]   -0.00749363 
_atom_sites.fract_transf_matrix[2][2]   -0.00078378 
_atom_sites.fract_transf_matrix[2][3]   -0.01320924 
_atom_sites.fract_transf_matrix[3][1]   -0.00903544 
_atom_sites.fract_transf_matrix[3][2]   -0.00091376 
_atom_sites.fract_transf_matrix[3][3]   0.00518005 
_atom_sites.fract_transf_vector[1]      -0.292242 
_atom_sites.fract_transf_vector[2]      -0.147084 
_atom_sites.fract_transf_vector[3]      -0.109556 
# 
loop_
_atom_type.symbol 
C  
CL 
N  
O  
S  
# 
loop_
_atom_site.group_PDB 
_atom_site.id 
_atom_site.type_symbol 
_atom_site.label_atom_id 
_atom_site.label_alt_id 
_atom_site.label_comp_id 
_atom_site.label_asym_id 
_atom_site.label_entity_id 
_atom_site.label_seq_id 
_atom_site.pdbx_PDB_ins_code 
_atom_site.Cartn_x 
_atom_site.Cartn_y 
_atom_site.Cartn_z 
_atom_site.occupancy 
_atom_site.B_iso_or_equiv 
_atom_site.pdbx_formal_charge 
_atom_site.auth_seq_id 
_atom_site.auth_comp_id 
_atom_site.auth_asym_id 
_atom_site.auth_atom_id 
_atom_site.pdbx_PDB_model_num 
ATOM   1    N  N   . PRO A 1 5  ? 27.196  -6.261  6.852   1.00 82.17  ? 5   PRO A N   1 
ATOM   2    C  CA  . PRO A 1 5  ? 28.138  -5.788  5.834   1.00 71.71  ? 5   PRO A CA  1 
ATOM   3    C  C   . PRO A 1 5  ? 27.628  -4.679  4.897   1.00 84.11  ? 5   PRO A C   1 
ATOM   4    O  O   . PRO A 1 5  ? 28.327  -4.391  3.924   1.00 95.07  ? 5   PRO A O   1 
ATOM   5    C  CB  . PRO A 1 5  ? 28.432  -7.069  5.045   1.00 63.36  ? 5   PRO A CB  1 
ATOM   6    C  CG  . PRO A 1 5  ? 28.246  -8.220  6.108   1.00 61.95  ? 5   PRO A CG  1 
ATOM   7    C  CD  . PRO A 1 5  ? 27.563  -7.616  7.323   1.00 60.75  ? 5   PRO A CD  1 
ATOM   8    N  N   . LYS A 1 6  ? 26.468  -4.079  5.178   1.00 80.29  ? 6   LYS A N   1 
ATOM   9    C  CA  . LYS A 1 6  ? 25.964  -2.918  4.418   1.00 79.59  ? 6   LYS A CA  1 
ATOM   10   C  C   . LYS A 1 6  ? 25.573  -3.221  2.958   1.00 88.08  ? 6   LYS A C   1 
ATOM   11   O  O   . LYS A 1 6  ? 25.553  -2.338  2.095   1.00 85.27  ? 6   LYS A O   1 
ATOM   12   C  CB  . LYS A 1 6  ? 26.997  -1.790  4.448   1.00 87.70  ? 6   LYS A CB  1 
ATOM   13   N  N   . MET A 1 7  ? 25.280  -4.491  2.697   1.00 98.32  ? 7   MET A N   1 
ATOM   14   C  CA  . MET A 1 7  ? 24.641  -4.957  1.462   1.00 87.96  ? 7   MET A CA  1 
ATOM   15   C  C   . MET A 1 7  ? 23.167  -5.211  1.772   1.00 90.87  ? 7   MET A C   1 
ATOM   16   O  O   . MET A 1 7  ? 22.512  -6.094  1.194   1.00 78.10  ? 7   MET A O   1 
ATOM   17   C  CB  . MET A 1 7  ? 25.294  -6.245  0.965   1.00 84.33  ? 7   MET A CB  1 
ATOM   18   C  CG  . MET A 1 7  ? 25.309  -7.364  2.033   1.00 87.93  ? 7   MET A CG  1 
ATOM   19   S  SD  . MET A 1 7  ? 25.471  -9.076  1.430   1.00 91.53  ? 7   MET A SD  1 
ATOM   20   C  CE  . MET A 1 7  ? 26.757  -8.853  0.191   1.00 92.71  ? 7   MET A CE  1 
ATOM   21   N  N   . LEU A 1 8  ? 22.659  -4.444  2.727   1.00 91.80  ? 8   LEU A N   1 
ATOM   22   C  CA  . LEU A 1 8  ? 21.358  -4.716  3.302   1.00 76.62  ? 8   LEU A CA  1 
ATOM   23   C  C   . LEU A 1 8  ? 20.234  -4.035  2.536   1.00 71.98  ? 8   LEU A C   1 
ATOM   24   O  O   . LEU A 1 8  ? 20.449  -2.993  1.906   1.00 70.05  ? 8   LEU A O   1 
ATOM   25   C  CB  . LEU A 1 8  ? 21.345  -4.271  4.753   1.00 80.96  ? 8   LEU A CB  1 
ATOM   26   C  CG  . LEU A 1 8  ? 22.340  -5.019  5.634   1.00 72.64  ? 8   LEU A CG  1 
ATOM   27   C  CD1 . LEU A 1 8  ? 22.590  -4.221  6.892   1.00 65.52  ? 8   LEU A CD1 1 
ATOM   28   C  CD2 . LEU A 1 8  ? 21.818  -6.405  5.979   1.00 65.29  ? 8   LEU A CD2 1 
ATOM   29   N  N   . ARG A 1 9  ? 19.046  -4.638  2.588   1.00 69.03  ? 9   ARG A N   1 
ATOM   30   C  CA  . ARG A 1 9  ? 17.843  -4.039  2.017   1.00 67.05  ? 9   ARG A CA  1 
ATOM   31   C  C   . ARG A 1 9  ? 16.702  -4.092  3.016   1.00 56.76  ? 9   ARG A C   1 
ATOM   32   O  O   . ARG A 1 9  ? 16.632  -5.004  3.828   1.00 53.81  ? 9   ARG A O   1 
ATOM   33   C  CB  . ARG A 1 9  ? 17.412  -4.748  0.735   1.00 63.46  ? 9   ARG A CB  1 
ATOM   34   C  CG  . ARG A 1 9  ? 18.456  -4.897  -0.382  1.00 70.03  ? 9   ARG A CG  1 
ATOM   35   C  CD  . ARG A 1 9  ? 18.952  -3.587  -0.972  1.00 59.40  ? 9   ARG A CD  1 
ATOM   36   N  NE  . ARG A 1 9  ? 20.364  -3.460  -0.620  1.00 82.44  ? 9   ARG A NE  1 
ATOM   37   C  CZ  . ARG A 1 9  ? 21.376  -3.530  -1.478  1.00 75.95  ? 9   ARG A CZ  1 
ATOM   38   N  NH1 . ARG A 1 9  ? 21.142  -3.672  -2.777  1.00 62.38  ? 9   ARG A NH1 1 
ATOM   39   N  NH2 . ARG A 1 9  ? 22.626  -3.421  -1.028  1.00 84.42  ? 9   ARG A NH2 1 
ATOM   40   N  N   . TRP A 1 10 ? 15.804  -3.112  2.944   1.00 64.63  ? 10  TRP A N   1 
ATOM   41   C  CA  . TRP A 1 10 ? 14.535  -3.148  3.700   1.00 66.32  ? 10  TRP A CA  1 
ATOM   42   C  C   . TRP A 1 10 ? 13.353  -3.004  2.758   1.00 56.33  ? 10  TRP A C   1 
ATOM   43   O  O   . TRP A 1 10 ? 13.324  -2.083  1.949   1.00 63.08  ? 10  TRP A O   1 
ATOM   44   C  CB  . TRP A 1 10 ? 14.486  -2.046  4.757   1.00 62.74  ? 10  TRP A CB  1 
ATOM   45   C  CG  . TRP A 1 10 ? 15.526  -2.215  5.783   1.00 61.75  ? 10  TRP A CG  1 
ATOM   46   C  CD1 . TRP A 1 10 ? 15.379  -2.799  6.995   1.00 65.80  ? 10  TRP A CD1 1 
ATOM   47   C  CD2 . TRP A 1 10 ? 16.897  -1.845  5.678   1.00 63.40  ? 10  TRP A CD2 1 
ATOM   48   N  NE1 . TRP A 1 10 ? 16.570  -2.795  7.674   1.00 73.95  ? 10  TRP A NE1 1 
ATOM   49   C  CE2 . TRP A 1 10 ? 17.529  -2.212  6.880   1.00 65.31  ? 10  TRP A CE2 1 
ATOM   50   C  CE3 . TRP A 1 10 ? 17.664  -1.231  4.683   1.00 68.21  ? 10  TRP A CE3 1 
ATOM   51   C  CZ2 . TRP A 1 10 ? 18.878  -1.996  7.124   1.00 60.09  ? 10  TRP A CZ2 1 
ATOM   52   C  CZ3 . TRP A 1 10 ? 19.007  -1.007  4.925   1.00 76.96  ? 10  TRP A CZ3 1 
ATOM   53   C  CH2 . TRP A 1 10 ? 19.601  -1.386  6.136   1.00 70.34  ? 10  TRP A CH2 1 
ATOM   54   N  N   . PRO A 1 11 ? 12.384  -3.924  2.837   1.00 45.62  ? 11  PRO A N   1 
ATOM   55   C  CA  . PRO A 1 11 ? 11.248  -3.821  1.919   1.00 53.49  ? 11  PRO A CA  1 
ATOM   56   C  C   . PRO A 1 11 ? 10.171  -2.886  2.451   1.00 50.37  ? 11  PRO A C   1 
ATOM   57   O  O   . PRO A 1 11 ? 9.614   -3.101  3.515   1.00 57.22  ? 11  PRO A O   1 
ATOM   58   C  CB  . PRO A 1 11 ? 10.750  -5.258  1.834   1.00 49.67  ? 11  PRO A CB  1 
ATOM   59   C  CG  . PRO A 1 11 ? 11.060  -5.817  3.166   1.00 54.67  ? 11  PRO A CG  1 
ATOM   60   C  CD  . PRO A 1 11 ? 12.358  -5.183  3.593   1.00 54.02  ? 11  PRO A CD  1 
ATOM   61   N  N   . LEU A 1 12 ? 9.890   -1.830  1.712   1.00 53.42  ? 12  LEU A N   1 
ATOM   62   C  CA  . LEU A 1 12 ? 8.917   -0.855  2.171   1.00 48.43  ? 12  LEU A CA  1 
ATOM   63   C  C   . LEU A 1 12 ? 7.613   -0.966  1.417   1.00 54.40  ? 12  LEU A C   1 
ATOM   64   O  O   . LEU A 1 12 ? 7.588   -1.162  0.195   1.00 58.05  ? 12  LEU A O   1 
ATOM   65   C  CB  . LEU A 1 12 ? 9.459   0.561   2.020   1.00 48.19  ? 12  LEU A CB  1 
ATOM   66   C  CG  . LEU A 1 12 ? 10.785  0.865   2.705   1.00 49.30  ? 12  LEU A CG  1 
ATOM   67   C  CD1 . LEU A 1 12 ? 11.075  2.326   2.538   1.00 54.33  ? 12  LEU A CD1 1 
ATOM   68   C  CD2 . LEU A 1 12 ? 10.771  0.489   4.174   1.00 47.96  ? 12  LEU A CD2 1 
ATOM   69   N  N   . ARG A 1 13 ? 6.527   -0.837  2.165   1.00 49.91  ? 13  ARG A N   1 
ATOM   70   C  CA  . ARG A 1 13 ? 5.202   -0.740  1.585   1.00 45.12  ? 13  ARG A CA  1 
ATOM   71   C  C   . ARG A 1 13 ? 4.630   0.659   1.793   1.00 47.94  ? 13  ARG A C   1 
ATOM   72   O  O   . ARG A 1 13 ? 4.604   1.175   2.911   1.00 49.09  ? 13  ARG A O   1 
ATOM   73   C  CB  . ARG A 1 13 ? 4.278   -1.779  2.209   1.00 46.33  ? 13  ARG A CB  1 
ATOM   74   C  CG  . ARG A 1 13 ? 4.314   -3.120  1.575   1.00 55.87  ? 13  ARG A CG  1 
ATOM   75   C  CD  . ARG A 1 13 ? 3.609   -4.144  2.443   1.00 60.26  ? 13  ARG A CD  1 
ATOM   76   N  NE  . ARG A 1 13 ? 4.281   -4.321  3.724   1.00 71.10  ? 13  ARG A NE  1 
ATOM   77   C  CZ  . ARG A 1 13 ? 3.679   -4.192  4.893   1.00 60.66  ? 13  ARG A CZ  1 
ATOM   78   N  NH1 . ARG A 1 13 ? 2.395   -3.897  4.930   1.00 59.25  ? 13  ARG A NH1 1 
ATOM   79   N  NH2 . ARG A 1 13 ? 4.350   -4.363  6.013   1.00 62.73  ? 13  ARG A NH2 1 
ATOM   80   N  N   . PHE A 1 14 ? 4.153   1.281   0.730   1.00 47.77  ? 14  PHE A N   1 
ATOM   81   C  CA  . PHE A 1 14 ? 3.394   2.511   0.914   1.00 50.92  ? 14  PHE A CA  1 
ATOM   82   C  C   . PHE A 1 14 ? 1.893   2.235   0.906   1.00 49.58  ? 14  PHE A C   1 
ATOM   83   O  O   . PHE A 1 14 ? 1.249   2.078   -0.133  1.00 49.14  ? 14  PHE A O   1 
ATOM   84   C  CB  . PHE A 1 14 ? 3.811   3.512   -0.131  1.00 50.51  ? 14  PHE A CB  1 
ATOM   85   C  CG  . PHE A 1 14 ? 5.235   3.896   0.004   1.00 49.87  ? 14  PHE A CG  1 
ATOM   86   C  CD1 . PHE A 1 14 ? 5.593   4.992   0.750   1.00 51.92  ? 14  PHE A CD1 1 
ATOM   87   C  CD2 . PHE A 1 14 ? 6.221   3.109   -0.547  1.00 54.82  ? 14  PHE A CD2 1 
ATOM   88   C  CE1 . PHE A 1 14 ? 6.902   5.318   0.910   1.00 55.80  ? 14  PHE A CE1 1 
ATOM   89   C  CE2 . PHE A 1 14 ? 7.531   3.431   -0.396  1.00 53.39  ? 14  PHE A CE2 1 
ATOM   90   C  CZ  . PHE A 1 14 ? 7.876   4.542   0.334   1.00 57.45  ? 14  PHE A CZ  1 
ATOM   91   N  N   . VAL A 1 15 ? 1.360   2.147   2.111   1.00 42.28  ? 15  VAL A N   1 
ATOM   92   C  CA  . VAL A 1 15 ? 0.008   1.688   2.322   1.00 48.25  ? 15  VAL A CA  1 
ATOM   93   C  C   . VAL A 1 15 ? -0.942  2.859   2.322   1.00 46.45  ? 15  VAL A C   1 
ATOM   94   O  O   . VAL A 1 15 ? -0.678  3.846   2.977   1.00 55.63  ? 15  VAL A O   1 
ATOM   95   C  CB  . VAL A 1 15 ? -0.094  0.922   3.643   1.00 47.88  ? 15  VAL A CB  1 
ATOM   96   C  CG1 . VAL A 1 15 ? -1.530  0.722   4.037   1.00 46.28  ? 15  VAL A CG1 1 
ATOM   97   C  CG2 . VAL A 1 15 ? 0.605   -0.394  3.509   1.00 45.49  ? 15  VAL A CG2 1 
ATOM   98   N  N   . ILE A 1 16 ? -2.024  2.764   1.559   1.00 44.56  ? 16  ILE A N   1 
ATOM   99   C  CA  . ILE A 1 16 ? -3.014  3.831   1.513   1.00 46.42  ? 16  ILE A CA  1 
ATOM   100  C  C   . ILE A 1 16 ? -4.304  3.385   2.189   1.00 52.46  ? 16  ILE A C   1 
ATOM   101  O  O   . ILE A 1 16 ? -5.206  4.187   2.402   1.00 53.48  ? 16  ILE A O   1 
ATOM   102  C  CB  . ILE A 1 16 ? -3.360  4.277   0.075   1.00 37.22  ? 16  ILE A CB  1 
ATOM   103  C  CG1 . ILE A 1 16 ? -4.124  3.188   -0.670  1.00 42.71  ? 16  ILE A CG1 1 
ATOM   104  C  CG2 . ILE A 1 16 ? -2.152  4.608   -0.695  1.00 44.92  ? 16  ILE A CG2 1 
ATOM   105  C  CD1 . ILE A 1 16 ? -4.266  3.491   -2.127  1.00 48.80  ? 16  ILE A CD1 1 
ATOM   106  N  N   . GLY A 1 17 ? -4.411  2.105   2.513   1.00 51.37  ? 17  GLY A N   1 
ATOM   107  C  CA  . GLY A 1 17 ? -5.600  1.670   3.199   1.00 47.61  ? 17  GLY A CA  1 
ATOM   108  C  C   . GLY A 1 17 ? -5.704  0.234   3.638   1.00 48.98  ? 17  GLY A C   1 
ATOM   109  O  O   . GLY A 1 17 ? -4.987  -0.643  3.189   1.00 56.74  ? 17  GLY A O   1 
ATOM   110  N  N   . SER A 1 18 ? -6.675  0.017   4.505   1.00 49.80  ? 18  SER A N   1 
ATOM   111  C  CA  . SER A 1 18 ? -6.916  -1.247  5.149   1.00 51.17  ? 18  SER A CA  1 
ATOM   112  C  C   . SER A 1 18 ? -8.409  -1.579  5.048   1.00 56.21  ? 18  SER A C   1 
ATOM   113  O  O   . SER A 1 18 ? -9.250  -0.682  4.992   1.00 53.99  ? 18  SER A O   1 
ATOM   114  C  CB  . SER A 1 18 ? -6.431  -1.163  6.607   1.00 62.55  ? 18  SER A CB  1 
ATOM   115  O  OG  . SER A 1 18 ? -7.247  -1.929  7.482   1.00 93.72  ? 18  SER A OG  1 
ATOM   116  N  N   . SER A 1 19 ? -8.738  -2.865  5.005   1.00 60.38  ? 19  SER A N   1 
ATOM   117  C  CA  . SER A 1 19 ? -10.132 -3.305  5.131   1.00 58.67  ? 19  SER A CA  1 
ATOM   118  C  C   . SER A 1 19 ? -10.222 -4.679  5.751   1.00 53.21  ? 19  SER A C   1 
ATOM   119  O  O   . SER A 1 19 ? -9.501  -5.574  5.360   1.00 62.77  ? 19  SER A O   1 
ATOM   120  C  CB  . SER A 1 19 ? -10.834 -3.311  3.781   1.00 52.52  ? 19  SER A CB  1 
ATOM   121  O  OG  . SER A 1 19 ? -11.413 -2.051  3.528   1.00 60.56  ? 19  SER A OG  1 
ATOM   122  N  N   . ASP A 1 20 ? -11.102 -4.849  6.726   1.00 62.61  ? 20  ASP A N   1 
ATOM   123  C  CA  . ASP A 1 20 ? -11.268 -6.153  7.370   1.00 63.73  ? 20  ASP A CA  1 
ATOM   124  C  C   . ASP A 1 20 ? -12.408 -6.933  6.701   1.00 61.43  ? 20  ASP A C   1 
ATOM   125  O  O   . ASP A 1 20 ? -13.560 -6.497  6.689   1.00 72.81  ? 20  ASP A O   1 
ATOM   126  C  CB  . ASP A 1 20 ? -11.510 -5.982  8.877   1.00 47.37  ? 20  ASP A CB  1 
ATOM   127  N  N   . THR A 1 21 ? -12.079 -8.078  6.118   1.00 57.16  ? 21  THR A N   1 
ATOM   128  C  CA  . THR A 1 21 ? -13.074 -8.899  5.436   1.00 64.18  ? 21  THR A CA  1 
ATOM   129  C  C   . THR A 1 21 ? -13.056 -10.340 5.927   1.00 83.04  ? 21  THR A C   1 
ATOM   130  O  O   . THR A 1 21 ? -12.316 -10.694 6.847   1.00 80.17  ? 21  THR A O   1 
ATOM   131  C  CB  . THR A 1 21 ? -12.869 -8.913  3.921   1.00 51.58  ? 21  THR A CB  1 
ATOM   132  N  N   . GLN A 1 22 ? -13.874 -11.171 5.293   1.00 89.32  ? 22  GLN A N   1 
ATOM   133  C  CA  . GLN A 1 22 ? -14.007 -12.561 5.697   1.00 92.81  ? 22  GLN A CA  1 
ATOM   134  C  C   . GLN A 1 22 ? -13.313 -13.434 4.662   1.00 81.95  ? 22  GLN A C   1 
ATOM   135  O  O   . GLN A 1 22 ? -13.693 -13.411 3.495   1.00 93.43  ? 22  GLN A O   1 
ATOM   136  C  CB  . GLN A 1 22 ? -15.490 -12.941 5.846   1.00 91.71  ? 22  GLN A CB  1 
ATOM   137  C  CG  . GLN A 1 22 ? -16.205 -12.154 6.949   1.00 98.90  ? 22  GLN A CG  1 
ATOM   138  C  CD  . GLN A 1 22 ? -17.675 -12.538 7.151   1.00 117.14 ? 22  GLN A CD  1 
ATOM   139  O  OE1 . GLN A 1 22 ? -17.992 -13.685 7.483   1.00 115.55 ? 22  GLN A OE1 1 
ATOM   140  N  NE2 . GLN A 1 22 ? -18.575 -11.565 6.970   1.00 101.56 ? 22  GLN A NE2 1 
ATOM   141  N  N   . ARG A 1 23 ? -12.320 -14.218 5.089   1.00 81.39  ? 23  ARG A N   1 
ATOM   142  C  CA  . ARG A 1 23 ? -11.513 -15.072 4.201   1.00 86.05  ? 23  ARG A CA  1 
ATOM   143  C  C   . ARG A 1 23 ? -12.345 -15.854 3.198   1.00 91.70  ? 23  ARG A C   1 
ATOM   144  O  O   . ARG A 1 23 ? -11.824 -16.435 2.250   1.00 89.39  ? 23  ARG A O   1 
ATOM   145  C  CB  . ARG A 1 23 ? -10.683 -16.062 5.022   1.00 79.64  ? 23  ARG A CB  1 
ATOM   146  N  N   . SER A 1 24 ? -13.647 -15.846 3.438   1.00 95.44  ? 24  SER A N   1 
ATOM   147  C  CA  . SER A 1 24 ? -14.620 -16.662 2.749   1.00 93.72  ? 24  SER A CA  1 
ATOM   148  C  C   . SER A 1 24 ? -15.398 -15.837 1.742   1.00 96.08  ? 24  SER A C   1 
ATOM   149  O  O   . SER A 1 24 ? -16.275 -16.342 1.051   1.00 105.69 ? 24  SER A O   1 
ATOM   150  C  CB  . SER A 1 24 ? -15.569 -17.277 3.774   1.00 96.74  ? 24  SER A CB  1 
ATOM   151  O  OG  . SER A 1 24 ? -14.879 -17.566 4.984   1.00 96.26  ? 24  SER A OG  1 
ATOM   152  N  N   . LEU A 1 25 ? -15.097 -14.551 1.666   1.00 96.08  ? 25  LEU A N   1 
ATOM   153  C  CA  . LEU A 1 25 ? -15.764 -13.719 0.678   1.00 98.11  ? 25  LEU A CA  1 
ATOM   154  C  C   . LEU A 1 25 ? -14.857 -13.492 -0.517  1.00 93.97  ? 25  LEU A C   1 
ATOM   155  O  O   . LEU A 1 25 ? -15.235 -12.881 -1.504  1.00 96.13  ? 25  LEU A O   1 
ATOM   156  C  CB  . LEU A 1 25 ? -16.217 -12.406 1.296   1.00 100.65 ? 25  LEU A CB  1 
ATOM   157  C  CG  . LEU A 1 25 ? -17.472 -12.622 2.139   1.00 107.61 ? 25  LEU A CG  1 
ATOM   158  C  CD1 . LEU A 1 25 ? -18.325 -11.354 2.197   1.00 111.61 ? 25  LEU A CD1 1 
ATOM   159  C  CD2 . LEU A 1 25 ? -18.291 -13.801 1.603   1.00 110.69 ? 25  LEU A CD2 1 
ATOM   160  N  N   . LEU A 1 26 ? -13.652 -14.017 -0.410  1.00 98.78  ? 26  LEU A N   1 
ATOM   161  C  CA  . LEU A 1 26 ? -12.784 -14.237 -1.553  1.00 99.12  ? 26  LEU A CA  1 
ATOM   162  C  C   . LEU A 1 26 ? -12.364 -15.700 -1.484  1.00 114.19 ? 26  LEU A C   1 
ATOM   163  O  O   . LEU A 1 26 ? -12.227 -16.235 -0.388  1.00 122.52 ? 26  LEU A O   1 
ATOM   164  C  CB  . LEU A 1 26 ? -11.603 -13.265 -1.517  1.00 81.20  ? 26  LEU A CB  1 
ATOM   165  C  CG  . LEU A 1 26 ? -10.933 -13.140 -0.146  1.00 78.80  ? 26  LEU A CG  1 
ATOM   166  C  CD1 . LEU A 1 26 ? -9.796  -14.126 0.066   1.00 95.76  ? 26  LEU A CD1 1 
ATOM   167  C  CD2 . LEU A 1 26 ? -10.488 -11.707 0.106   1.00 66.70  ? 26  LEU A CD2 1 
ATOM   168  N  N   . GLY A 1 27 ? -12.191 -16.366 -2.624  1.00 112.74 ? 27  GLY A N   1 
ATOM   169  C  CA  . GLY A 1 27 ? -12.337 -15.775 -3.937  1.00 100.18 ? 27  GLY A CA  1 
ATOM   170  C  C   . GLY A 1 27 ? -13.728 -15.878 -4.528  1.00 104.59 ? 27  GLY A C   1 
ATOM   171  O  O   . GLY A 1 27 ? -13.946 -16.565 -5.531  1.00 102.93 ? 27  GLY A O   1 
ATOM   172  N  N   . ARG A 1 28 ? -14.686 -15.229 -3.878  1.00 99.11  ? 28  ARG A N   1 
ATOM   173  C  CA  A ARG A 1 28 ? -15.948 -14.908 -4.529  0.51 97.48  ? 28  ARG A CA  1 
ATOM   174  C  CA  B ARG A 1 28 ? -15.945 -14.913 -4.529  0.49 97.46  ? 28  ARG A CA  1 
ATOM   175  C  C   . ARG A 1 28 ? -15.672 -13.680 -5.394  1.00 91.18  ? 28  ARG A C   1 
ATOM   176  O  O   . ARG A 1 28 ? -16.399 -13.387 -6.346  1.00 90.27  ? 28  ARG A O   1 
ATOM   177  C  CB  A ARG A 1 28 ? -17.075 -14.652 -3.511  0.51 92.67  ? 28  ARG A CB  1 
ATOM   178  C  CB  B ARG A 1 28 ? -17.058 -14.664 -3.504  0.49 92.57  ? 28  ARG A CB  1 
ATOM   179  C  CG  A ARG A 1 28 ? -18.294 -13.938 -4.105  0.51 91.90  ? 28  ARG A CG  1 
ATOM   180  C  CG  B ARG A 1 28 ? -18.463 -14.630 -4.093  0.49 91.40  ? 28  ARG A CG  1 
ATOM   181  C  CD  A ARG A 1 28 ? -19.547 -13.990 -3.237  0.51 92.00  ? 28  ARG A CD  1 
ATOM   182  C  CD  B ARG A 1 28 ? -19.518 -14.390 -3.018  0.49 92.77  ? 28  ARG A CD  1 
ATOM   183  N  NE  A ARG A 1 28 ? -20.600 -13.132 -3.783  0.51 80.21  ? 28  ARG A NE  1 
ATOM   184  N  NE  B ARG A 1 28 ? -19.539 -15.456 -2.018  0.49 96.49  ? 28  ARG A NE  1 
ATOM   185  C  CZ  A ARG A 1 28 ? -21.343 -13.438 -4.846  0.51 84.79  ? 28  ARG A CZ  1 
ATOM   186  C  CZ  B ARG A 1 28 ? -20.304 -16.540 -2.087  0.49 85.39  ? 28  ARG A CZ  1 
ATOM   187  N  NH1 A ARG A 1 28 ? -21.163 -14.586 -5.485  0.51 83.69  ? 28  ARG A NH1 1 
ATOM   188  N  NH1 B ARG A 1 28 ? -21.129 -16.712 -3.110  0.49 82.86  ? 28  ARG A NH1 1 
ATOM   189  N  NH2 A ARG A 1 28 ? -22.271 -12.595 -5.274  0.51 87.82  ? 28  ARG A NH2 1 
ATOM   190  N  NH2 B ARG A 1 28 ? -20.245 -17.449 -1.124  0.49 77.77  ? 28  ARG A NH2 1 
ATOM   191  N  N   . ILE A 1 29 ? -14.591 -12.979 -5.054  1.00 96.88  ? 29  ILE A N   1 
ATOM   192  C  CA  . ILE A 1 29 ? -14.136 -11.804 -5.788  1.00 94.39  ? 29  ILE A CA  1 
ATOM   193  C  C   . ILE A 1 29 ? -13.486 -12.168 -7.096  1.00 85.33  ? 29  ILE A C   1 
ATOM   194  O  O   . ILE A 1 29 ? -12.635 -13.050 -7.173  1.00 82.79  ? 29  ILE A O   1 
ATOM   195  C  CB  . ILE A 1 29 ? -13.109 -10.983 -5.010  1.00 86.98  ? 29  ILE A CB  1 
ATOM   196  C  CG1 . ILE A 1 29 ? -13.600 -10.706 -3.601  1.00 88.47  ? 29  ILE A CG1 1 
ATOM   197  C  CG2 . ILE A 1 29 ? -12.821 -9.679  -5.733  1.00 84.53  ? 29  ILE A CG2 1 
ATOM   198  C  CD1 . ILE A 1 29 ? -12.540 -10.096 -2.735  1.00 88.76  ? 29  ILE A CD1 1 
ATOM   199  N  N   . GLY A 1 30 ? -13.881 -11.458 -8.127  1.00 78.76  ? 30  GLY A N   1 
ATOM   200  C  CA  . GLY A 1 30 ? -13.232 -11.609 -9.397  1.00 83.87  ? 30  GLY A CA  1 
ATOM   201  C  C   . GLY A 1 30 ? -13.033 -10.231 -9.969  1.00 83.94  ? 30  GLY A C   1 
ATOM   202  O  O   . GLY A 1 30 ? -13.397 -9.221  -9.355  1.00 81.71  ? 30  GLY A O   1 
ATOM   203  N  N   . ILE A 1 31 ? -12.468 -10.211 -11.166 1.00 80.50  ? 31  ILE A N   1 
ATOM   204  C  CA  . ILE A 1 31 ? -12.186 -8.994  -11.910 1.00 76.02  ? 31  ILE A CA  1 
ATOM   205  C  C   . ILE A 1 31 ? -13.417 -8.147  -12.206 1.00 68.55  ? 31  ILE A C   1 
ATOM   206  O  O   . ILE A 1 31 ? -14.435 -8.660  -12.662 1.00 83.81  ? 31  ILE A O   1 
ATOM   207  C  CB  . ILE A 1 31 ? -11.485 -9.358  -13.223 1.00 75.70  ? 31  ILE A CB  1 
ATOM   208  C  CG1 . ILE A 1 31 ? -10.328 -10.327 -12.915 1.00 71.23  ? 31  ILE A CG1 1 
ATOM   209  C  CG2 . ILE A 1 31 ? -11.061 -8.107  -13.962 1.00 62.97  ? 31  ILE A CG2 1 
ATOM   210  C  CD1 . ILE A 1 31 ? -9.467  -10.687 -14.092 1.00 81.93  ? 31  ILE A CD1 1 
ATOM   211  N  N   . GLY A 1 32 ? -13.313 -6.847  -11.945 1.00 74.59  ? 32  GLY A N   1 
ATOM   212  C  CA  . GLY A 1 32 ? -14.413 -5.913  -12.154 1.00 64.34  ? 32  GLY A CA  1 
ATOM   213  C  C   . GLY A 1 32 ? -15.064 -5.493  -10.851 1.00 61.13  ? 32  GLY A C   1 
ATOM   214  O  O   . GLY A 1 32 ? -15.693 -4.435  -10.759 1.00 58.59  ? 32  GLY A O   1 
ATOM   215  N  N   . ASP A 1 33 ? -14.912 -6.342  -9.839  1.00 69.02  ? 33  ASP A N   1 
ATOM   216  C  CA  . ASP A 1 33 ? -15.441 -6.063  -8.512  1.00 73.48  ? 33  ASP A CA  1 
ATOM   217  C  C   . ASP A 1 33 ? -14.649 -4.953  -7.861  1.00 64.31  ? 33  ASP A C   1 
ATOM   218  O  O   . ASP A 1 33 ? -13.453 -4.834  -8.059  1.00 64.53  ? 33  ASP A O   1 
ATOM   219  C  CB  . ASP A 1 33 ? -15.418 -7.318  -7.639  1.00 69.25  ? 33  ASP A CB  1 
ATOM   220  C  CG  . ASP A 1 33 ? -16.437 -8.350  -8.083  1.00 99.58  ? 33  ASP A CG  1 
ATOM   221  O  OD1 . ASP A 1 33 ? -17.530 -7.951  -8.556  1.00 100.15 ? 33  ASP A OD1 1 
ATOM   222  O  OD2 . ASP A 1 33 ? -16.151 -9.560  -7.948  1.00 110.25 ? 33  ASP A OD2 1 
ATOM   223  N  N   . VAL A 1 34 ? -15.325 -4.118  -7.093  1.00 61.90  ? 34  VAL A N   1 
ATOM   224  C  CA  . VAL A 1 34 ? -14.639 -3.056  -6.396  1.00 49.81  ? 34  VAL A CA  1 
ATOM   225  C  C   . VAL A 1 34 ? -14.485 -3.481  -4.947  1.00 56.48  ? 34  VAL A C   1 
ATOM   226  O  O   . VAL A 1 34 ? -15.455 -3.873  -4.325  1.00 59.54  ? 34  VAL A O   1 
ATOM   227  C  CB  . VAL A 1 34 ? -15.401 -1.731  -6.503  1.00 49.32  ? 34  VAL A CB  1 
ATOM   228  C  CG1 . VAL A 1 34 ? -15.059 -0.802  -5.362  1.00 54.77  ? 34  VAL A CG1 1 
ATOM   229  C  CG2 . VAL A 1 34 ? -15.124 -1.078  -7.842  1.00 57.20  ? 34  VAL A CG2 1 
ATOM   230  N  N   . LEU A 1 35 ? -13.257 -3.448  -4.426  1.00 55.15  ? 35  LEU A N   1 
ATOM   231  C  CA  . LEU A 1 35 ? -13.026 -3.612  -2.996  1.00 49.12  ? 35  LEU A CA  1 
ATOM   232  C  C   . LEU A 1 35 ? -12.889 -2.245  -2.337  1.00 47.41  ? 35  LEU A C   1 
ATOM   233  O  O   . LEU A 1 35 ? -12.165 -1.396  -2.819  1.00 54.26  ? 35  LEU A O   1 
ATOM   234  C  CB  . LEU A 1 35 ? -11.787 -4.445  -2.726  1.00 54.14  ? 35  LEU A CB  1 
ATOM   235  C  CG  . LEU A 1 35 ? -11.689 -5.773  -3.466  1.00 59.94  ? 35  LEU A CG  1 
ATOM   236  C  CD1 . LEU A 1 35 ? -10.573 -6.633  -2.885  1.00 55.62  ? 35  LEU A CD1 1 
ATOM   237  C  CD2 . LEU A 1 35 ? -13.004 -6.475  -3.382  1.00 66.95  ? 35  LEU A CD2 1 
ATOM   238  N  N   . LEU A 1 36 ? -13.608 -2.023  -1.247  1.00 55.98  ? 36  LEU A N   1 
ATOM   239  C  CA  . LEU A 1 36 ? -13.629 -0.709  -0.636  1.00 50.93  ? 36  LEU A CA  1 
ATOM   240  C  C   . LEU A 1 36 ? -12.593 -0.582  0.471   1.00 54.51  ? 36  LEU A C   1 
ATOM   241  O  O   . LEU A 1 36 ? -12.310 -1.529  1.202   1.00 56.03  ? 36  LEU A O   1 
ATOM   242  C  CB  . LEU A 1 36 ? -15.015 -0.402  -0.088  1.00 55.78  ? 36  LEU A CB  1 
ATOM   243  C  CG  . LEU A 1 36 ? -16.207 -0.076  -0.993  1.00 59.97  ? 36  LEU A CG  1 
ATOM   244  C  CD1 . LEU A 1 36 ? -17.404 0.232   -0.095  1.00 62.58  ? 36  LEU A CD1 1 
ATOM   245  C  CD2 . LEU A 1 36 ? -15.950 1.086   -1.961  1.00 51.16  ? 36  LEU A CD2 1 
ATOM   246  N  N   . ILE A 1 37 ? -12.019 0.604   0.577   1.00 52.29  ? 37  ILE A N   1 
ATOM   247  C  CA  . ILE A 1 37 ? -11.071 0.908   1.631   1.00 56.86  ? 37  ILE A CA  1 
ATOM   248  C  C   . ILE A 1 37 ? -11.841 1.481   2.819   1.00 58.85  ? 37  ILE A C   1 
ATOM   249  O  O   . ILE A 1 37 ? -12.228 2.651   2.813   1.00 51.53  ? 37  ILE A O   1 
ATOM   250  C  CB  . ILE A 1 37 ? -9.998  1.928   1.164   1.00 54.88  ? 37  ILE A CB  1 
ATOM   251  C  CG1 . ILE A 1 37 ? -9.328  1.459   -0.117  1.00 53.11  ? 37  ILE A CG1 1 
ATOM   252  C  CG2 . ILE A 1 37 ? -8.943  2.136   2.233   1.00 55.09  ? 37  ILE A CG2 1 
ATOM   253  C  CD1 . ILE A 1 37 ? -8.721  2.572   -0.870  1.00 50.98  ? 37  ILE A CD1 1 
ATOM   254  N  N   . ARG A 1 38 ? -12.052 0.651   3.834   1.00 58.82  ? 38  ARG A N   1 
ATOM   255  C  CA  A ARG A 1 38 ? -12.810 1.060   5.007   0.49 64.48  ? 38  ARG A CA  1 
ATOM   256  C  CA  B ARG A 1 38 ? -12.808 1.063   5.006   0.51 66.41  ? 38  ARG A CA  1 
ATOM   257  C  C   . ARG A 1 38 ? -11.972 1.940   5.940   1.00 60.77  ? 38  ARG A C   1 
ATOM   258  O  O   . ARG A 1 38 ? -12.474 2.905   6.506   1.00 64.64  ? 38  ARG A O   1 
ATOM   259  C  CB  A ARG A 1 38 ? -13.342 -0.173  5.750   0.49 73.20  ? 38  ARG A CB  1 
ATOM   260  C  CB  B ARG A 1 38 ? -13.336 -0.167  5.747   0.51 72.23  ? 38  ARG A CB  1 
ATOM   261  C  CG  A ARG A 1 38 ? -14.876 -0.320  5.689   0.49 74.77  ? 38  ARG A CG  1 
ATOM   262  C  CG  B ARG A 1 38 ? -14.209 -1.083  4.883   0.51 72.56  ? 38  ARG A CG  1 
ATOM   263  C  CD  A ARG A 1 38 ? -15.316 -1.758  5.378   0.49 73.71  ? 38  ARG A CD  1 
ATOM   264  C  CD  B ARG A 1 38 ? -15.347 -0.330  4.171   0.51 71.09  ? 38  ARG A CD  1 
ATOM   265  N  NE  A ARG A 1 38 ? -15.148 -2.661  6.515   0.49 75.62  ? 38  ARG A NE  1 
ATOM   266  N  NE  B ARG A 1 38 ? -16.414 0.109   5.071   0.51 68.25  ? 38  ARG A NE  1 
ATOM   267  C  CZ  A ARG A 1 38 ? -15.224 -3.986  6.439   0.49 76.49  ? 38  ARG A CZ  1 
ATOM   268  C  CZ  B ARG A 1 38 ? -17.306 -0.708  5.621   0.51 72.39  ? 38  ARG A CZ  1 
ATOM   269  N  NH1 A ARG A 1 38 ? -15.452 -4.578  5.272   0.49 77.40  ? 38  ARG A NH1 1 
ATOM   270  N  NH1 B ARG A 1 38 ? -17.255 -2.010  5.378   0.51 68.35  ? 38  ARG A NH1 1 
ATOM   271  N  NH2 A ARG A 1 38 ? -15.059 -4.723  7.531   0.49 73.55  ? 38  ARG A NH2 1 
ATOM   272  N  NH2 B ARG A 1 38 ? -18.245 -0.224  6.427   0.51 78.54  ? 38  ARG A NH2 1 
ATOM   273  N  N   . THR A 1 39 ? -10.696 1.605   6.092   1.00 61.98  ? 39  THR A N   1 
ATOM   274  C  CA  . THR A 1 39 ? -9.769  2.409   6.896   1.00 58.86  ? 39  THR A CA  1 
ATOM   275  C  C   . THR A 1 39 ? -8.736  3.119   6.004   1.00 54.08  ? 39  THR A C   1 
ATOM   276  O  O   . THR A 1 39 ? -8.002  2.487   5.263   1.00 54.21  ? 39  THR A O   1 
ATOM   277  C  CB  . THR A 1 39 ? -9.037  1.545   7.935   1.00 55.99  ? 39  THR A CB  1 
ATOM   278  O  OG1 . THR A 1 39 ? -9.987  0.952   8.822   1.00 74.41  ? 39  THR A OG1 1 
ATOM   279  C  CG2 . THR A 1 39 ? -8.093  2.383   8.733   1.00 61.68  ? 39  THR A CG2 1 
ATOM   280  N  N   . SER A 1 40 ? -8.667  4.435   6.074   1.00 49.94  ? 40  SER A N   1 
ATOM   281  C  CA  . SER A 1 40 ? -7.821  5.143   5.143   1.00 48.05  ? 40  SER A CA  1 
ATOM   282  C  C   . SER A 1 40 ? -6.575  5.703   5.810   1.00 58.98  ? 40  SER A C   1 
ATOM   283  O  O   . SER A 1 40 ? -6.663  6.404   6.813   1.00 58.68  ? 40  SER A O   1 
ATOM   284  C  CB  . SER A 1 40 ? -8.590  6.264   4.474   1.00 57.83  ? 40  SER A CB  1 
ATOM   285  O  OG  . SER A 1 40 ? -7.705  7.013   3.669   1.00 82.69  ? 40  SER A OG  1 
ATOM   286  N  N   . ARG A 1 41 ? -5.419  5.394   5.219   1.00 61.39  ? 41  ARG A N   1 
ATOM   287  C  CA  . ARG A 1 41 ? -4.110  5.669   5.798   1.00 58.78  ? 41  ARG A CA  1 
ATOM   288  C  C   . ARG A 1 41 ? -3.206  6.302   4.758   1.00 58.75  ? 41  ARG A C   1 
ATOM   289  O  O   . ARG A 1 41 ? -3.571  6.385   3.596   1.00 58.51  ? 41  ARG A O   1 
ATOM   290  C  CB  . ARG A 1 41 ? -3.460  4.372   6.323   1.00 61.97  ? 41  ARG A CB  1 
ATOM   291  C  CG  . ARG A 1 41 ? -4.377  3.449   7.132   1.00 62.07  ? 41  ARG A CG  1 
ATOM   292  C  CD  . ARG A 1 41 ? -3.679  2.166   7.576   1.00 57.42  ? 41  ARG A CD  1 
ATOM   293  N  NE  . ARG A 1 41 ? -4.616  1.220   8.175   1.00 53.82  ? 41  ARG A NE  1 
ATOM   294  C  CZ  . ARG A 1 41 ? -4.695  0.946   9.470   1.00 67.11  ? 41  ARG A CZ  1 
ATOM   295  N  NH1 . ARG A 1 41 ? -3.863  1.512   10.331  1.00 75.30  ? 41  ARG A NH1 1 
ATOM   296  N  NH2 . ARG A 1 41 ? -5.603  0.080   9.904   1.00 96.86  ? 41  ARG A NH2 1 
ATOM   297  N  N   . ALA A 1 42 ? -2.032  6.757   5.191   1.00 68.99  ? 42  ALA A N   1 
ATOM   298  C  CA  . ALA A 1 42 ? -0.897  7.017   4.289   1.00 61.30  ? 42  ALA A CA  1 
ATOM   299  C  C   . ALA A 1 42 ? 0.394   6.708   5.031   1.00 64.46  ? 42  ALA A C   1 
ATOM   300  O  O   . ALA A 1 42 ? 1.209   7.588   5.266   1.00 66.65  ? 42  ALA A O   1 
ATOM   301  C  CB  . ALA A 1 42 ? -0.891  8.438   3.796   1.00 55.65  ? 42  ALA A CB  1 
ATOM   302  N  N   . GLU A 1 43 ? 0.565   5.454   5.423   1.00 59.19  ? 43  GLU A N   1 
ATOM   303  C  CA  . GLU A 1 43 ? 1.698   5.079   6.237   1.00 58.06  ? 43  GLU A CA  1 
ATOM   304  C  C   . GLU A 1 43 ? 2.715   4.294   5.431   1.00 60.68  ? 43  GLU A C   1 
ATOM   305  O  O   . GLU A 1 43 ? 2.425   3.765   4.356   1.00 59.77  ? 43  GLU A O   1 
ATOM   306  C  CB  . GLU A 1 43 ? 1.235   4.283   7.461   1.00 60.32  ? 43  GLU A CB  1 
ATOM   307  C  CG  . GLU A 1 43 ? 0.568   5.170   8.518   1.00 82.66  ? 43  GLU A CG  1 
ATOM   308  C  CD  . GLU A 1 43 ? -0.671  4.543   9.185   1.00 103.50 ? 43  GLU A CD  1 
ATOM   309  O  OE1 . GLU A 1 43 ? -1.208  3.539   8.659   1.00 83.50  ? 43  GLU A OE1 1 
ATOM   310  O  OE2 . GLU A 1 43 ? -1.112  5.069   10.243  1.00 108.65 ? 43  GLU A OE2 1 
ATOM   311  N  N   . VAL A 1 44 ? 3.931   4.261   5.952   1.00 59.75  ? 44  VAL A N   1 
ATOM   312  C  CA  . VAL A 1 44 ? 4.990   3.461   5.384   1.00 50.50  ? 44  VAL A CA  1 
ATOM   313  C  C   . VAL A 1 44 ? 5.266   2.297   6.304   1.00 54.92  ? 44  VAL A C   1 
ATOM   314  O  O   . VAL A 1 44 ? 5.412   2.471   7.506   1.00 60.22  ? 44  VAL A O   1 
ATOM   315  C  CB  . VAL A 1 44 ? 6.257   4.271   5.190   1.00 55.73  ? 44  VAL A CB  1 
ATOM   316  C  CG1 . VAL A 1 44 ? 7.268   3.476   4.404   1.00 55.07  ? 44  VAL A CG1 1 
ATOM   317  C  CG2 . VAL A 1 44 ? 5.934   5.542   4.454   1.00 60.42  ? 44  VAL A CG2 1 
ATOM   318  N  N   . TYR A 1 45 ? 5.314   1.102   5.742   1.00 53.94  ? 45  TYR A N   1 
ATOM   319  C  CA  . TYR A 1 45 ? 5.527   -0.084  6.547   1.00 50.11  ? 45  TYR A CA  1 
ATOM   320  C  C   . TYR A 1 45 ? 6.783   -0.833  6.131   1.00 55.50  ? 45  TYR A C   1 
ATOM   321  O  O   . TYR A 1 45 ? 7.173   -0.839  4.962   1.00 54.36  ? 45  TYR A O   1 
ATOM   322  C  CB  . TYR A 1 45 ? 4.324   -1.009  6.451   1.00 55.44  ? 45  TYR A CB  1 
ATOM   323  C  CG  . TYR A 1 45 ? 3.142   -0.554  7.266   1.00 61.98  ? 45  TYR A CG  1 
ATOM   324  C  CD1 . TYR A 1 45 ? 3.011   -0.925  8.593   1.00 59.80  ? 45  TYR A CD1 1 
ATOM   325  C  CD2 . TYR A 1 45 ? 2.154   0.245   6.707   1.00 62.93  ? 45  TYR A CD2 1 
ATOM   326  C  CE1 . TYR A 1 45 ? 1.948   -0.507  9.341   1.00 51.59  ? 45  TYR A CE1 1 
ATOM   327  C  CE2 . TYR A 1 45 ? 1.085   0.664   7.452   1.00 62.85  ? 45  TYR A CE2 1 
ATOM   328  C  CZ  . TYR A 1 45 ? 0.989   0.284   8.766   1.00 62.04  ? 45  TYR A CZ  1 
ATOM   329  O  OH  . TYR A 1 45 ? -0.075  0.706   9.514   1.00 80.17  ? 45  TYR A OH  1 
ATOM   330  N  N   . CYS A 1 46 ? 7.416   -1.446  7.112   1.00 51.69  ? 46  CYS A N   1 
ATOM   331  C  CA  . CYS A 1 46 ? 8.480   -2.380  6.868   1.00 59.63  ? 46  CYS A CA  1 
ATOM   332  C  C   . CYS A 1 46 ? 8.159   -3.592  7.692   1.00 63.44  ? 46  CYS A C   1 
ATOM   333  O  O   . CYS A 1 46 ? 8.357   -3.574  8.906   1.00 62.61  ? 46  CYS A O   1 
ATOM   334  C  CB  . CYS A 1 46 ? 9.838   -1.808  7.250   1.00 69.10  ? 46  CYS A CB  1 
ATOM   335  S  SG  . CYS A 1 46 ? 11.216  -2.891  6.782   1.00 77.98  ? 46  CYS A SG  1 
ATOM   336  N  N   . TYR A 1 47 ? 7.666   -4.632  7.022   1.00 65.42  ? 47  TYR A N   1 
ATOM   337  C  CA  . TYR A 1 47 ? 7.088   -5.791  7.683   1.00 62.10  ? 47  TYR A CA  1 
ATOM   338  C  C   . TYR A 1 47 ? 5.929   -5.282  8.536   1.00 64.49  ? 47  TYR A C   1 
ATOM   339  O  O   . TYR A 1 47 ? 5.102   -4.506  8.055   1.00 59.50  ? 47  TYR A O   1 
ATOM   340  C  CB  . TYR A 1 47 ? 8.135   -6.537  8.513   1.00 69.95  ? 47  TYR A CB  1 
ATOM   341  C  CG  . TYR A 1 47 ? 9.251   -7.165  7.697   1.00 76.07  ? 47  TYR A CG  1 
ATOM   342  C  CD1 . TYR A 1 47 ? 9.051   -8.368  7.032   1.00 84.79  ? 47  TYR A CD1 1 
ATOM   343  C  CD2 . TYR A 1 47 ? 10.504  -6.560  7.600   1.00 76.08  ? 47  TYR A CD2 1 
ATOM   344  C  CE1 . TYR A 1 47 ? 10.056  -8.952  6.288   1.00 92.19  ? 47  TYR A CE1 1 
ATOM   345  C  CE2 . TYR A 1 47 ? 11.524  -7.141  6.858   1.00 83.79  ? 47  TYR A CE2 1 
ATOM   346  C  CZ  . TYR A 1 47 ? 11.288  -8.338  6.204   1.00 100.61 ? 47  TYR A CZ  1 
ATOM   347  O  OH  . TYR A 1 47 ? 12.276  -8.936  5.458   1.00 108.46 ? 47  TYR A OH  1 
ATOM   348  N  N   . ALA A 1 48 ? 5.869   -5.668  9.804   1.00 73.45  ? 48  ALA A N   1 
ATOM   349  C  CA  . ALA A 1 48 ? 4.787   -5.172  10.655  1.00 65.87  ? 48  ALA A CA  1 
ATOM   350  C  C   . ALA A 1 48 ? 5.007   -3.735  11.201  1.00 60.95  ? 48  ALA A C   1 
ATOM   351  O  O   . ALA A 1 48 ? 4.052   -3.025  11.445  1.00 67.96  ? 48  ALA A O   1 
ATOM   352  C  CB  . ALA A 1 48 ? 4.556   -6.127  11.790  1.00 67.51  ? 48  ALA A CB  1 
ATOM   353  N  N   . LYS A 1 49 ? 6.243   -3.296  11.384  1.00 60.42  ? 49  LYS A N   1 
ATOM   354  C  CA  . LYS A 1 49 ? 6.475   -1.970  11.943  1.00 60.02  ? 49  LYS A CA  1 
ATOM   355  C  C   . LYS A 1 49 ? 5.981   -0.839  11.041  1.00 55.50  ? 49  LYS A C   1 
ATOM   356  O  O   . LYS A 1 49 ? 6.306   -0.799  9.867   1.00 60.04  ? 49  LYS A O   1 
ATOM   357  C  CB  . LYS A 1 49 ? 7.968   -1.771  12.241  1.00 58.16  ? 49  LYS A CB  1 
ATOM   358  N  N   . LYS A 1 50 ? 5.191   0.077   11.605  1.00 64.62  ? 50  LYS A N   1 
ATOM   359  C  CA  . LYS A 1 50 ? 4.931   1.367   10.967  1.00 64.42  ? 50  LYS A CA  1 
ATOM   360  C  C   . LYS A 1 50 ? 6.089   2.328   11.212  1.00 59.98  ? 50  LYS A C   1 
ATOM   361  O  O   . LYS A 1 50 ? 6.581   2.453   12.325  1.00 78.61  ? 50  LYS A O   1 
ATOM   362  C  CB  . LYS A 1 50 ? 3.637   1.983   11.478  1.00 65.62  ? 50  LYS A CB  1 
ATOM   363  C  CG  . LYS A 1 50 ? 3.486   3.489   11.176  1.00 78.75  ? 50  LYS A CG  1 
ATOM   364  C  CD  . LYS A 1 50 ? 2.282   4.081   11.929  1.00 96.83  ? 50  LYS A CD  1 
ATOM   365  C  CE  . LYS A 1 50 ? 2.379   5.604   12.090  1.00 98.90  ? 50  LYS A CE  1 
ATOM   366  N  NZ  . LYS A 1 50 ? 1.206   6.171   12.839  1.00 86.40  ? 50  LYS A NZ  1 
ATOM   367  N  N   . LEU A 1 51 ? 6.527   3.003   10.170  1.00 50.74  ? 51  LEU A N   1 
ATOM   368  C  CA  . LEU A 1 51 ? 7.660   3.892   10.281  1.00 64.98  ? 51  LEU A CA  1 
ATOM   369  C  C   . LEU A 1 51 ? 7.252   5.367   10.197  1.00 73.61  ? 51  LEU A C   1 
ATOM   370  O  O   . LEU A 1 51 ? 7.992   6.257   10.621  1.00 77.32  ? 51  LEU A O   1 
ATOM   371  C  CB  . LEU A 1 51 ? 8.686   3.561   9.195   1.00 71.80  ? 51  LEU A CB  1 
ATOM   372  C  CG  . LEU A 1 51 ? 9.068   2.083   9.053   1.00 72.39  ? 51  LEU A CG  1 
ATOM   373  C  CD1 . LEU A 1 51 ? 10.110  1.919   7.969   1.00 60.32  ? 51  LEU A CD1 1 
ATOM   374  C  CD2 . LEU A 1 51 ? 9.562   1.498   10.368  1.00 74.54  ? 51  LEU A CD2 1 
ATOM   375  N  N   . GLY A 1 52 ? 6.076   5.636   9.656   1.00 69.08  ? 52  GLY A N   1 
ATOM   376  C  CA  . GLY A 1 52 ? 5.616   7.002   9.610   1.00 69.08  ? 52  GLY A CA  1 
ATOM   377  C  C   . GLY A 1 52 ? 4.727   7.295   8.436   1.00 62.45  ? 52  GLY A C   1 
ATOM   378  O  O   . GLY A 1 52 ? 4.464   6.427   7.624   1.00 65.32  ? 52  GLY A O   1 
ATOM   379  N  N   A HIS A 1 53 ? 4.280   8.546   8.363   0.48 65.02  ? 53  HIS A N   1 
ATOM   380  N  N   B HIS A 1 53 ? 4.270   8.529   8.333   0.52 67.16  ? 53  HIS A N   1 
ATOM   381  C  CA  A HIS A 1 53 ? 3.295   9.006   7.390   0.48 63.46  ? 53  HIS A CA  1 
ATOM   382  C  CA  B HIS A 1 53 ? 3.289   8.848   7.322   0.52 63.33  ? 53  HIS A CA  1 
ATOM   383  C  C   A HIS A 1 53 ? 3.969   9.436   6.098   0.48 59.73  ? 53  HIS A C   1 
ATOM   384  C  C   B HIS A 1 53 ? 3.950   9.470   6.111   0.52 61.18  ? 53  HIS A C   1 
ATOM   385  O  O   A HIS A 1 53 ? 5.180   9.611   6.059   0.48 64.00  ? 53  HIS A O   1 
ATOM   386  O  O   B HIS A 1 53 ? 5.128   9.802   6.139   0.52 64.20  ? 53  HIS A O   1 
ATOM   387  C  CB  A HIS A 1 53 ? 2.490   10.169  7.986   0.48 68.69  ? 53  HIS A CB  1 
ATOM   388  C  CB  B HIS A 1 53 ? 2.219   9.761   7.909   0.52 68.36  ? 53  HIS A CB  1 
ATOM   389  C  CG  A HIS A 1 53 ? 1.241   10.512  7.224   0.48 71.20  ? 53  HIS A CG  1 
ATOM   390  C  CG  B HIS A 1 53 ? 1.647   9.250   9.193   0.52 71.22  ? 53  HIS A CG  1 
ATOM   391  N  ND1 A HIS A 1 53 ? 1.193   11.537  6.303   0.48 69.05  ? 53  HIS A ND1 1 
ATOM   392  N  ND1 B HIS A 1 53 ? 2.332   9.297   10.388  0.52 74.43  ? 53  HIS A ND1 1 
ATOM   393  C  CD2 A HIS A 1 53 ? 0.001   9.979   7.268   0.48 69.49  ? 53  HIS A CD2 1 
ATOM   394  C  CD2 B HIS A 1 53 ? 0.459   8.649   9.467   0.52 72.44  ? 53  HIS A CD2 1 
ATOM   395  C  CE1 A HIS A 1 53 ? -0.029  11.610  5.799   0.48 67.26  ? 53  HIS A CE1 1 
ATOM   396  C  CE1 B HIS A 1 53 ? 1.590   8.774   11.344  0.52 76.28  ? 53  HIS A CE1 1 
ATOM   397  N  NE2 A HIS A 1 53 ? -0.771  10.679  6.366   0.48 71.47  ? 53  HIS A NE2 1 
ATOM   398  N  NE2 B HIS A 1 53 ? 0.454   8.369   10.813  0.52 80.46  ? 53  HIS A NE2 1 
ATOM   399  N  N   . PHE A 1 54 ? 3.187   9.607   5.037   1.00 56.96  ? 54  PHE A N   1 
ATOM   400  C  CA  . PHE A 1 54 ? 3.721   10.113  3.788   1.00 55.76  ? 54  PHE A CA  1 
ATOM   401  C  C   . PHE A 1 54 ? 2.677   10.892  3.011   1.00 54.24  ? 54  PHE A C   1 
ATOM   402  O  O   . PHE A 1 54 ? 1.496   10.652  3.124   1.00 64.18  ? 54  PHE A O   1 
ATOM   403  C  CB  . PHE A 1 54 ? 4.292   8.971   2.918   1.00 58.48  ? 54  PHE A CB  1 
ATOM   404  C  CG  . PHE A 1 54 ? 3.249   8.076   2.257   1.00 57.97  ? 54  PHE A CG  1 
ATOM   405  C  CD1 . PHE A 1 54 ? 2.728   8.390   1.013   1.00 61.96  ? 54  PHE A CD1 1 
ATOM   406  C  CD2 . PHE A 1 54 ? 2.844   6.891   2.851   1.00 55.32  ? 54  PHE A CD2 1 
ATOM   407  C  CE1 . PHE A 1 54 ? 1.790   7.566   0.402   1.00 55.36  ? 54  PHE A CE1 1 
ATOM   408  C  CE2 . PHE A 1 54 ? 1.910   6.070   2.245   1.00 56.75  ? 54  PHE A CE2 1 
ATOM   409  C  CZ  . PHE A 1 54 ? 1.385   6.407   1.020   1.00 51.97  ? 54  PHE A CZ  1 
ATOM   410  N  N   . ASN A 1 55 ? 3.138   11.826  2.206   1.00 60.59  ? 55  ASN A N   1 
ATOM   411  C  CA  . ASN A 1 55 ? 2.263   12.638  1.404   1.00 67.19  ? 55  ASN A CA  1 
ATOM   412  C  C   . ASN A 1 55 ? 2.558   12.399  -0.055  1.00 67.16  ? 55  ASN A C   1 
ATOM   413  O  O   . ASN A 1 55 ? 3.726   12.348  -0.454  1.00 71.09  ? 55  ASN A O   1 
ATOM   414  C  CB  . ASN A 1 55 ? 2.432   14.112  1.771   1.00 73.71  ? 55  ASN A CB  1 
ATOM   415  C  CG  . ASN A 1 55 ? 1.656   14.484  3.019   1.00 92.42  ? 55  ASN A CG  1 
ATOM   416  O  OD1 . ASN A 1 55 ? 0.666   15.213  2.941   1.00 118.48 ? 55  ASN A OD1 1 
ATOM   417  N  ND2 . ASN A 1 55 ? 2.079   13.961  4.175   1.00 78.58  ? 55  ASN A ND2 1 
ATOM   418  N  N   . ARG A 1 56 ? 1.510   12.222  -0.852  1.00 64.05  ? 56  ARG A N   1 
ATOM   419  C  CA  . ARG A 1 56 ? 1.712   12.053  -2.282  1.00 65.44  ? 56  ARG A CA  1 
ATOM   420  C  C   . ARG A 1 56 ? 1.734   13.417  -2.928  1.00 73.84  ? 56  ARG A C   1 
ATOM   421  O  O   . ARG A 1 56 ? 0.936   14.287  -2.609  1.00 79.90  ? 56  ARG A O   1 
ATOM   422  C  CB  . ARG A 1 56 ? 0.641   11.181  -2.929  1.00 52.22  ? 56  ARG A CB  1 
ATOM   423  C  CG  . ARG A 1 56 ? 1.104   10.575  -4.242  1.00 65.91  ? 56  ARG A CG  1 
ATOM   424  C  CD  . ARG A 1 56 ? -0.049  10.136  -5.116  1.00 80.64  ? 56  ARG A CD  1 
ATOM   425  N  NE  . ARG A 1 56 ? 0.334   9.331   -6.284  1.00 80.38  ? 56  ARG A NE  1 
ATOM   426  C  CZ  . ARG A 1 56 ? 1.211   9.675   -7.227  1.00 70.13  ? 56  ARG A CZ  1 
ATOM   427  N  NH1 . ARG A 1 56 ? 1.839   10.846  -7.211  1.00 81.58  ? 56  ARG A NH1 1 
ATOM   428  N  NH2 . ARG A 1 56 ? 1.437   8.839   -8.221  1.00 74.87  ? 56  ARG A NH2 1 
ATOM   429  N  N   . VAL A 1 57 ? 2.692   13.599  -3.821  1.00 88.54  ? 57  VAL A N   1 
ATOM   430  C  CA  . VAL A 1 57 ? 2.941   14.877  -4.459  1.00 79.53  ? 57  VAL A CA  1 
ATOM   431  C  C   . VAL A 1 57 ? 3.122   14.570  -5.936  1.00 85.99  ? 57  VAL A C   1 
ATOM   432  O  O   . VAL A 1 57 ? 3.018   13.403  -6.331  1.00 84.63  ? 57  VAL A O   1 
ATOM   433  C  CB  . VAL A 1 57 ? 4.169   15.583  -3.847  1.00 75.17  ? 57  VAL A CB  1 
ATOM   434  C  CG1 . VAL A 1 57 ? 3.935   15.851  -2.354  1.00 61.09  ? 57  VAL A CG1 1 
ATOM   435  C  CG2 . VAL A 1 57 ? 5.423   14.733  -4.035  1.00 73.72  ? 57  VAL A CG2 1 
ATOM   436  N  N   . GLU A 1 58 ? 3.381   15.586  -6.755  1.00 89.76  ? 58  GLU A N   1 
ATOM   437  C  CA  . GLU A 1 58 ? 3.286   15.398  -8.202  1.00 87.39  ? 58  GLU A CA  1 
ATOM   438  C  C   . GLU A 1 58 ? 4.373   14.464  -8.726  1.00 92.08  ? 58  GLU A C   1 
ATOM   439  O  O   . GLU A 1 58 ? 4.180   13.792  -9.746  1.00 92.24  ? 58  GLU A O   1 
ATOM   440  C  CB  . GLU A 1 58 ? 3.336   16.741  -8.941  1.00 92.69  ? 58  GLU A CB  1 
ATOM   441  C  CG  . GLU A 1 58 ? 2.886   16.657  -10.411 1.00 97.01  ? 58  GLU A CG  1 
ATOM   442  C  CD  . GLU A 1 58 ? 2.190   17.919  -10.906 1.00 114.70 ? 58  GLU A CD  1 
ATOM   443  O  OE1 . GLU A 1 58 ? 2.850   18.775  -11.545 1.00 115.75 ? 58  GLU A OE1 1 
ATOM   444  O  OE2 . GLU A 1 58 ? 0.974   18.052  -10.650 1.00 123.45 ? 58  GLU A OE2 1 
ATOM   445  N  N   . GLY A 1 59 ? 5.501   14.399  -8.022  1.00 94.83  ? 59  GLY A N   1 
ATOM   446  C  CA  . GLY A 1 59 ? 6.584   13.507  -8.414  1.00 89.47  ? 59  GLY A CA  1 
ATOM   447  C  C   . GLY A 1 59 ? 6.367   12.079  -7.947  1.00 89.70  ? 59  GLY A C   1 
ATOM   448  O  O   . GLY A 1 59 ? 6.597   11.109  -8.675  1.00 85.85  ? 59  GLY A O   1 
ATOM   449  N  N   . GLY A 1 60 ? 5.907   11.961  -6.711  1.00 89.91  ? 60  GLY A N   1 
ATOM   450  C  CA  . GLY A 1 60 ? 5.643   10.674  -6.114  1.00 79.04  ? 60  GLY A CA  1 
ATOM   451  C  C   . GLY A 1 60 ? 5.369   10.884  -4.648  1.00 77.67  ? 60  GLY A C   1 
ATOM   452  O  O   . GLY A 1 60 ? 4.294   11.350  -4.267  1.00 72.44  ? 60  GLY A O   1 
ATOM   453  N  N   . ILE A 1 61 ? 6.351   10.572  -3.814  1.00 62.42  ? 61  ILE A N   1 
ATOM   454  C  CA  . ILE A 1 61 ? 6.089   10.567  -2.393  1.00 73.77  ? 61  ILE A CA  1 
ATOM   455  C  C   . ILE A 1 61 ? 7.123   11.345  -1.610  1.00 75.63  ? 61  ILE A C   1 
ATOM   456  O  O   . ILE A 1 61 ? 8.301   11.289  -1.920  1.00 77.00  ? 61  ILE A O   1 
ATOM   457  C  CB  . ILE A 1 61 ? 6.026   9.124   -1.869  1.00 72.35  ? 61  ILE A CB  1 
ATOM   458  C  CG1 . ILE A 1 61 ? 4.818   8.417   -2.474  1.00 72.44  ? 61  ILE A CG1 1 
ATOM   459  C  CG2 . ILE A 1 61 ? 5.936   9.089   -0.347  1.00 74.18  ? 61  ILE A CG2 1 
ATOM   460  C  CD1 . ILE A 1 61 ? 4.694   6.986   -2.066  1.00 78.44  ? 61  ILE A CD1 1 
ATOM   461  N  N   . ILE A 1 62 ? 6.666   12.084  -0.604  1.00 67.96  ? 62  ILE A N   1 
ATOM   462  C  CA  . ILE A 1 62 ? 7.555   12.690  0.378   1.00 78.26  ? 62  ILE A CA  1 
ATOM   463  C  C   . ILE A 1 62 ? 7.165   12.162  1.751   1.00 75.55  ? 62  ILE A C   1 
ATOM   464  O  O   . ILE A 1 62 ? 5.982   12.092  2.074   1.00 76.00  ? 62  ILE A O   1 
ATOM   465  C  CB  . ILE A 1 62 ? 7.473   14.231  0.365   1.00 82.53  ? 62  ILE A CB  1 
ATOM   466  C  CG1 . ILE A 1 62 ? 7.854   14.766  -1.016  1.00 85.44  ? 62  ILE A CG1 1 
ATOM   467  C  CG2 . ILE A 1 62 ? 8.351   14.829  1.459   1.00 63.23  ? 62  ILE A CG2 1 
ATOM   468  C  CD1 . ILE A 1 62 ? 7.405   16.183  -1.262  1.00 92.69  ? 62  ILE A CD1 1 
ATOM   469  N  N   . VAL A 1 63 ? 8.155   11.798  2.556   1.00 64.97  ? 63  VAL A N   1 
ATOM   470  C  CA  . VAL A 1 63 ? 7.889   11.117  3.804   1.00 63.60  ? 63  VAL A CA  1 
ATOM   471  C  C   . VAL A 1 63 ? 8.191   12.002  5.002   1.00 74.72  ? 63  VAL A C   1 
ATOM   472  O  O   . VAL A 1 63 ? 9.273   12.561  5.110   1.00 80.92  ? 63  VAL A O   1 
ATOM   473  C  CB  . VAL A 1 63 ? 8.716   9.820   3.905   1.00 67.97  ? 63  VAL A CB  1 
ATOM   474  C  CG1 . VAL A 1 63 ? 8.420   9.095   5.210   1.00 66.64  ? 63  VAL A CG1 1 
ATOM   475  C  CG2 . VAL A 1 63 ? 8.445   8.909   2.699   1.00 57.76  ? 63  VAL A CG2 1 
ATOM   476  N  N   . GLU A 1 64 ? 7.233   12.129  5.912   1.00 70.18  ? 64  GLU A N   1 
ATOM   477  C  CA  . GLU A 1 64 ? 7.494   12.843  7.154   1.00 79.68  ? 64  GLU A CA  1 
ATOM   478  C  C   . GLU A 1 64 ? 8.408   12.003  8.055   1.00 90.79  ? 64  GLU A C   1 
ATOM   479  O  O   . GLU A 1 64 ? 8.671   10.838  7.755   1.00 94.75  ? 64  GLU A O   1 
ATOM   480  C  CB  . GLU A 1 64 ? 6.173   13.192  7.857   1.00 94.69  ? 64  GLU A CB  1 
ATOM   481  C  CG  . GLU A 1 64 ? 5.776   12.326  9.060   1.00 96.17  ? 64  GLU A CG  1 
ATOM   482  C  CD  . GLU A 1 64 ? 4.440   12.770  9.656   1.00 103.37 ? 64  GLU A CD  1 
ATOM   483  O  OE1 . GLU A 1 64 ? 3.913   13.811  9.192   1.00 106.29 ? 64  GLU A OE1 1 
ATOM   484  O  OE2 . GLU A 1 64 ? 3.924   12.093  10.581  1.00 108.08 ? 64  GLU A OE2 1 
ATOM   485  N  N   . THR A 1 65 ? 8.897   12.614  9.133   1.00 90.19  ? 65  THR A N   1 
ATOM   486  C  CA  . THR A 1 65 ? 9.772   11.961  10.108  1.00 102.15 ? 65  THR A CA  1 
ATOM   487  C  C   . THR A 1 65 ? 9.560   10.445  10.188  1.00 103.50 ? 65  THR A C   1 
ATOM   488  O  O   . THR A 1 65 ? 8.491   9.981   10.589  1.00 94.83  ? 65  THR A O   1 
ATOM   489  C  CB  . THR A 1 65 ? 9.576   12.570  11.519  1.00 93.85  ? 65  THR A CB  1 
ATOM   490  N  N   . LEU A 1 66 ? 10.575  9.691   9.760   1.00 104.56 ? 66  LEU A N   1 
ATOM   491  C  CA  . LEU A 1 66 ? 10.499  8.230   9.675   1.00 92.00  ? 66  LEU A CA  1 
ATOM   492  C  C   . LEU A 1 66 ? 11.334  7.518   10.742  1.00 91.42  ? 66  LEU A C   1 
ATOM   493  O  O   . LEU A 1 66 ? 12.550  7.690   10.804  1.00 99.35  ? 66  LEU A O   1 
ATOM   494  C  CB  . LEU A 1 66 ? 10.944  7.769   8.286   1.00 85.91  ? 66  LEU A CB  1 
ATOM   495  N  N   . ASP A 1 67 ? 10.663  6.715   11.571  1.00 99.95  ? 67  ASP A N   1 
ATOM   496  C  CA  . ASP A 1 67 ? 11.268  5.964   12.687  1.00 105.65 ? 67  ASP A CA  1 
ATOM   497  C  C   . ASP A 1 67 ? 12.347  5.007   12.139  1.00 121.04 ? 67  ASP A C   1 
ATOM   498  O  O   . ASP A 1 67 ? 12.279  4.608   10.982  1.00 120.15 ? 67  ASP A O   1 
ATOM   499  C  CB  . ASP A 1 67 ? 10.153  5.206   13.432  1.00 105.34 ? 67  ASP A CB  1 
ATOM   500  C  CG  . ASP A 1 67 ? 10.638  4.405   14.639  1.00 122.33 ? 67  ASP A CG  1 
ATOM   501  O  OD1 . ASP A 1 67 ? 11.819  4.019   14.703  1.00 134.50 ? 67  ASP A OD1 1 
ATOM   502  O  OD2 . ASP A 1 67 ? 9.793   4.121   15.520  1.00 120.13 ? 67  ASP A OD2 1 
ATOM   503  N  N   . ILE A 1 68 ? 13.344  4.642   12.947  1.00 129.45 ? 68  ILE A N   1 
ATOM   504  C  CA  . ILE A 1 68 ? 14.388  3.722   12.470  1.00 124.47 ? 68  ILE A CA  1 
ATOM   505  C  C   . ILE A 1 68 ? 14.646  2.504   13.377  1.00 133.88 ? 68  ILE A C   1 
ATOM   506  O  O   . ILE A 1 68 ? 15.766  1.996   13.436  1.00 138.40 ? 68  ILE A O   1 
ATOM   507  C  CB  . ILE A 1 68 ? 15.745  4.469   12.244  1.00 130.02 ? 68  ILE A CB  1 
ATOM   508  C  CG1 . ILE A 1 68 ? 16.305  5.046   13.551  1.00 133.10 ? 68  ILE A CG1 1 
ATOM   509  C  CG2 . ILE A 1 68 ? 15.613  5.544   11.165  1.00 115.06 ? 68  ILE A CG2 1 
ATOM   510  C  CD1 . ILE A 1 68 ? 17.782  4.731   13.805  1.00 125.85 ? 68  ILE A CD1 1 
ATOM   511  N  N   . GLN A 1 69 ? 13.613  2.020   14.063  1.00 132.19 ? 69  GLN A N   1 
ATOM   512  C  CA  . GLN A 1 69 ? 13.760  0.828   14.897  1.00 123.52 ? 69  GLN A CA  1 
ATOM   513  C  C   . GLN A 1 69 ? 12.722  -0.236  14.544  1.00 125.19 ? 69  GLN A C   1 
ATOM   514  O  O   . GLN A 1 69 ? 13.007  -1.177  13.795  1.00 122.88 ? 69  GLN A O   1 
ATOM   515  C  CB  . GLN A 1 69 ? 13.659  1.185   16.384  1.00 126.76 ? 69  GLN A CB  1 
ATOM   516  C  CG  . GLN A 1 69 ? 14.057  2.619   16.757  1.00 137.79 ? 69  GLN A CG  1 
ATOM   517  C  CD  . GLN A 1 69 ? 15.514  2.957   16.447  1.00 139.25 ? 69  GLN A CD  1 
ATOM   518  O  OE1 . GLN A 1 69 ? 16.324  2.076   16.165  1.00 146.65 ? 69  GLN A OE1 1 
ATOM   519  N  NE2 . GLN A 1 69 ? 15.853  4.241   16.528  1.00 139.15 ? 69  GLN A NE2 1 
ATOM   520  N  N   . PRO B 2 2  ? -17.945 -12.260 12.158  1.00 104.81 ? 2   PRO B N   1 
ATOM   521  C  CA  . PRO B 2 2  ? -17.066 -13.396 11.865  1.00 113.91 ? 2   PRO B CA  1 
ATOM   522  C  C   . PRO B 2 2  ? -15.916 -13.021 10.921  1.00 109.27 ? 2   PRO B C   1 
ATOM   523  O  O   . PRO B 2 2  ? -15.610 -13.776 10.000  1.00 108.88 ? 2   PRO B O   1 
ATOM   524  C  CB  . PRO B 2 2  ? -18.013 -14.406 11.206  1.00 104.43 ? 2   PRO B CB  1 
ATOM   525  N  N   . VAL B 2 3  ? -15.280 -11.880 11.169  1.00 98.85  ? 3   VAL B N   1 
ATOM   526  C  CA  . VAL B 2 3  ? -14.272 -11.328 10.268  1.00 90.32  ? 3   VAL B CA  1 
ATOM   527  C  C   . VAL B 2 3  ? -12.864 -11.878 10.486  1.00 88.47  ? 3   VAL B C   1 
ATOM   528  O  O   . VAL B 2 3  ? -12.281 -11.706 11.555  1.00 96.10  ? 3   VAL B O   1 
ATOM   529  C  CB  . VAL B 2 3  ? -14.223 -9.797  10.398  1.00 89.35  ? 3   VAL B CB  1 
ATOM   530  C  CG1 . VAL B 2 3  ? -13.005 -9.250  9.704   1.00 75.91  ? 3   VAL B CG1 1 
ATOM   531  C  CG2 . VAL B 2 3  ? -15.502 -9.177  9.843   1.00 94.59  ? 3   VAL B CG2 1 
ATOM   532  N  N   . ASP B 2 4  ? -12.313 -12.511 9.450   1.00 95.87  ? 4   ASP B N   1 
ATOM   533  C  CA  . ASP B 2 4  ? -10.979 -13.127 9.512   1.00 98.85  ? 4   ASP B CA  1 
ATOM   534  C  C   . ASP B 2 4  ? -9.815  -12.185 9.189   1.00 96.70  ? 4   ASP B C   1 
ATOM   535  O  O   . ASP B 2 4  ? -8.988  -11.893 10.050  1.00 99.22  ? 4   ASP B O   1 
ATOM   536  C  CB  . ASP B 2 4  ? -10.884 -14.323 8.550   1.00 93.12  ? 4   ASP B CB  1 
ATOM   537  C  CG  . ASP B 2 4  ? -12.066 -15.268 8.658   1.00 101.69 ? 4   ASP B CG  1 
ATOM   538  O  OD1 . ASP B 2 4  ? -12.872 -15.115 9.599   1.00 111.86 ? 4   ASP B OD1 1 
ATOM   539  O  OD2 . ASP B 2 4  ? -12.180 -16.176 7.806   1.00 101.17 ? 4   ASP B OD2 1 
ATOM   540  N  N   . VAL B 2 5  ? -9.767  -11.714 7.941   1.00 98.46  ? 5   VAL B N   1 
ATOM   541  C  CA  . VAL B 2 5  ? -8.543  -11.161 7.332   1.00 94.90  ? 5   VAL B CA  1 
ATOM   542  C  C   . VAL B 2 5  ? -8.472  -9.610  7.190   1.00 87.49  ? 5   VAL B C   1 
ATOM   543  O  O   . VAL B 2 5  ? -9.504  -8.937  7.036   1.00 78.25  ? 5   VAL B O   1 
ATOM   544  C  CB  . VAL B 2 5  ? -8.343  -11.816 5.929   1.00 71.86  ? 5   VAL B CB  1 
ATOM   545  C  CG1 . VAL B 2 5  ? -9.566  -11.623 5.072   1.00 76.90  ? 5   VAL B CG1 1 
ATOM   546  C  CG2 . VAL B 2 5  ? -7.133  -11.271 5.232   1.00 82.29  ? 5   VAL B CG2 1 
ATOM   547  N  N   . LYS B 2 6  ? -7.253  -9.056  7.273   1.00 78.17  ? 6   LYS B N   1 
ATOM   548  C  CA  . LYS B 2 6  ? -6.988  -7.643  6.970   1.00 71.32  ? 6   LYS B CA  1 
ATOM   549  C  C   . LYS B 2 6  ? -6.448  -7.474  5.548   1.00 69.64  ? 6   LYS B C   1 
ATOM   550  O  O   . LYS B 2 6  ? -5.339  -7.905  5.241   1.00 72.73  ? 6   LYS B O   1 
ATOM   551  C  CB  . LYS B 2 6  ? -5.992  -7.028  7.970   1.00 44.17  ? 6   LYS B CB  1 
ATOM   552  N  N   . LEU B 2 7  ? -7.239  -6.851  4.683   1.00 59.66  ? 7   LEU B N   1 
ATOM   553  C  CA  . LEU B 2 7  ? -6.766  -6.480  3.361   1.00 52.67  ? 7   LEU B CA  1 
ATOM   554  C  C   . LEU B 2 7  ? -6.012  -5.183  3.436   1.00 53.06  ? 7   LEU B C   1 
ATOM   555  O  O   . LEU B 2 7  ? -6.467  -4.234  4.075   1.00 60.65  ? 7   LEU B O   1 
ATOM   556  C  CB  . LEU B 2 7  ? -7.917  -6.332  2.380   1.00 50.21  ? 7   LEU B CB  1 
ATOM   557  C  CG  . LEU B 2 7  ? -8.427  -7.606  1.722   1.00 51.79  ? 7   LEU B CG  1 
ATOM   558  C  CD1 . LEU B 2 7  ? -9.280  -7.222  0.552   1.00 57.61  ? 7   LEU B CD1 1 
ATOM   559  C  CD2 . LEU B 2 7  ? -7.298  -8.503  1.282   1.00 61.11  ? 7   LEU B CD2 1 
ATOM   560  N  N   . GLU B 2 8  ? -4.864  -5.143  2.771   1.00 56.91  ? 8   GLU B N   1 
ATOM   561  C  CA  . GLU B 2 8  ? -4.018  -3.954  2.724   1.00 53.21  ? 8   GLU B CA  1 
ATOM   562  C  C   . GLU B 2 8  ? -3.983  -3.419  1.305   1.00 54.11  ? 8   GLU B C   1 
ATOM   563  O  O   . GLU B 2 8  ? -3.860  -4.188  0.352   1.00 60.16  ? 8   GLU B O   1 
ATOM   564  C  CB  . GLU B 2 8  ? -2.605  -4.297  3.205   1.00 54.52  ? 8   GLU B CB  1 
ATOM   565  C  CG  . GLU B 2 8  ? -1.795  -3.127  3.716   1.00 60.69  ? 8   GLU B CG  1 
ATOM   566  C  CD  . GLU B 2 8  ? -0.602  -3.573  4.569   1.00 71.03  ? 8   GLU B CD  1 
ATOM   567  O  OE1 . GLU B 2 8  ? 0.425   -3.999  3.987   1.00 67.05  ? 8   GLU B OE1 1 
ATOM   568  O  OE2 . GLU B 2 8  ? -0.691  -3.496  5.823   1.00 74.41  ? 8   GLU B OE2 1 
ATOM   569  N  N   . PHE B 2 9  ? -4.090  -2.108  1.154   1.00 52.35  ? 9   PHE B N   1 
ATOM   570  C  CA  . PHE B 2 9  ? -3.996  -1.494  -0.175  1.00 54.71  ? 9   PHE B CA  1 
ATOM   571  C  C   . PHE B 2 9  ? -2.689  -0.759  -0.351  1.00 50.07  ? 9   PHE B C   1 
ATOM   572  O  O   . PHE B 2 9  ? -2.473  0.294   0.250   1.00 49.97  ? 9   PHE B O   1 
ATOM   573  C  CB  . PHE B 2 9  ? -5.179  -0.574  -0.401  1.00 52.82  ? 9   PHE B CB  1 
ATOM   574  C  CG  . PHE B 2 9  ? -6.471  -1.288  -0.290  1.00 52.09  ? 9   PHE B CG  1 
ATOM   575  C  CD1 . PHE B 2 9  ? -7.103  -1.758  -1.408  1.00 64.42  ? 9   PHE B CD1 1 
ATOM   576  C  CD2 . PHE B 2 9  ? -7.011  -1.571  0.943   1.00 58.55  ? 9   PHE B CD2 1 
ATOM   577  C  CE1 . PHE B 2 9  ? -8.284  -2.447  -1.302  1.00 62.58  ? 9   PHE B CE1 1 
ATOM   578  C  CE2 . PHE B 2 9  ? -8.183  -2.269  1.053   1.00 61.11  ? 9   PHE B CE2 1 
ATOM   579  C  CZ  . PHE B 2 9  ? -8.818  -2.707  -0.073  1.00 54.82  ? 9   PHE B CZ  1 
ATOM   580  N  N   . VAL B 2 10 ? -1.822  -1.351  -1.174  1.00 47.36  ? 10  VAL B N   1 
ATOM   581  C  CA  . VAL B 2 10 ? -0.446  -0.905  -1.335  1.00 45.00  ? 10  VAL B CA  1 
ATOM   582  C  C   . VAL B 2 10 ? -0.240  -0.141  -2.626  1.00 44.90  ? 10  VAL B C   1 
ATOM   583  O  O   . VAL B 2 10 ? -0.252  -0.713  -3.708  1.00 52.72  ? 10  VAL B O   1 
ATOM   584  C  CB  . VAL B 2 10 ? 0.537   -2.095  -1.284  1.00 41.66  ? 10  VAL B CB  1 
ATOM   585  C  CG1 . VAL B 2 10 ? 1.968   -1.596  -1.123  1.00 43.08  ? 10  VAL B CG1 1 
ATOM   586  C  CG2 . VAL B 2 10 ? 0.204   -2.965  -0.128  1.00 47.84  ? 10  VAL B CG2 1 
ATOM   587  N  N   . LEU B 2 11 ? -0.050  1.163   -2.496  1.00 50.10  ? 11  LEU B N   1 
ATOM   588  C  CA  . LEU B 2 11 ? 0.202   2.033   -3.642  1.00 47.72  ? 11  LEU B CA  1 
ATOM   589  C  C   . LEU B 2 11 ? 1.534   1.728   -4.325  1.00 47.38  ? 11  LEU B C   1 
ATOM   590  O  O   . LEU B 2 11 ? 1.617   1.657   -5.552  1.00 56.79  ? 11  LEU B O   1 
ATOM   591  C  CB  . LEU B 2 11 ? 0.181   3.484   -3.192  1.00 48.26  ? 11  LEU B CB  1 
ATOM   592  C  CG  . LEU B 2 11 ? 0.395   4.458   -4.332  1.00 59.11  ? 11  LEU B CG  1 
ATOM   593  C  CD1 . LEU B 2 11 ? -0.666  4.206   -5.393  1.00 59.71  ? 11  LEU B CD1 1 
ATOM   594  C  CD2 . LEU B 2 11 ? 0.364   5.893   -3.827  1.00 48.40  ? 11  LEU B CD2 1 
ATOM   595  N  N   . TYR B 2 12 ? 2.573   1.522   -3.520  1.00 57.90  ? 12  TYR B N   1 
ATOM   596  C  CA  . TYR B 2 12 ? 3.916   1.279   -4.039  1.00 56.38  ? 12  TYR B CA  1 
ATOM   597  C  C   . TYR B 2 12 ? 4.733   0.474   -3.039  1.00 54.43  ? 12  TYR B C   1 
ATOM   598  O  O   . TYR B 2 12 ? 4.598   0.649   -1.825  1.00 53.22  ? 12  TYR B O   1 
ATOM   599  C  CB  . TYR B 2 12 ? 4.601   2.622   -4.371  1.00 62.15  ? 12  TYR B CB  1 
ATOM   600  C  CG  . TYR B 2 12 ? 5.914   2.569   -5.146  1.00 69.98  ? 12  TYR B CG  1 
ATOM   601  C  CD1 . TYR B 2 12 ? 5.969   2.109   -6.455  1.00 59.14  ? 12  TYR B CD1 1 
ATOM   602  C  CD2 . TYR B 2 12 ? 7.087   3.044   -4.576  1.00 73.35  ? 12  TYR B CD2 1 
ATOM   603  C  CE1 . TYR B 2 12 ? 7.168   2.091   -7.152  1.00 78.30  ? 12  TYR B CE1 1 
ATOM   604  C  CE2 . TYR B 2 12 ? 8.281   3.019   -5.258  1.00 67.27  ? 12  TYR B CE2 1 
ATOM   605  C  CZ  . TYR B 2 12 ? 8.325   2.549   -6.543  1.00 74.13  ? 12  TYR B CZ  1 
ATOM   606  O  OH  . TYR B 2 12 ? 9.541   2.537   -7.206  1.00 79.20  ? 12  TYR B OH  1 
ATOM   607  N  N   . ARG B 2 13 ? 5.548   -0.439  -3.564  1.00 62.79  ? 13  ARG B N   1 
ATOM   608  C  CA  . ARG B 2 13 ? 6.543   -1.152  -2.779  1.00 51.86  ? 13  ARG B CA  1 
ATOM   609  C  C   . ARG B 2 13 ? 7.903   -0.787  -3.334  1.00 52.91  ? 13  ARG B C   1 
ATOM   610  O  O   . ARG B 2 13 ? 8.032   -0.510  -4.518  1.00 62.54  ? 13  ARG B O   1 
ATOM   611  C  CB  . ARG B 2 13 ? 6.350   -2.669  -2.848  1.00 55.89  ? 13  ARG B CB  1 
ATOM   612  C  CG  . ARG B 2 13 ? 5.016   -3.177  -2.412  1.00 66.46  ? 13  ARG B CG  1 
ATOM   613  C  CD  . ARG B 2 13 ? 4.544   -4.344  -3.270  1.00 72.34  ? 13  ARG B CD  1 
ATOM   614  N  NE  . ARG B 2 13 ? 4.896   -5.661  -2.746  1.00 100.42 ? 13  ARG B NE  1 
ATOM   615  C  CZ  . ARG B 2 13 ? 4.716   -6.802  -3.414  1.00 104.90 ? 13  ARG B CZ  1 
ATOM   616  N  NH1 . ARG B 2 13 ? 4.183   -6.779  -4.631  1.00 90.50  ? 13  ARG B NH1 1 
ATOM   617  N  NH2 . ARG B 2 13 ? 5.067   -7.968  -2.873  1.00 97.83  ? 13  ARG B NH2 1 
ATOM   618  N  N   . LYS B 2 14 ? 8.922   -0.790  -2.486  1.00 53.04  ? 14  LYS B N   1 
ATOM   619  C  CA  . LYS B 2 14 ? 10.296  -0.708  -2.969  1.00 53.14  ? 14  LYS B CA  1 
ATOM   620  C  C   . LYS B 2 14 ? 11.264  -1.282  -1.964  1.00 56.18  ? 14  LYS B C   1 
ATOM   621  O  O   . LYS B 2 14 ? 11.182  -0.970  -0.773  1.00 52.64  ? 14  LYS B O   1 
ATOM   622  C  CB  . LYS B 2 14 ? 10.699  0.729   -3.282  1.00 59.58  ? 14  LYS B CB  1 
ATOM   623  C  CG  . LYS B 2 14 ? 11.768  0.792   -4.331  1.00 77.26  ? 14  LYS B CG  1 
ATOM   624  C  CD  . LYS B 2 14 ? 12.629  2.017   -4.209  1.00 80.53  ? 14  LYS B CD  1 
ATOM   625  C  CE  . LYS B 2 14 ? 13.947  1.801   -4.943  1.00 89.43  ? 14  LYS B CE  1 
ATOM   626  N  NZ  . LYS B 2 14 ? 14.795  3.019   -4.898  1.00 82.82  ? 14  LYS B NZ  1 
ATOM   627  N  N   . ASN B 2 15 ? 12.165  -2.137  -2.447  1.00 63.24  ? 15  ASN B N   1 
ATOM   628  C  CA  . ASN B 2 15 ? 13.298  -2.591  -1.654  1.00 55.55  ? 15  ASN B CA  1 
ATOM   629  C  C   . ASN B 2 15 ? 14.330  -1.494  -1.597  1.00 61.32  ? 15  ASN B C   1 
ATOM   630  O  O   . ASN B 2 15 ? 14.673  -0.876  -2.612  1.00 73.81  ? 15  ASN B O   1 
ATOM   631  C  CB  . ASN B 2 15 ? 13.891  -3.834  -2.237  1.00 49.61  ? 15  ASN B CB  1 
ATOM   632  C  CG  . ASN B 2 15 ? 12.857  -4.874  -2.485  1.00 53.70  ? 15  ASN B CG  1 
ATOM   633  O  OD1 . ASN B 2 15 ? 12.238  -5.364  -1.548  1.00 47.87  ? 15  ASN B OD1 1 
ATOM   634  N  ND2 . ASN B 2 15 ? 12.649  -5.226  -3.754  1.00 60.48  ? 15  ASN B ND2 1 
ATOM   635  N  N   . VAL B 2 16 ? 14.828  -1.242  -0.402  1.00 59.32  ? 16  VAL B N   1 
ATOM   636  C  CA  . VAL B 2 16 ? 15.552  -0.005  -0.177  1.00 57.81  ? 16  VAL B CA  1 
ATOM   637  C  C   . VAL B 2 16 ? 16.868  -0.274  0.581   1.00 60.73  ? 16  VAL B C   1 
ATOM   638  O  O   . VAL B 2 16 ? 16.953  -1.189  1.411   1.00 57.64  ? 16  VAL B O   1 
ATOM   639  C  CB  . VAL B 2 16 ? 14.629  0.997   0.572   1.00 57.09  ? 16  VAL B CB  1 
ATOM   640  C  CG1 . VAL B 2 16 ? 14.821  0.935   2.106   1.00 52.94  ? 16  VAL B CG1 1 
ATOM   641  C  CG2 . VAL B 2 16 ? 14.760  2.373   -0.002  1.00 59.83  ? 16  VAL B CG2 1 
ATOM   642  N  N   . THR B 2 17 ? 17.904  0.493   0.245   1.00 56.82  ? 17  THR B N   1 
ATOM   643  C  CA  . THR B 2 17 ? 19.225  0.330   0.859   1.00 68.91  ? 17  THR B CA  1 
ATOM   644  C  C   . THR B 2 17 ? 19.370  1.198   2.101   1.00 75.04  ? 17  THR B C   1 
ATOM   645  O  O   . THR B 2 17 ? 18.603  2.138   2.278   1.00 78.12  ? 17  THR B O   1 
ATOM   646  C  CB  . THR B 2 17 ? 20.335  0.716   -0.095  1.00 64.40  ? 17  THR B CB  1 
ATOM   647  O  OG1 . THR B 2 17 ? 20.366  2.142   -0.184  1.00 75.19  ? 17  THR B OG1 1 
ATOM   648  C  CG2 . THR B 2 17 ? 20.086  0.143   -1.480  1.00 68.98  ? 17  THR B CG2 1 
ATOM   649  N  N   . LEU B 2 18 ? 20.357  0.919   2.949   1.00 78.27  ? 18  LEU B N   1 
ATOM   650  C  CA  . LEU B 2 18 ? 20.583  1.789   4.108   1.00 81.44  ? 18  LEU B CA  1 
ATOM   651  C  C   . LEU B 2 18 ? 20.802  3.246   3.678   1.00 82.30  ? 18  LEU B C   1 
ATOM   652  O  O   . LEU B 2 18 ? 20.409  4.179   4.383   1.00 78.65  ? 18  LEU B O   1 
ATOM   653  C  CB  . LEU B 2 18 ? 21.767  1.302   4.947   1.00 82.11  ? 18  LEU B CB  1 
ATOM   654  C  CG  . LEU B 2 18 ? 21.900  2.056   6.279   1.00 76.14  ? 18  LEU B CG  1 
ATOM   655  C  CD1 . LEU B 2 18 ? 20.691  1.790   7.113   1.00 62.02  ? 18  LEU B CD1 1 
ATOM   656  C  CD2 . LEU B 2 18 ? 23.131  1.667   7.061   1.00 74.27  ? 18  LEU B CD2 1 
ATOM   657  N  N   . ALA B 2 19 ? 21.411  3.434   2.510   1.00 76.14  ? 19  ALA B N   1 
ATOM   658  C  CA  . ALA B 2 19 ? 21.596  4.768   1.970   1.00 64.90  ? 19  ALA B CA  1 
ATOM   659  C  C   . ALA B 2 19 ? 20.244  5.423   1.717   1.00 79.32  ? 19  ALA B C   1 
ATOM   660  O  O   . ALA B 2 19 ? 19.867  6.351   2.421   1.00 84.55  ? 19  ALA B O   1 
ATOM   661  C  CB  . ALA B 2 19 ? 22.412  4.717   0.695   1.00 77.42  ? 19  ALA B CB  1 
ATOM   662  N  N   . GLU B 2 20 ? 19.506  4.916   0.734   1.00 80.89  ? 20  GLU B N   1 
ATOM   663  C  CA  . GLU B 2 20 ? 18.218  5.485   0.332   1.00 73.56  ? 20  GLU B CA  1 
ATOM   664  C  C   . GLU B 2 20 ? 17.245  5.628   1.509   1.00 74.24  ? 20  GLU B C   1 
ATOM   665  O  O   . GLU B 2 20 ? 16.314  6.428   1.481   1.00 77.32  ? 20  GLU B O   1 
ATOM   666  C  CB  . GLU B 2 20 ? 17.588  4.613   -0.748  1.00 71.35  ? 20  GLU B CB  1 
ATOM   667  C  CG  . GLU B 2 20 ? 18.416  4.451   -2.008  1.00 84.56  ? 20  GLU B CG  1 
ATOM   668  C  CD  . GLU B 2 20 ? 18.121  3.144   -2.747  1.00 94.25  ? 20  GLU B CD  1 
ATOM   669  O  OE1 . GLU B 2 20 ? 17.739  2.146   -2.091  1.00 85.10  ? 20  GLU B OE1 1 
ATOM   670  O  OE2 . GLU B 2 20 ? 18.265  3.118   -3.991  1.00 103.70 ? 20  GLU B OE2 1 
ATOM   671  N  N   . LEU B 2 21 ? 17.469  4.839   2.547   1.00 74.07  ? 21  LEU B N   1 
ATOM   672  C  CA  . LEU B 2 21 ? 16.709  4.960   3.782   1.00 76.82  ? 21  LEU B CA  1 
ATOM   673  C  C   . LEU B 2 21 ? 17.037  6.255   4.521   1.00 88.65  ? 21  LEU B C   1 
ATOM   674  O  O   . LEU B 2 21 ? 16.136  6.984   4.931   1.00 91.91  ? 21  LEU B O   1 
ATOM   675  C  CB  . LEU B 2 21 ? 16.994  3.769   4.679   1.00 66.14  ? 21  LEU B CB  1 
ATOM   676  C  CG  . LEU B 2 21 ? 15.826  3.355   5.544   1.00 68.54  ? 21  LEU B CG  1 
ATOM   677  C  CD1 . LEU B 2 21 ? 14.557  3.368   4.721   1.00 74.66  ? 21  LEU B CD1 1 
ATOM   678  C  CD2 . LEU B 2 21 ? 16.081  1.965   6.088   1.00 72.89  ? 21  LEU B CD2 1 
ATOM   679  N  N   . GLU B 2 22 ? 18.329  6.526   4.698   1.00 88.36  ? 22  GLU B N   1 
ATOM   680  C  CA  . GLU B 2 22 ? 18.785  7.798   5.241   1.00 82.55  ? 22  GLU B CA  1 
ATOM   681  C  C   . GLU B 2 22 ? 18.170  8.967   4.459   1.00 80.83  ? 22  GLU B C   1 
ATOM   682  O  O   . GLU B 2 22 ? 17.593  9.878   5.046   1.00 90.56  ? 22  GLU B O   1 
ATOM   683  C  CB  . GLU B 2 22 ? 20.318  7.879   5.213   1.00 74.95  ? 22  GLU B CB  1 
ATOM   684  N  N   . ALA B 2 23 ? 18.261  8.912   3.133   1.00 76.36  ? 23  ALA B N   1 
ATOM   685  C  CA  . ALA B 2 23 ? 17.817  10.002  2.263   1.00 82.24  ? 23  ALA B CA  1 
ATOM   686  C  C   . ALA B 2 23 ? 16.326  10.303  2.371   1.00 92.89  ? 23  ALA B C   1 
ATOM   687  O  O   . ALA B 2 23 ? 15.871  11.397  2.033   1.00 95.80  ? 23  ALA B O   1 
ATOM   688  C  CB  . ALA B 2 23 ? 18.173  9.693   0.815   1.00 81.22  ? 23  ALA B CB  1 
ATOM   689  N  N   . MET B 2 24 ? 15.557  9.333   2.836   1.00 89.46  ? 24  MET B N   1 
ATOM   690  C  CA  . MET B 2 24 ? 14.139  9.565   3.012   1.00 90.56  ? 24  MET B CA  1 
ATOM   691  C  C   . MET B 2 24 ? 13.816  10.103  4.409   1.00 90.80  ? 24  MET B C   1 
ATOM   692  O  O   . MET B 2 24 ? 12.813  10.798  4.592   1.00 85.12  ? 24  MET B O   1 
ATOM   693  C  CB  . MET B 2 24 ? 13.371  8.286   2.740   1.00 96.66  ? 24  MET B CB  1 
ATOM   694  C  CG  . MET B 2 24 ? 13.070  8.052   1.274   1.00 92.21  ? 24  MET B CG  1 
ATOM   695  S  SD  . MET B 2 24 ? 11.995  6.608   1.115   1.00 91.96  ? 24  MET B SD  1 
ATOM   696  C  CE  . MET B 2 24 ? 13.013  5.379   1.920   1.00 82.13  ? 24  MET B CE  1 
ATOM   697  N  N   . GLY B 2 25 ? 14.670  9.788   5.385   1.00 96.88  ? 25  GLY B N   1 
ATOM   698  C  CA  . GLY B 2 25 ? 14.543  10.310  6.742   1.00 102.64 ? 25  GLY B CA  1 
ATOM   699  C  C   . GLY B 2 25 ? 14.572  11.828  6.766   1.00 97.42  ? 25  GLY B C   1 
ATOM   700  O  O   . GLY B 2 25 ? 14.091  12.466  7.707   1.00 101.62 ? 25  GLY B O   1 
ATOM   701  N  N   . GLN B 2 26 ? 15.161  12.391  5.715   1.00 93.91  ? 26  GLN B N   1 
ATOM   702  C  CA  . GLN B 2 26 ? 15.125  13.816  5.438   1.00 98.48  ? 26  GLN B CA  1 
ATOM   703  C  C   . GLN B 2 26 ? 13.721  14.193  5.001   1.00 105.23 ? 26  GLN B C   1 
ATOM   704  O  O   . GLN B 2 26 ? 12.801  14.397  5.823   1.00 97.37  ? 26  GLN B O   1 
ATOM   705  C  CB  . GLN B 2 26 ? 16.126  14.188  4.329   1.00 90.88  ? 26  GLN B CB  1 
ATOM   706  C  CG  . GLN B 2 26 ? 17.610  14.280  4.739   1.00 96.68  ? 26  GLN B CG  1 
ATOM   707  C  CD  . GLN B 2 26 ? 17.828  14.464  6.238   1.00 119.49 ? 26  GLN B CD  1 
ATOM   708  O  OE1 . GLN B 2 26 ? 17.948  13.487  6.981   1.00 121.76 ? 26  GLN B OE1 1 
ATOM   709  N  NE2 . GLN B 2 26 ? 17.903  15.724  6.683   1.00 123.16 ? 26  GLN B NE2 1 
ATOM   710  N  N   . GLN B 2 27 ? 13.585  14.272  3.682   1.00 81.66  ? 27  GLN B N   1 
ATOM   711  C  CA  . GLN B 2 27 ? 12.321  14.516  3.025   1.00 73.19  ? 27  GLN B CA  1 
ATOM   712  C  C   . GLN B 2 27 ? 12.569  14.480  1.534   1.00 86.37  ? 27  GLN B C   1 
ATOM   713  O  O   . GLN B 2 27 ? 11.970  15.240  0.785   1.00 97.34  ? 27  GLN B O   1 
ATOM   714  C  CB  . GLN B 2 27 ? 11.716  15.859  3.443   1.00 86.25  ? 27  GLN B CB  1 
ATOM   715  N  N   . GLN B 2 28 ? 13.474  13.609  1.094   1.00 100.73 ? 28  GLN B N   1 
ATOM   716  C  CA  . GLN B 2 28 ? 13.811  13.562  -0.325  1.00 88.73  ? 28  GLN B CA  1 
ATOM   717  C  C   . GLN B 2 28 ? 12.745  12.770  -1.068  1.00 87.19  ? 28  GLN B C   1 
ATOM   718  O  O   . GLN B 2 28 ? 12.228  11.770  -0.574  1.00 89.46  ? 28  GLN B O   1 
ATOM   719  C  CB  . GLN B 2 28 ? 15.209  12.976  -0.538  1.00 89.19  ? 28  GLN B CB  1 
ATOM   720  C  CG  . GLN B 2 28 ? 15.485  12.439  -1.937  1.00 107.60 ? 28  GLN B CG  1 
ATOM   721  C  CD  . GLN B 2 28 ? 16.969  12.424  -2.277  1.00 117.10 ? 28  GLN B CD  1 
ATOM   722  O  OE1 . GLN B 2 28 ? 17.601  13.477  -2.389  1.00 126.04 ? 28  GLN B OE1 1 
ATOM   723  N  NE2 . GLN B 2 28 ? 17.533  11.231  -2.435  1.00 113.25 ? 28  GLN B NE2 1 
ATOM   724  N  N   . LEU B 2 29 ? 12.413  13.249  -2.257  1.00 81.96  ? 29  LEU B N   1 
ATOM   725  C  CA  . LEU B 2 29 ? 11.308  12.723  -3.033  1.00 75.01  ? 29  LEU B CA  1 
ATOM   726  C  C   . LEU B 2 29 ? 11.596  11.359  -3.621  1.00 82.10  ? 29  LEU B C   1 
ATOM   727  O  O   . LEU B 2 29 ? 12.647  11.145  -4.218  1.00 86.67  ? 29  LEU B O   1 
ATOM   728  C  CB  . LEU B 2 29 ? 10.951  13.705  -4.157  1.00 87.09  ? 29  LEU B CB  1 
ATOM   729  C  CG  . LEU B 2 29 ? 9.810   13.378  -5.132  1.00 96.19  ? 29  LEU B CG  1 
ATOM   730  C  CD1 . LEU B 2 29 ? 9.049   14.644  -5.514  1.00 107.51 ? 29  LEU B CD1 1 
ATOM   731  C  CD2 . LEU B 2 29 ? 10.325  12.683  -6.395  1.00 80.23  ? 29  LEU B CD2 1 
ATOM   732  N  N   . LEU B 2 30 ? 10.639  10.445  -3.457  1.00 92.36  ? 30  LEU B N   1 
ATOM   733  C  CA  . LEU B 2 30 ? 10.666  9.143   -4.120  1.00 87.65  ? 30  LEU B CA  1 
ATOM   734  C  C   . LEU B 2 30 ? 9.791   9.178   -5.377  1.00 80.36  ? 30  LEU B C   1 
ATOM   735  O  O   . LEU B 2 30 ? 8.651   9.641   -5.350  1.00 88.79  ? 30  LEU B O   1 
ATOM   736  C  CB  . LEU B 2 30 ? 10.213  8.040   -3.159  1.00 88.25  ? 30  LEU B CB  1 
ATOM   737  C  CG  . LEU B 2 30 ? 9.996   6.643   -3.765  1.00 104.88 ? 30  LEU B CG  1 
ATOM   738  C  CD1 . LEU B 2 30 ? 11.272  6.031   -4.348  1.00 85.46  ? 30  LEU B CD1 1 
ATOM   739  C  CD2 . LEU B 2 30 ? 9.360   5.710   -2.734  1.00 98.74  ? 30  LEU B CD2 1 
ATOM   740  N  N   . SER B 2 31 ? 10.332  8.695   -6.486  1.00 80.47  ? 31  SER B N   1 
ATOM   741  C  CA  . SER B 2 31 ? 9.712   8.948   -7.771  1.00 86.59  ? 31  SER B CA  1 
ATOM   742  C  C   . SER B 2 31 ? 8.811   7.812   -8.206  1.00 91.50  ? 31  SER B C   1 
ATOM   743  O  O   . SER B 2 31 ? 9.272   6.746   -8.612  1.00 98.80  ? 31  SER B O   1 
ATOM   744  C  CB  . SER B 2 31 ? 10.777  9.208   -8.836  1.00 85.69  ? 31  SER B CB  1 
ATOM   745  O  OG  . SER B 2 31 ? 10.197  9.782   -10.002 1.00 94.59  ? 31  SER B OG  1 
ATOM   746  N  N   . LEU B 2 32 ? 7.515   8.061   -8.117  1.00 86.70  ? 32  LEU B N   1 
ATOM   747  C  CA  . LEU B 2 32 ? 6.525   7.112   -8.570  1.00 85.41  ? 32  LEU B CA  1 
ATOM   748  C  C   . LEU B 2 32 ? 6.176   7.468   -9.981  1.00 84.17  ? 32  LEU B C   1 
ATOM   749  O  O   . LEU B 2 32 ? 6.177   8.647   -10.323 1.00 84.47  ? 32  LEU B O   1 
ATOM   750  C  CB  . LEU B 2 32 ? 5.275   7.157   -7.695  1.00 83.21  ? 32  LEU B CB  1 
ATOM   751  C  CG  . LEU B 2 32 ? 5.207   6.383   -6.377  1.00 81.96  ? 32  LEU B CG  1 
ATOM   752  C  CD1 . LEU B 2 32 ? 6.517   6.413   -5.585  1.00 79.09  ? 32  LEU B CD1 1 
ATOM   753  C  CD2 . LEU B 2 32 ? 4.055   6.938   -5.552  1.00 76.59  ? 32  LEU B CD2 1 
ATOM   754  N  N   . PRO B 2 33 ? 5.847   6.462   -10.803 1.00 82.83  ? 33  PRO B N   1 
ATOM   755  C  CA  . PRO B 2 33 ? 5.362   6.801   -12.141 1.00 88.78  ? 33  PRO B CA  1 
ATOM   756  C  C   . PRO B 2 33 ? 4.117   7.680   -12.055 1.00 97.37  ? 33  PRO B C   1 
ATOM   757  O  O   . PRO B 2 33 ? 3.544   7.846   -10.976 1.00 91.17  ? 33  PRO B O   1 
ATOM   758  C  CB  . PRO B 2 33 ? 5.046   5.439   -12.766 1.00 89.14  ? 33  PRO B CB  1 
ATOM   759  C  CG  . PRO B 2 33 ? 4.959   4.477   -11.618 1.00 81.82  ? 33  PRO B CG  1 
ATOM   760  C  CD  . PRO B 2 33 ? 5.847   5.011   -10.546 1.00 75.24  ? 33  PRO B CD  1 
ATOM   761  N  N   . THR B 2 34 ? 3.715   8.266   -13.174 1.00 104.76 ? 34  THR B N   1 
ATOM   762  C  CA  . THR B 2 34 ? 2.438   8.962   -13.204 1.00 106.63 ? 34  THR B CA  1 
ATOM   763  C  C   . THR B 2 34 ? 1.320   7.939   -12.945 1.00 99.14  ? 34  THR B C   1 
ATOM   764  O  O   . THR B 2 34 ? 0.315   8.249   -12.297 1.00 77.87  ? 34  THR B O   1 
ATOM   765  C  CB  . THR B 2 34 ? 2.213   9.685   -14.553 1.00 94.75  ? 34  THR B CB  1 
ATOM   766  N  N   . ASN B 2 35 ? 1.547   6.708   -13.414 1.00 99.24  ? 35  ASN B N   1 
ATOM   767  C  CA  . ASN B 2 35 ? 0.513   5.672   -13.497 1.00 94.32  ? 35  ASN B CA  1 
ATOM   768  C  C   . ASN B 2 35 ? 0.368   4.751   -12.270 1.00 89.10  ? 35  ASN B C   1 
ATOM   769  O  O   . ASN B 2 35 ? -0.086  3.613   -12.394 1.00 76.87  ? 35  ASN B O   1 
ATOM   770  C  CB  . ASN B 2 35 ? 0.778   4.810   -14.736 1.00 73.44  ? 35  ASN B CB  1 
ATOM   771  N  N   . ALA B 2 36 ? 0.732   5.241   -11.089 1.00 92.21  ? 36  ALA B N   1 
ATOM   772  C  CA  . ALA B 2 36 ? 0.805   4.382   -9.904  1.00 78.89  ? 36  ALA B CA  1 
ATOM   773  C  C   . ALA B 2 36 ? -0.568  3.914   -9.446  1.00 77.99  ? 36  ALA B C   1 
ATOM   774  O  O   . ALA B 2 36 ? -0.755  2.744   -9.080  1.00 68.65  ? 36  ALA B O   1 
ATOM   775  C  CB  . ALA B 2 36 ? 1.506   5.109   -8.773  1.00 73.73  ? 36  ALA B CB  1 
ATOM   776  N  N   . GLU B 2 37 ? -1.525  4.838   -9.481  1.00 68.35  ? 37  GLU B N   1 
ATOM   777  C  CA  . GLU B 2 37 ? -2.882  4.571   -9.031  1.00 59.01  ? 37  GLU B CA  1 
ATOM   778  C  C   . GLU B 2 37 ? -3.628  3.542   -9.878  1.00 62.53  ? 37  GLU B C   1 
ATOM   779  O  O   . GLU B 2 37 ? -4.751  3.185   -9.564  1.00 65.68  ? 37  GLU B O   1 
ATOM   780  C  CB  . GLU B 2 37 ? -3.677  5.869   -8.996  1.00 56.11  ? 37  GLU B CB  1 
ATOM   781  C  CG  . GLU B 2 37 ? -3.443  6.693   -7.759  1.00 61.73  ? 37  GLU B CG  1 
ATOM   782  C  CD  . GLU B 2 37 ? -2.155  7.502   -7.792  1.00 82.44  ? 37  GLU B CD  1 
ATOM   783  O  OE1 . GLU B 2 37 ? -1.498  7.563   -8.864  1.00 86.88  ? 37  GLU B OE1 1 
ATOM   784  O  OE2 . GLU B 2 37 ? -1.812  8.085   -6.731  1.00 63.83  ? 37  GLU B OE2 1 
ATOM   785  N  N   . LEU B 2 38 ? -2.997  3.051   -10.933 1.00 61.20  ? 38  LEU B N   1 
ATOM   786  C  CA  . LEU B 2 38 ? -3.649  2.120   -11.829 1.00 57.87  ? 38  LEU B CA  1 
ATOM   787  C  C   . LEU B 2 38 ? -3.104  0.725   -11.609 1.00 66.75  ? 38  LEU B C   1 
ATOM   788  O  O   . LEU B 2 38 ? -3.567  -0.245  -12.225 1.00 77.18  ? 38  LEU B O   1 
ATOM   789  C  CB  . LEU B 2 38 ? -3.473  2.567   -13.279 1.00 63.64  ? 38  LEU B CB  1 
ATOM   790  C  CG  . LEU B 2 38 ? -4.437  3.673   -13.738 1.00 70.30  ? 38  LEU B CG  1 
ATOM   791  C  CD1 . LEU B 2 38 ? -4.351  4.977   -12.938 1.00 46.11  ? 38  LEU B CD1 1 
ATOM   792  C  CD2 . LEU B 2 38 ? -4.194  3.946   -15.193 1.00 82.85  ? 38  LEU B CD2 1 
ATOM   793  N  N   . ASN B 2 39 ? -2.112  0.626   -10.727 1.00 68.82  ? 39  ASN B N   1 
ATOM   794  C  CA  . ASN B 2 39 ? -1.702  -0.674  -10.190 1.00 73.48  ? 39  ASN B CA  1 
ATOM   795  C  C   . ASN B 2 39 ? -1.443  -0.569  -8.677  1.00 59.01  ? 39  ASN B C   1 
ATOM   796  O  O   . ASN B 2 39 ? -0.312  -0.449  -8.228  1.00 62.91  ? 39  ASN B O   1 
ATOM   797  C  CB  . ASN B 2 39 ? -0.475  -1.226  -10.939 1.00 54.47  ? 39  ASN B CB  1 
ATOM   798  N  N   . VAL B 2 40 ? -2.530  -0.577  -7.911  1.00 58.20  ? 40  VAL B N   1 
ATOM   799  C  CA  . VAL B 2 40 ? -2.494  -0.649  -6.450  1.00 52.58  ? 40  VAL B CA  1 
ATOM   800  C  C   . VAL B 2 40 ? -2.544  -2.099  -6.054  1.00 54.05  ? 40  VAL B C   1 
ATOM   801  O  O   . VAL B 2 40 ? -3.494  -2.794  -6.377  1.00 60.18  ? 40  VAL B O   1 
ATOM   802  C  CB  . VAL B 2 40 ? -3.682  0.079   -5.791  1.00 50.93  ? 40  VAL B CB  1 
ATOM   803  C  CG1 . VAL B 2 40 ? -3.737  -0.204  -4.284  1.00 51.12  ? 40  VAL B CG1 1 
ATOM   804  C  CG2 . VAL B 2 40 ? -3.616  1.559   -6.056  1.00 45.96  ? 40  VAL B CG2 1 
ATOM   805  N  N   . GLU B 2 41 ? -1.512  -2.578  -5.386  1.00 53.87  ? 41  GLU B N   1 
ATOM   806  C  CA  . GLU B 2 41 ? -1.494  -3.984  -5.007  1.00 56.02  ? 41  GLU B CA  1 
ATOM   807  C  C   . GLU B 2 41 ? -2.414  -4.201  -3.824  1.00 48.41  ? 41  GLU B C   1 
ATOM   808  O  O   . GLU B 2 41 ? -2.523  -3.359  -2.951  1.00 53.83  ? 41  GLU B O   1 
ATOM   809  C  CB  . GLU B 2 41 ? -0.072  -4.454  -4.675  1.00 67.42  ? 41  GLU B CB  1 
ATOM   810  C  CG  . GLU B 2 41 ? 0.769   -4.891  -5.875  1.00 65.70  ? 41  GLU B CG  1 
ATOM   811  C  CD  . GLU B 2 41 ? 2.212   -4.503  -5.707  1.00 84.40  ? 41  GLU B CD  1 
ATOM   812  O  OE1 . GLU B 2 41 ? 2.448   -3.363  -5.229  1.00 85.45  ? 41  GLU B OE1 1 
ATOM   813  O  OE2 . GLU B 2 41 ? 3.099   -5.326  -6.042  1.00 74.91  ? 41  GLU B OE2 1 
ATOM   814  N  N   . ILE B 2 42 ? -3.081  -5.341  -3.804  1.00 58.52  ? 42  ILE B N   1 
ATOM   815  C  CA  . ILE B 2 42 ? -3.990  -5.666  -2.722  1.00 55.80  ? 42  ILE B CA  1 
ATOM   816  C  C   . ILE B 2 42 ? -3.461  -6.835  -1.959  1.00 55.96  ? 42  ILE B C   1 
ATOM   817  O  O   . ILE B 2 42 ? -3.377  -7.935  -2.485  1.00 59.63  ? 42  ILE B O   1 
ATOM   818  C  CB  . ILE B 2 42 ? -5.369  -6.006  -3.244  1.00 59.23  ? 42  ILE B CB  1 
ATOM   819  C  CG1 . ILE B 2 42 ? -5.951  -4.793  -3.937  1.00 42.71  ? 42  ILE B CG1 1 
ATOM   820  C  CG2 . ILE B 2 42 ? -6.280  -6.451  -2.101  1.00 57.04  ? 42  ILE B CG2 1 
ATOM   821  C  CD1 . ILE B 2 42 ? -7.225  -5.084  -4.565  1.00 61.72  ? 42  ILE B CD1 1 
ATOM   822  N  N   . MET B 2 43 ? -3.108  -6.607  -0.708  1.00 60.26  ? 43  MET B N   1 
ATOM   823  C  CA  . MET B 2 43 ? -2.439  -7.652  0.042   1.00 70.60  ? 43  MET B CA  1 
ATOM   824  C  C   . MET B 2 43 ? -3.227  -8.079  1.263   1.00 61.64  ? 43  MET B C   1 
ATOM   825  O  O   . MET B 2 43 ? -3.625  -7.256  2.081   1.00 58.19  ? 43  MET B O   1 
ATOM   826  C  CB  . MET B 2 43 ? -1.035  -7.183  0.427   1.00 62.40  ? 43  MET B CB  1 
ATOM   827  C  CG  . MET B 2 43 ? -0.130  -7.051  -0.791  1.00 61.05  ? 43  MET B CG  1 
ATOM   828  S  SD  . MET B 2 43 ? 1.505   -6.451  -0.374  1.00 109.41 ? 43  MET B SD  1 
ATOM   829  C  CE  . MET B 2 43 ? 1.795   -7.320  1.173   1.00 90.38  ? 43  MET B CE  1 
ATOM   830  N  N   . ALA B 2 44 ? -3.487  -9.379  1.353   1.00 79.35  ? 44  ALA B N   1 
ATOM   831  C  CA  . ALA B 2 44 ? -3.989  -9.963  2.590   1.00 76.40  ? 44  ALA B CA  1 
ATOM   832  C  C   . ALA B 2 44 ? -2.785  -10.282 3.438   1.00 82.13  ? 44  ALA B C   1 
ATOM   833  O  O   . ALA B 2 44 ? -1.678  -9.863  3.116   1.00 86.15  ? 44  ALA B O   1 
ATOM   834  C  CB  . ALA B 2 44 ? -4.802  -11.188 2.343   1.00 64.23  ? 44  ALA B CB  1 
ATOM   835  N  N   . ASN B 2 45 ? -2.994  -11.042 4.501   1.00 83.32  ? 45  ASN B N   1 
ATOM   836  C  CA  . ASN B 2 45 ? -1.999  -11.185 5.554   1.00 77.96  ? 45  ASN B CA  1 
ATOM   837  C  C   . ASN B 2 45 ? -0.603  -11.550 5.070   1.00 84.83  ? 45  ASN B C   1 
ATOM   838  O  O   . ASN B 2 45 ? -0.043  -12.550 5.500   1.00 101.61 ? 45  ASN B O   1 
ATOM   839  C  CB  . ASN B 2 45 ? -2.467  -12.230 6.562   1.00 76.38  ? 45  ASN B CB  1 
ATOM   840  C  CG  . ASN B 2 45 ? -3.876  -11.961 7.074   1.00 88.52  ? 45  ASN B CG  1 
ATOM   841  O  OD1 . ASN B 2 45 ? -4.777  -12.788 6.914   1.00 92.92  ? 45  ASN B OD1 1 
ATOM   842  N  ND2 . ASN B 2 45 ? -4.069  -10.803 7.694   1.00 82.21  ? 45  ASN B ND2 1 
ATOM   843  N  N   . GLY B 2 46 ? -0.041  -10.729 4.187   1.00 79.89  ? 46  GLY B N   1 
ATOM   844  C  CA  . GLY B 2 46 ? 1.315   -10.925 3.712   1.00 82.01  ? 46  GLY B CA  1 
ATOM   845  C  C   . GLY B 2 46 ? 1.414   -11.157 2.219   1.00 85.54  ? 46  GLY B C   1 
ATOM   846  O  O   . GLY B 2 46 ? 2.284   -10.593 1.546   1.00 88.80  ? 46  GLY B O   1 
ATOM   847  N  N   . VAL B 2 47 ? 0.511   -11.979 1.699   1.00 73.51  ? 47  VAL B N   1 
ATOM   848  C  CA  . VAL B 2 47 ? 0.579   -12.403 0.309   1.00 71.86  ? 47  VAL B CA  1 
ATOM   849  C  C   . VAL B 2 47 ? -0.142  -11.436 -0.639  1.00 75.37  ? 47  VAL B C   1 
ATOM   850  O  O   . VAL B 2 47 ? -1.125  -10.787 -0.274  1.00 75.72  ? 47  VAL B O   1 
ATOM   851  C  CB  . VAL B 2 47 ? 0.006   -13.852 0.154   1.00 83.35  ? 47  VAL B CB  1 
ATOM   852  C  CG1 . VAL B 2 47 ? -0.153  -14.501 1.510   1.00 75.38  ? 47  VAL B CG1 1 
ATOM   853  C  CG2 . VAL B 2 47 ? -1.325  -13.876 -0.583  1.00 77.87  ? 47  VAL B CG2 1 
ATOM   854  N  N   . LEU B 2 48 ? 0.384   -11.327 -1.851  1.00 75.62  ? 48  LEU B N   1 
ATOM   855  C  CA  . LEU B 2 48 ? -0.215  -10.509 -2.901  1.00 74.98  ? 48  LEU B CA  1 
ATOM   856  C  C   . LEU B 2 48 ? -1.431  -11.215 -3.498  1.00 66.36  ? 48  LEU B C   1 
ATOM   857  O  O   . LEU B 2 48 ? -1.324  -12.360 -3.923  1.00 67.78  ? 48  LEU B O   1 
ATOM   858  C  CB  . LEU B 2 48 ? 0.824   -10.217 -3.993  1.00 62.58  ? 48  LEU B CB  1 
ATOM   859  C  CG  . LEU B 2 48 ? 0.329   -9.433  -5.202  1.00 59.98  ? 48  LEU B CG  1 
ATOM   860  C  CD1 . LEU B 2 48 ? -0.158  -8.077  -4.749  1.00 72.07  ? 48  LEU B CD1 1 
ATOM   861  C  CD2 . LEU B 2 48 ? 1.412   -9.276  -6.227  1.00 70.20  ? 48  LEU B CD2 1 
ATOM   862  N  N   . LEU B 2 49 ? -2.577  -10.541 -3.542  1.00 65.75  ? 49  LEU B N   1 
ATOM   863  C  CA  . LEU B 2 49 ? -3.812  -11.156 -4.061  1.00 59.57  ? 49  LEU B CA  1 
ATOM   864  C  C   . LEU B 2 49 ? -4.195  -10.655 -5.442  1.00 60.36  ? 49  LEU B C   1 
ATOM   865  O  O   . LEU B 2 49 ? -4.981  -11.281 -6.142  1.00 66.80  ? 49  LEU B O   1 
ATOM   866  C  CB  . LEU B 2 49 ? -4.988  -10.895 -3.135  1.00 55.90  ? 49  LEU B CB  1 
ATOM   867  C  CG  . LEU B 2 49 ? -5.204  -11.728 -1.886  1.00 76.25  ? 49  LEU B CG  1 
ATOM   868  C  CD1 . LEU B 2 49 ? -3.999  -11.622 -1.009  1.00 79.46  ? 49  LEU B CD1 1 
ATOM   869  C  CD2 . LEU B 2 49 ? -6.440  -11.230 -1.144  1.00 72.16  ? 49  LEU B CD2 1 
ATOM   870  N  N   . GLY B 2 50 ? -3.667  -9.510  -5.828  1.00 57.81  ? 50  GLY B N   1 
ATOM   871  C  CA  . GLY B 2 50 ? -4.168  -8.870  -7.019  1.00 56.79  ? 50  GLY B CA  1 
ATOM   872  C  C   . GLY B 2 50 ? -3.845  -7.400  -7.044  1.00 58.64  ? 50  GLY B C   1 
ATOM   873  O  O   . GLY B 2 50 ? -3.074  -6.898  -6.232  1.00 66.73  ? 50  GLY B O   1 
ATOM   874  N  N   . ASN B 2 51 ? -4.481  -6.693  -7.958  1.00 51.46  ? 51  ASN B N   1 
ATOM   875  C  CA  . ASN B 2 51 ? -3.917  -5.463  -8.452  1.00 54.72  ? 51  ASN B CA  1 
ATOM   876  C  C   . ASN B 2 51 ? -5.076  -4.716  -9.100  1.00 56.70  ? 51  ASN B C   1 
ATOM   877  O  O   . ASN B 2 51 ? -6.003  -5.351  -9.579  1.00 53.53  ? 51  ASN B O   1 
ATOM   878  C  CB  . ASN B 2 51 ? -2.761  -5.826  -9.407  1.00 60.93  ? 51  ASN B CB  1 
ATOM   879  C  CG  . ASN B 2 51 ? -2.179  -4.650  -10.138 1.00 72.75  ? 51  ASN B CG  1 
ATOM   880  O  OD1 . ASN B 2 51 ? -2.784  -4.127  -11.076 1.00 79.90  ? 51  ASN B OD1 1 
ATOM   881  N  ND2 . ASN B 2 51 ? -0.963  -4.260  -9.758  1.00 89.58  ? 51  ASN B ND2 1 
ATOM   882  N  N   . GLY B 2 52 ? -5.076  -3.389  -9.072  1.00 53.76  ? 52  GLY B N   1 
ATOM   883  C  CA  . GLY B 2 52 ? -6.180  -2.660  -9.662  1.00 47.12  ? 52  GLY B CA  1 
ATOM   884  C  C   . GLY B 2 52 ? -6.083  -1.153  -9.569  1.00 57.41  ? 52  GLY B C   1 
ATOM   885  O  O   . GLY B 2 52 ? -5.195  -0.615  -8.912  1.00 58.62  ? 52  GLY B O   1 
ATOM   886  N  N   . GLU B 2 53 ? -7.016  -0.475  -10.231 1.00 56.32  ? 53  GLU B N   1 
ATOM   887  C  CA  . GLU B 2 53 ? -7.040  0.981   -10.299 1.00 63.46  ? 53  GLU B CA  1 
ATOM   888  C  C   . GLU B 2 53 ? -7.825  1.596   -9.140  1.00 54.87  ? 53  GLU B C   1 
ATOM   889  O  O   . GLU B 2 53 ? -8.846  1.074   -8.727  1.00 66.81  ? 53  GLU B O   1 
ATOM   890  C  CB  . GLU B 2 53 ? -7.629  1.425   -11.639 1.00 69.61  ? 53  GLU B CB  1 
ATOM   891  C  CG  . GLU B 2 53 ? -8.157  2.850   -11.663 1.00 84.11  ? 53  GLU B CG  1 
ATOM   892  C  CD  . GLU B 2 53 ? -9.019  3.131   -12.884 1.00 98.65  ? 53  GLU B CD  1 
ATOM   893  O  OE1 . GLU B 2 53 ? -9.193  2.201   -13.710 1.00 93.54  ? 53  GLU B OE1 1 
ATOM   894  O  OE2 . GLU B 2 53 ? -9.523  4.275   -13.007 1.00 86.01  ? 53  GLU B OE2 1 
ATOM   895  N  N   . LEU B 2 54 ? -7.336  2.706   -8.608  1.00 62.12  ? 54  LEU B N   1 
ATOM   896  C  CA  . LEU B 2 54 ? -8.010  3.385   -7.512  1.00 55.60  ? 54  LEU B CA  1 
ATOM   897  C  C   . LEU B 2 54 ? -9.253  4.119   -8.003  1.00 58.55  ? 54  LEU B C   1 
ATOM   898  O  O   . LEU B 2 54 ? -9.185  4.846   -8.989  1.00 74.59  ? 54  LEU B O   1 
ATOM   899  C  CB  . LEU B 2 54 ? -7.053  4.360   -6.840  1.00 47.03  ? 54  LEU B CB  1 
ATOM   900  C  CG  . LEU B 2 54 ? -7.624  5.033   -5.598  1.00 56.83  ? 54  LEU B CG  1 
ATOM   901  C  CD1 . LEU B 2 54 ? -7.708  4.064   -4.409  1.00 52.40  ? 54  LEU B CD1 1 
ATOM   902  C  CD2 . LEU B 2 54 ? -6.840  6.280   -5.235  1.00 46.78  ? 54  LEU B CD2 1 
ATOM   903  N  N   . VAL B 2 55 ? -10.380 3.922   -7.325  1.00 54.36  ? 55  VAL B N   1 
ATOM   904  C  CA  . VAL B 2 55 ? -11.665 4.464   -7.764  1.00 61.03  ? 55  VAL B CA  1 
ATOM   905  C  C   . VAL B 2 55 ? -12.380 5.136   -6.623  1.00 63.93  ? 55  VAL B C   1 
ATOM   906  O  O   . VAL B 2 55 ? -12.130 4.839   -5.460  1.00 63.30  ? 55  VAL B O   1 
ATOM   907  C  CB  . VAL B 2 55 ? -12.604 3.373   -8.326  1.00 58.00  ? 55  VAL B CB  1 
ATOM   908  C  CG1 . VAL B 2 55 ? -12.071 2.814   -9.612  1.00 66.37  ? 55  VAL B CG1 1 
ATOM   909  C  CG2 . VAL B 2 55 ? -12.778 2.259   -7.324  1.00 45.24  ? 55  VAL B CG2 1 
ATOM   910  N  N   . GLN B 2 56 ? -13.296 6.034   -6.949  1.00 57.76  ? 56  GLN B N   1 
ATOM   911  C  CA  . GLN B 2 56 ? -14.091 6.642   -5.901  1.00 58.84  ? 56  GLN B CA  1 
ATOM   912  C  C   . GLN B 2 56 ? -15.588 6.416   -6.119  1.00 64.38  ? 56  GLN B C   1 
ATOM   913  O  O   . GLN B 2 56 ? -16.163 6.868   -7.107  1.00 66.54  ? 56  GLN B O   1 
ATOM   914  C  CB  . GLN B 2 56 ? -13.781 8.125   -5.814  1.00 69.44  ? 56  GLN B CB  1 
ATOM   915  C  CG  . GLN B 2 56 ? -14.450 8.846   -4.660  1.00 75.86  ? 56  GLN B CG  1 
ATOM   916  C  CD  . GLN B 2 56 ? -13.880 10.238  -4.485  1.00 76.57  ? 56  GLN B CD  1 
ATOM   917  O  OE1 . GLN B 2 56 ? -12.735 10.400  -4.063  1.00 85.53  ? 56  GLN B OE1 1 
ATOM   918  N  NE2 . GLN B 2 56 ? -14.657 11.249  -4.850  1.00 72.85  ? 56  GLN B NE2 1 
ATOM   919  N  N   . MET B 2 57 ? -16.208 5.683   -5.206  1.00 65.08  ? 57  MET B N   1 
ATOM   920  C  CA  . MET B 2 57 ? -17.642 5.488   -5.242  1.00 65.04  ? 57  MET B CA  1 
ATOM   921  C  C   . MET B 2 57 ? -18.305 6.252   -4.106  1.00 81.92  ? 57  MET B C   1 
ATOM   922  O  O   . MET B 2 57 ? -18.176 5.876   -2.930  1.00 67.99  ? 57  MET B O   1 
ATOM   923  C  CB  . MET B 2 57 ? -18.014 4.016   -5.137  1.00 62.27  ? 57  MET B CB  1 
ATOM   924  C  CG  . MET B 2 57 ? -17.349 3.093   -6.125  1.00 70.04  ? 57  MET B CG  1 
ATOM   925  S  SD  . MET B 2 57 ? -18.277 1.547   -6.332  1.00 73.28  ? 57  MET B SD  1 
ATOM   926  C  CE  . MET B 2 57 ? -19.325 1.594   -4.874  1.00 77.81  ? 57  MET B CE  1 
ATOM   927  N  N   . ASN B 2 58 ? -19.031 7.308   -4.472  1.00 89.04  ? 58  ASN B N   1 
ATOM   928  C  CA  . ASN B 2 58 ? -19.793 8.080   -3.508  1.00 90.20  ? 58  ASN B CA  1 
ATOM   929  C  C   . ASN B 2 58 ? -18.812 8.613   -2.463  1.00 91.25  ? 58  ASN B C   1 
ATOM   930  O  O   . ASN B 2 58 ? -17.934 9.416   -2.772  1.00 83.80  ? 58  ASN B O   1 
ATOM   931  C  CB  . ASN B 2 58 ? -20.912 7.200   -2.901  1.00 95.11  ? 58  ASN B CB  1 
ATOM   932  C  CG  . ASN B 2 58 ? -21.599 7.821   -1.678  1.00 106.39 ? 58  ASN B CG  1 
ATOM   933  O  OD1 . ASN B 2 58 ? -21.823 9.031   -1.622  1.00 116.87 ? 58  ASN B OD1 1 
ATOM   934  N  ND2 . ASN B 2 58 ? -21.902 6.985   -0.681  1.00 88.24  ? 58  ASN B ND2 1 
ATOM   935  N  N   . ASP B 2 59 ? -18.916 8.093   -1.252  1.00 100.94 ? 59  ASP B N   1 
ATOM   936  C  CA  . ASP B 2 59 ? -18.189 8.577   -0.093  1.00 107.69 ? 59  ASP B CA  1 
ATOM   937  C  C   . ASP B 2 59 ? -16.738 8.107   -0.141  1.00 92.21  ? 59  ASP B C   1 
ATOM   938  O  O   . ASP B 2 59 ? -15.796 8.885   0.035   1.00 75.93  ? 59  ASP B O   1 
ATOM   939  C  CB  . ASP B 2 59 ? -18.917 8.068   1.174   1.00 121.18 ? 59  ASP B CB  1 
ATOM   940  C  CG  . ASP B 2 59 ? -18.325 8.591   2.489   1.00 137.71 ? 59  ASP B CG  1 
ATOM   941  O  OD1 . ASP B 2 59 ? -17.362 9.394   2.467   1.00 154.08 ? 59  ASP B OD1 1 
ATOM   942  O  OD2 . ASP B 2 59 ? -18.852 8.195   3.560   1.00 106.83 ? 59  ASP B OD2 1 
ATOM   943  N  N   . THR B 2 60 ? -16.591 6.822   -0.428  1.00 87.88  ? 60  THR B N   1 
ATOM   944  C  CA  . THR B 2 60 ? -15.398 6.076   -0.095  1.00 81.28  ? 60  THR B CA  1 
ATOM   945  C  C   . THR B 2 60 ? -14.472 5.831   -1.276  1.00 77.96  ? 60  THR B C   1 
ATOM   946  O  O   . THR B 2 60 ? -14.814 6.098   -2.432  1.00 71.33  ? 60  THR B O   1 
ATOM   947  C  CB  . THR B 2 60 ? -15.788 4.716   0.519   1.00 89.65  ? 60  THR B CB  1 
ATOM   948  O  OG1 . THR B 2 60 ? -16.890 4.175   -0.219  1.00 97.99  ? 60  THR B OG1 1 
ATOM   949  C  CG2 . THR B 2 60 ? -16.211 4.873   1.986   1.00 96.90  ? 60  THR B CG2 1 
ATOM   950  N  N   . LEU B 2 61 ? -13.281 5.330   -0.956  1.00 72.92  ? 61  LEU B N   1 
ATOM   951  C  CA  . LEU B 2 61 ? -12.315 4.931   -1.962  1.00 61.33  ? 61  LEU B CA  1 
ATOM   952  C  C   . LEU B 2 61 ? -12.223 3.424   -2.069  1.00 56.88  ? 61  LEU B C   1 
ATOM   953  O  O   . LEU B 2 61 ? -12.610 2.695   -1.157  1.00 60.62  ? 61  LEU B O   1 
ATOM   954  C  CB  . LEU B 2 61 ? -10.945 5.503   -1.642  1.00 67.97  ? 61  LEU B CB  1 
ATOM   955  C  CG  . LEU B 2 61 ? -10.671 6.945   -2.067  1.00 66.17  ? 61  LEU B CG  1 
ATOM   956  C  CD1 . LEU B 2 61 ? -9.265  7.299   -1.662  1.00 48.96  ? 61  LEU B CD1 1 
ATOM   957  C  CD2 . LEU B 2 61 ? -10.861 7.117   -3.556  1.00 57.80  ? 61  LEU B CD2 1 
ATOM   958  N  N   . GLY B 2 62 ? -11.694 2.951   -3.184  1.00 50.26  ? 62  GLY B N   1 
ATOM   959  C  CA  . GLY B 2 62 ? -11.665 1.530   -3.417  1.00 41.01  ? 62  GLY B CA  1 
ATOM   960  C  C   . GLY B 2 62 ? -10.799 1.223   -4.600  1.00 51.25  ? 62  GLY B C   1 
ATOM   961  O  O   . GLY B 2 62 ? -10.297 2.123   -5.258  1.00 55.72  ? 62  GLY B O   1 
ATOM   962  N  N   . VAL B 2 63 ? -10.639 -0.062  -4.869  1.00 50.32  ? 63  VAL B N   1 
ATOM   963  C  CA  . VAL B 2 63 ? -9.793  -0.537  -5.945  1.00 45.07  ? 63  VAL B CA  1 
ATOM   964  C  C   . VAL B 2 63 ? -10.594 -1.409  -6.880  1.00 52.28  ? 63  VAL B C   1 
ATOM   965  O  O   . VAL B 2 63 ? -11.004 -2.489  -6.486  1.00 57.64  ? 63  VAL B O   1 
ATOM   966  C  CB  . VAL B 2 63 ? -8.597  -1.352  -5.409  1.00 48.43  ? 63  VAL B CB  1 
ATOM   967  C  CG1 . VAL B 2 63 ? -7.861  -1.996  -6.538  1.00 47.70  ? 63  VAL B CG1 1 
ATOM   968  C  CG2 . VAL B 2 63 ? -7.652  -0.464  -4.605  1.00 46.85  ? 63  VAL B CG2 1 
ATOM   969  N  N   . GLU B 2 64 ? -10.833 -0.933  -8.105  1.00 47.46  ? 64  GLU B N   1 
ATOM   970  C  CA  . GLU B 2 64 ? -11.471 -1.744  -9.138  1.00 51.14  ? 64  GLU B CA  1 
ATOM   971  C  C   . GLU B 2 64 ? -10.503 -2.820  -9.605  1.00 59.20  ? 64  GLU B C   1 
ATOM   972  O  O   . GLU B 2 64 ? -9.461  -2.499  -10.163 1.00 60.31  ? 64  GLU B O   1 
ATOM   973  C  CB  . GLU B 2 64 ? -11.910 -0.867  -10.312 1.00 61.61  ? 64  GLU B CB  1 
ATOM   974  C  CG  . GLU B 2 64 ? -12.678 -1.594  -11.428 1.00 62.79  ? 64  GLU B CG  1 
ATOM   975  C  CD  . GLU B 2 64 ? -13.388 -0.628  -12.379 1.00 70.31  ? 64  GLU B CD  1 
ATOM   976  O  OE1 . GLU B 2 64 ? -14.621 -0.438  -12.252 1.00 89.06  ? 64  GLU B OE1 1 
ATOM   977  O  OE2 . GLU B 2 64 ? -12.718 -0.053  -13.258 1.00 74.01  ? 64  GLU B OE2 1 
ATOM   978  N  N   . ILE B 2 65 ? -10.838 -4.089  -9.375  1.00 63.95  ? 65  ILE B N   1 
ATOM   979  C  CA  . ILE B 2 65 ? -9.916  -5.204  -9.629  1.00 64.11  ? 65  ILE B CA  1 
ATOM   980  C  C   . ILE B 2 65 ? -9.570  -5.451  -11.097 1.00 67.91  ? 65  ILE B C   1 
ATOM   981  O  O   . ILE B 2 65 ? -10.447 -5.806  -11.883 1.00 75.69  ? 65  ILE B O   1 
ATOM   982  C  CB  . ILE B 2 65 ? -10.477 -6.519  -9.078  1.00 61.70  ? 65  ILE B CB  1 
ATOM   983  C  CG1 . ILE B 2 65 ? -10.766 -6.401  -7.581  1.00 63.57  ? 65  ILE B CG1 1 
ATOM   984  C  CG2 . ILE B 2 65 ? -9.502  -7.661  -9.349  1.00 69.46  ? 65  ILE B CG2 1 
ATOM   985  C  CD1 . ILE B 2 65 ? -9.548  -6.409  -6.743  1.00 59.28  ? 65  ILE B CD1 1 
ATOM   986  N  N   . HIS B 2 66 ? -8.292  -5.290  -11.455 1.00 71.77  ? 66  HIS B N   1 
ATOM   987  C  CA  . HIS B 2 66 ? -7.810  -5.543  -12.826 1.00 68.58  ? 66  HIS B CA  1 
ATOM   988  C  C   . HIS B 2 66 ? -7.270  -6.975  -12.979 1.00 69.73  ? 66  HIS B C   1 
ATOM   989  O  O   . HIS B 2 66 ? -7.399  -7.554  -14.049 1.00 81.85  ? 66  HIS B O   1 
ATOM   990  C  CB  . HIS B 2 66 ? -6.718  -4.539  -13.237 1.00 61.12  ? 66  HIS B CB  1 
ATOM   991  C  CG  . HIS B 2 66 ? -7.203  -3.142  -13.462 1.00 67.70  ? 66  HIS B CG  1 
ATOM   992  N  ND1 . HIS B 2 66 ? -8.546  -2.790  -13.468 1.00 73.17  ? 66  HIS B ND1 1 
ATOM   993  C  CD2 . HIS B 2 66 ? -6.529  -1.981  -13.664 1.00 77.17  ? 66  HIS B CD2 1 
ATOM   994  C  CE1 . HIS B 2 66 ? -8.669  -1.497  -13.670 1.00 72.73  ? 66  HIS B CE1 1 
ATOM   995  N  NE2 . HIS B 2 66 ? -7.453  -0.976  -13.794 1.00 89.56  ? 66  HIS B NE2 1 
ATOM   996  N  N   . GLU B 2 67 ? -6.655  -7.531  -11.928 1.00 74.15  ? 67  GLU B N   1 
ATOM   997  C  CA  . GLU B 2 67 ? -6.195  -8.934  -11.919 1.00 72.47  ? 67  GLU B CA  1 
ATOM   998  C  C   . GLU B 2 67 ? -6.237  -9.546  -10.508 1.00 64.52  ? 67  GLU B C   1 
ATOM   999  O  O   . GLU B 2 67 ? -6.249  -8.822  -9.518  1.00 61.68  ? 67  GLU B O   1 
ATOM   1000 C  CB  . GLU B 2 67 ? -4.784  -9.064  -12.512 1.00 62.96  ? 67  GLU B CB  1 
ATOM   1001 C  CG  . GLU B 2 67 ? -3.730  -8.137  -11.955 1.00 74.93  ? 67  GLU B CG  1 
ATOM   1002 C  CD  . GLU B 2 67 ? -2.308  -8.556  -12.357 1.00 104.68 ? 67  GLU B CD  1 
ATOM   1003 O  OE1 . GLU B 2 67 ? -2.161  -9.638  -12.975 1.00 102.99 ? 67  GLU B OE1 1 
ATOM   1004 O  OE2 . GLU B 2 67 ? -1.338  -7.814  -12.050 1.00 113.09 ? 67  GLU B OE2 1 
ATOM   1005 N  N   . TRP B 2 68 ? -6.268  -10.877 -10.426 1.00 64.15  ? 68  TRP B N   1 
ATOM   1006 C  CA  . TRP B 2 68 ? -6.618  -11.556 -9.172  1.00 70.96  ? 68  TRP B CA  1 
ATOM   1007 C  C   . TRP B 2 68 ? -6.189  -13.034 -9.077  1.00 74.94  ? 68  TRP B C   1 
ATOM   1008 O  O   . TRP B 2 68 ? -6.275  -13.774 -10.055 1.00 69.59  ? 68  TRP B O   1 
ATOM   1009 C  CB  . TRP B 2 68 ? -8.133  -11.462 -8.954  1.00 61.53  ? 68  TRP B CB  1 
ATOM   1010 C  CG  . TRP B 2 68 ? -8.594  -11.944 -7.619  1.00 66.06  ? 68  TRP B CG  1 
ATOM   1011 C  CD1 . TRP B 2 68 ? -9.176  -13.143 -7.333  1.00 73.27  ? 68  TRP B CD1 1 
ATOM   1012 C  CD2 . TRP B 2 68 ? -8.505  -11.239 -6.374  1.00 72.61  ? 68  TRP B CD2 1 
ATOM   1013 N  NE1 . TRP B 2 68 ? -9.463  -13.229 -5.988  1.00 76.72  ? 68  TRP B NE1 1 
ATOM   1014 C  CE2 . TRP B 2 68 ? -9.056  -12.070 -5.378  1.00 72.49  ? 68  TRP B CE2 1 
ATOM   1015 C  CE3 . TRP B 2 68 ? -8.006  -9.980  -6.009  1.00 66.14  ? 68  TRP B CE3 1 
ATOM   1016 C  CZ2 . TRP B 2 68 ? -9.125  -11.690 -4.036  1.00 72.68  ? 68  TRP B CZ2 1 
ATOM   1017 C  CZ3 . TRP B 2 68 ? -8.077  -9.600  -4.670  1.00 71.99  ? 68  TRP B CZ3 1 
ATOM   1018 C  CH2 . TRP B 2 68 ? -8.632  -10.456 -3.702  1.00 68.12  ? 68  TRP B CH2 1 
ATOM   1019 N  N   . LEU B 2 69 ? -5.759  -13.435 -7.872  1.00 80.06  ? 69  LEU B N   1 
ATOM   1020 C  CA  . LEU B 2 69 ? -5.320  -14.799 -7.515  1.00 77.42  ? 69  LEU B CA  1 
ATOM   1021 C  C   . LEU B 2 69 ? -4.570  -15.496 -8.636  1.00 72.75  ? 69  LEU B C   1 
ATOM   1022 O  O   . LEU B 2 69 ? -3.816  -14.853 -9.362  1.00 83.56  ? 69  LEU B O   1 
ATOM   1023 C  CB  . LEU B 2 69 ? -6.513  -15.657 -7.080  1.00 71.33  ? 69  LEU B CB  1 
HETATM 1024 CL CL  . CL  C 3 .  ? -4.502  -0.187  13.264  0.50 105.02 ? 101 CL  A CL  1 
# 
